data_3KBO
#
_entry.id   3KBO
#
_cell.length_a   279.621
_cell.length_b   45.585
_cell.length_c   112.335
_cell.angle_alpha   90.00
_cell.angle_beta   101.58
_cell.angle_gamma   90.00
#
_symmetry.space_group_name_H-M   'C 1 2 1'
#
loop_
_entity.id
_entity.type
_entity.pdbx_description
1 polymer 'Glyoxylate/hydroxypyruvate reductase A'
2 non-polymer 'NADPH DIHYDRO-NICOTINAMIDE-ADENINE-DINUCLEOTIDE PHOSPHATE'
3 non-polymer N-(2-hydroxyethyl)-N,N-dimethyl-3-sulfopropan-1-aminium
4 non-polymer 'CHLORIDE ION'
5 non-polymer '4-(2-HYDROXYETHYL)-1-PIPERAZINE ETHANESULFONIC ACID'
6 water water
#
_entity_poly.entity_id   1
_entity_poly.type   'polypeptide(L)'
_entity_poly.pdbx_seq_one_letter_code
;SNA(MSE)EIIFYHPTFNAAWWVNALEKALPHARVREWKVGDNNPADYALVWQPPVE(MSE)LAGRRLKAVFVLGAGVDA
ILSKLNAHPE(MSE)LDASIPLFRLEDTG(MSE)GLQ(MSE)QEYAVSQVLHWFRRFDDYQALKNQALWKPLPEYTREEF
SVGI(MSE)GAGVLGAKVAESLQAWGFPLRCWSRSRKSWPGVESYVGREELRAFLNQTRVLINLLPNTAQTVGIINSELL
DQLPDGAYVLNLARGVHVQEADLLAALDSGKLKGA(MSE)LDVFSQEPLPQESPLWRHPRVA(MSE)TPHIAAVTRPAEA
IDYISRTITQLEKGEPVTGQVDRARGY
;
_entity_poly.pdbx_strand_id   A,B,C,D
#
loop_
_chem_comp.id
_chem_comp.type
_chem_comp.name
_chem_comp.formula
CL non-polymer 'CHLORIDE ION' 'Cl -1'
EPE non-polymer '4-(2-HYDROXYETHYL)-1-PIPERAZINE ETHANESULFONIC ACID' 'C8 H18 N2 O4 S'
NDB non-polymer N-(2-hydroxyethyl)-N,N-dimethyl-3-sulfopropan-1-aminium 'C7 H18 N O4 S 1'
NDP non-polymer 'NADPH DIHYDRO-NICOTINAMIDE-ADENINE-DINUCLEOTIDE PHOSPHATE' 'C21 H30 N7 O17 P3'
#
# COMPACT_ATOMS: atom_id res chain seq x y z
N MSE A 4 39.95 -26.89 -51.51
CA MSE A 4 38.72 -27.18 -50.73
C MSE A 4 37.45 -26.90 -51.51
O MSE A 4 37.30 -25.86 -52.15
CB MSE A 4 38.68 -26.42 -49.39
CG MSE A 4 38.83 -24.90 -49.46
SE MSE A 4 38.58 -24.04 -47.66
CE MSE A 4 39.76 -22.50 -47.87
N GLU A 5 36.55 -27.88 -51.48
N GLU A 5 36.54 -27.88 -51.47
CA GLU A 5 35.26 -27.84 -52.13
CA GLU A 5 35.26 -27.81 -52.15
C GLU A 5 34.26 -27.57 -51.02
C GLU A 5 34.22 -27.63 -51.07
N ILE A 6 33.34 -26.64 -51.25
CA ILE A 6 32.32 -26.30 -50.27
C ILE A 6 30.96 -26.37 -50.93
N ILE A 7 29.99 -27.03 -50.27
CA ILE A 7 28.61 -27.13 -50.75
C ILE A 7 27.72 -26.29 -49.84
N PHE A 8 26.75 -25.62 -50.48
CA PHE A 8 25.85 -24.75 -49.82
C PHE A 8 24.39 -25.06 -50.16
N TYR A 9 23.52 -24.90 -49.18
CA TYR A 9 22.10 -25.09 -49.36
C TYR A 9 21.32 -24.29 -48.34
N HIS A 10 20.33 -23.57 -48.82
CA HIS A 10 19.43 -22.81 -47.97
C HIS A 10 18.09 -22.76 -48.72
N PRO A 11 16.98 -22.98 -48.02
CA PRO A 11 15.71 -23.00 -48.75
C PRO A 11 15.27 -21.68 -49.35
N THR A 12 15.52 -20.57 -48.65
CA THR A 12 15.06 -19.26 -49.10
C THR A 12 16.12 -18.21 -49.49
N PHE A 13 17.32 -18.25 -48.87
CA PHE A 13 18.36 -17.27 -49.19
C PHE A 13 18.77 -17.39 -50.63
N ASN A 14 19.41 -16.34 -51.13
CA ASN A 14 19.87 -16.32 -52.50
C ASN A 14 21.21 -17.04 -52.63
N ALA A 15 21.17 -18.23 -53.20
CA ALA A 15 22.38 -19.06 -53.35
C ALA A 15 23.51 -18.36 -54.05
N ALA A 16 23.18 -17.63 -55.11
CA ALA A 16 24.17 -16.93 -55.91
C ALA A 16 24.95 -15.93 -55.07
N TRP A 17 24.24 -15.21 -54.20
CA TRP A 17 24.87 -14.25 -53.34
C TRP A 17 25.86 -14.92 -52.38
N TRP A 18 25.41 -15.97 -51.72
CA TRP A 18 26.26 -16.67 -50.75
C TRP A 18 27.45 -17.33 -51.38
N VAL A 19 27.27 -17.93 -52.56
CA VAL A 19 28.37 -18.58 -53.22
C VAL A 19 29.45 -17.58 -53.51
N ASN A 20 29.05 -16.45 -54.07
N ASN A 20 29.07 -16.44 -54.09
CA ASN A 20 29.94 -15.36 -54.40
CA ASN A 20 29.99 -15.37 -54.38
C ASN A 20 30.67 -14.82 -53.17
C ASN A 20 30.70 -14.85 -53.14
N ALA A 21 29.92 -14.48 -52.13
CA ALA A 21 30.50 -13.93 -50.88
C ALA A 21 31.51 -14.88 -50.26
N LEU A 22 31.16 -16.16 -50.28
CA LEU A 22 32.00 -17.15 -49.66
C LEU A 22 33.27 -17.38 -50.47
N GLU A 23 33.17 -17.40 -51.80
N GLU A 23 33.16 -17.38 -51.79
CA GLU A 23 34.36 -17.56 -52.62
CA GLU A 23 34.34 -17.57 -52.62
C GLU A 23 35.27 -16.36 -52.43
C GLU A 23 35.26 -16.35 -52.51
N LYS A 24 34.68 -15.18 -52.33
CA LYS A 24 35.53 -14.06 -52.04
C LYS A 24 36.05 -13.92 -50.63
N ALA A 25 35.39 -14.51 -49.66
CA ALA A 25 35.93 -14.54 -48.29
C ALA A 25 37.00 -15.63 -48.25
N LEU A 26 36.82 -16.67 -49.08
CA LEU A 26 37.78 -17.79 -49.19
C LEU A 26 38.24 -18.00 -50.63
N PRO A 27 39.23 -17.19 -51.08
CA PRO A 27 39.76 -17.23 -52.45
C PRO A 27 40.16 -18.62 -52.95
N HIS A 28 40.70 -19.47 -52.08
CA HIS A 28 41.09 -20.83 -52.47
C HIS A 28 39.95 -21.86 -52.48
N ALA A 29 38.71 -21.42 -52.32
CA ALA A 29 37.58 -22.35 -52.28
C ALA A 29 36.78 -22.35 -53.56
N ARG A 30 36.28 -23.54 -53.88
CA ARG A 30 35.38 -23.78 -54.99
C ARG A 30 34.06 -24.05 -54.28
N VAL A 31 33.18 -23.08 -54.30
CA VAL A 31 31.91 -23.17 -53.61
C VAL A 31 30.78 -23.44 -54.60
N ARG A 32 29.80 -24.26 -54.24
CA ARG A 32 28.69 -24.52 -55.16
C ARG A 32 27.39 -24.75 -54.44
N GLU A 33 26.28 -24.37 -55.08
CA GLU A 33 25.00 -24.63 -54.49
C GLU A 33 24.75 -26.13 -54.65
N TRP A 34 24.30 -26.80 -53.61
CA TRP A 34 24.01 -28.21 -53.73
C TRP A 34 22.60 -28.37 -54.30
N LYS A 35 22.38 -29.39 -55.12
CA LYS A 35 21.04 -29.70 -55.59
C LYS A 35 20.99 -31.20 -55.78
N VAL A 36 19.76 -31.69 -55.83
CA VAL A 36 19.48 -33.11 -55.97
C VAL A 36 20.32 -33.59 -57.11
N GLY A 37 20.94 -34.75 -56.95
CA GLY A 37 21.80 -35.31 -57.98
C GLY A 37 23.27 -35.04 -57.70
N ASP A 38 23.56 -34.10 -56.79
CA ASP A 38 24.97 -33.78 -56.53
C ASP A 38 25.56 -34.82 -55.56
N ASN A 39 26.31 -35.74 -56.12
CA ASN A 39 27.00 -36.79 -55.35
C ASN A 39 28.53 -36.59 -55.41
N ASN A 40 28.97 -35.38 -55.75
CA ASN A 40 30.42 -35.13 -55.83
C ASN A 40 30.98 -34.87 -54.44
N PRO A 41 32.30 -35.02 -54.28
CA PRO A 41 32.86 -34.82 -52.96
C PRO A 41 32.81 -33.37 -52.52
N ALA A 42 32.90 -33.18 -51.21
CA ALA A 42 32.95 -31.86 -50.61
C ALA A 42 33.76 -31.98 -49.37
N ASP A 43 34.40 -30.88 -48.97
CA ASP A 43 35.14 -30.79 -47.72
C ASP A 43 34.25 -30.09 -46.66
N TYR A 44 33.50 -29.08 -47.05
CA TYR A 44 32.63 -28.38 -46.09
C TYR A 44 31.23 -28.26 -46.65
N ALA A 45 30.25 -28.11 -45.76
CA ALA A 45 28.87 -27.91 -46.15
C ALA A 45 28.25 -26.79 -45.30
N LEU A 46 27.58 -25.84 -45.95
CA LEU A 46 26.87 -24.76 -45.28
C LEU A 46 25.43 -25.10 -45.50
N VAL A 47 24.67 -25.29 -44.44
CA VAL A 47 23.30 -25.73 -44.60
C VAL A 47 22.26 -25.13 -43.64
N TRP A 48 21.00 -25.24 -44.06
CA TRP A 48 19.88 -24.82 -43.26
C TRP A 48 18.72 -25.67 -43.72
N GLN A 49 18.09 -26.39 -42.80
N GLN A 49 18.12 -26.40 -42.78
CA GLN A 49 16.98 -27.26 -43.13
CA GLN A 49 17.01 -27.31 -43.05
C GLN A 49 17.30 -28.10 -44.36
C GLN A 49 17.28 -28.15 -44.29
N PRO A 50 18.48 -28.74 -44.39
CA PRO A 50 18.84 -29.53 -45.56
C PRO A 50 18.11 -30.85 -45.66
N PRO A 51 17.89 -31.33 -46.89
CA PRO A 51 17.32 -32.67 -47.06
C PRO A 51 18.39 -33.69 -46.60
N VAL A 52 17.92 -34.83 -46.07
CA VAL A 52 18.79 -35.89 -45.53
C VAL A 52 19.71 -36.40 -46.61
N GLU A 53 19.19 -36.54 -47.82
CA GLU A 53 19.99 -37.03 -48.96
C GLU A 53 21.25 -36.18 -49.21
N MSE A 54 21.22 -34.89 -48.85
CA MSE A 54 22.39 -34.02 -49.08
C MSE A 54 23.59 -34.42 -48.22
O MSE A 54 24.71 -34.51 -48.72
CB MSE A 54 22.07 -32.54 -48.83
CG MSE A 54 23.29 -31.57 -48.95
SE MSE A 54 22.83 -29.71 -48.52
CE MSE A 54 24.63 -29.05 -48.77
N LEU A 55 23.35 -34.66 -46.94
CA LEU A 55 24.47 -34.98 -46.03
C LEU A 55 24.66 -36.46 -45.78
N ALA A 56 23.59 -37.24 -45.91
CA ALA A 56 23.62 -38.71 -45.71
C ALA A 56 24.72 -39.34 -46.49
N GLY A 57 25.63 -40.02 -45.78
CA GLY A 57 26.73 -40.72 -46.42
C GLY A 57 28.01 -39.94 -46.60
N ARG A 58 27.91 -38.62 -46.54
CA ARG A 58 29.07 -37.75 -46.79
C ARG A 58 30.25 -37.75 -45.80
N ARG A 59 31.46 -37.67 -46.40
CA ARG A 59 32.69 -37.50 -45.65
C ARG A 59 33.02 -36.03 -45.78
N LEU A 60 32.96 -35.33 -44.64
CA LEU A 60 33.17 -33.88 -44.57
C LEU A 60 34.14 -33.53 -43.44
N LYS A 61 34.78 -32.37 -43.55
CA LYS A 61 35.63 -31.86 -42.49
C LYS A 61 34.76 -31.11 -41.47
N ALA A 62 33.60 -30.56 -41.91
CA ALA A 62 32.68 -29.85 -41.01
C ALA A 62 31.35 -29.47 -41.69
N VAL A 63 30.33 -29.32 -40.86
CA VAL A 63 29.02 -28.88 -41.32
C VAL A 63 28.70 -27.59 -40.57
N PHE A 64 28.41 -26.52 -41.30
CA PHE A 64 28.03 -25.25 -40.68
C PHE A 64 26.55 -25.04 -40.86
N VAL A 65 25.80 -25.07 -39.78
CA VAL A 65 24.36 -24.84 -39.81
C VAL A 65 24.19 -23.33 -39.86
N LEU A 66 23.30 -22.88 -40.75
CA LEU A 66 23.11 -21.45 -41.00
C LEU A 66 22.06 -20.79 -40.08
N GLY A 67 22.27 -20.96 -38.79
CA GLY A 67 21.38 -20.38 -37.76
C GLY A 67 21.87 -20.77 -36.38
N ALA A 68 21.16 -20.30 -35.36
CA ALA A 68 21.48 -20.57 -33.99
C ALA A 68 21.02 -21.96 -33.56
N GLY A 69 19.87 -22.40 -34.03
CA GLY A 69 19.31 -23.70 -33.68
C GLY A 69 19.80 -24.81 -34.59
N VAL A 70 20.13 -25.97 -33.99
CA VAL A 70 20.64 -27.11 -34.75
C VAL A 70 19.71 -28.33 -34.70
N ASP A 71 18.50 -28.16 -34.19
CA ASP A 71 17.58 -29.30 -34.07
C ASP A 71 17.17 -29.90 -35.42
N ALA A 72 17.11 -29.07 -36.48
CA ALA A 72 16.78 -29.55 -37.83
C ALA A 72 17.64 -30.76 -38.14
N ILE A 73 18.95 -30.58 -38.03
CA ILE A 73 19.88 -31.66 -38.26
C ILE A 73 19.74 -32.75 -37.20
N LEU A 74 20.18 -32.43 -35.97
CA LEU A 74 20.19 -33.36 -34.85
C LEU A 74 18.93 -34.22 -34.72
N SER A 75 17.74 -33.59 -34.70
CA SER A 75 16.49 -34.36 -34.54
C SER A 75 16.41 -35.57 -35.47
N LYS A 76 17.14 -35.49 -36.58
CA LYS A 76 17.15 -36.55 -37.57
C LYS A 76 18.23 -37.60 -37.38
N LEU A 77 19.16 -37.38 -36.45
CA LEU A 77 20.29 -38.29 -36.30
C LEU A 77 19.94 -39.66 -35.68
N ASN A 78 18.99 -39.70 -34.76
CA ASN A 78 18.63 -40.99 -34.19
C ASN A 78 18.30 -41.97 -35.32
N ALA A 79 17.33 -41.59 -36.14
CA ALA A 79 16.89 -42.42 -37.26
C ALA A 79 17.93 -42.45 -38.39
N HIS A 80 18.71 -41.38 -38.51
CA HIS A 80 19.70 -41.29 -39.57
C HIS A 80 21.05 -40.86 -39.03
N PRO A 81 21.79 -41.78 -38.38
CA PRO A 81 23.13 -41.47 -37.87
C PRO A 81 24.06 -41.27 -39.07
N GLU A 82 23.70 -41.94 -40.16
CA GLU A 82 24.36 -41.85 -41.46
C GLU A 82 24.55 -40.40 -41.95
N MSE A 83 23.63 -39.52 -41.56
CA MSE A 83 23.65 -38.12 -42.01
C MSE A 83 24.92 -37.39 -41.56
O MSE A 83 25.61 -36.76 -42.37
CB MSE A 83 22.39 -37.39 -41.51
CG MSE A 83 21.95 -36.19 -42.35
SE MSE A 83 20.19 -35.51 -41.76
CE MSE A 83 20.77 -34.44 -40.25
N LEU A 84 25.25 -37.49 -40.28
CA LEU A 84 26.40 -36.81 -39.76
C LEU A 84 27.30 -37.74 -38.95
N ASP A 85 28.16 -38.48 -39.64
CA ASP A 85 29.11 -39.35 -38.97
C ASP A 85 29.60 -38.66 -37.69
N ALA A 86 29.60 -39.41 -36.59
CA ALA A 86 30.07 -38.90 -35.29
C ALA A 86 31.42 -38.18 -35.34
N SER A 87 32.22 -38.46 -36.35
CA SER A 87 33.53 -37.80 -36.49
C SER A 87 33.46 -36.39 -37.12
N ILE A 88 32.30 -35.99 -37.64
CA ILE A 88 32.19 -34.69 -38.32
C ILE A 88 31.74 -33.58 -37.37
N PRO A 89 32.63 -32.61 -37.07
CA PRO A 89 32.27 -31.50 -36.21
C PRO A 89 31.17 -30.64 -36.84
N LEU A 90 30.19 -30.26 -36.01
CA LEU A 90 29.05 -29.47 -36.42
C LEU A 90 29.10 -28.09 -35.82
N PHE A 91 28.77 -27.05 -36.60
CA PHE A 91 28.81 -25.67 -36.10
C PHE A 91 27.50 -24.95 -36.31
N ARG A 92 27.31 -23.88 -35.55
CA ARG A 92 26.09 -23.10 -35.65
C ARG A 92 26.45 -21.63 -35.66
N LEU A 93 25.46 -20.78 -35.78
CA LEU A 93 25.70 -19.34 -35.78
C LEU A 93 25.45 -18.72 -34.40
N GLU A 94 26.53 -18.25 -33.76
CA GLU A 94 26.41 -17.62 -32.45
C GLU A 94 26.23 -16.10 -32.61
N ASP A 95 25.00 -15.62 -32.35
CA ASP A 95 24.63 -14.21 -32.46
C ASP A 95 24.61 -13.82 -33.94
N THR A 96 25.72 -13.32 -34.48
CA THR A 96 25.77 -12.84 -35.85
C THR A 96 24.58 -11.88 -36.15
N GLY A 97 24.23 -11.05 -35.16
CA GLY A 97 23.22 -9.99 -35.30
C GLY A 97 21.84 -10.37 -34.80
N MSE A 98 21.70 -11.62 -34.37
CA MSE A 98 20.44 -12.10 -33.83
C MSE A 98 20.28 -11.61 -32.40
O MSE A 98 19.17 -11.47 -31.92
CB MSE A 98 20.39 -13.63 -33.90
CG MSE A 98 20.35 -14.16 -35.34
SE MSE A 98 20.09 -16.10 -35.51
CE MSE A 98 21.99 -16.57 -35.18
N GLY A 99 21.39 -11.40 -31.68
CA GLY A 99 21.32 -10.89 -30.31
C GLY A 99 20.51 -9.60 -30.27
N LEU A 100 20.88 -8.64 -31.10
CA LEU A 100 20.18 -7.36 -31.18
C LEU A 100 18.71 -7.55 -31.52
N GLN A 101 18.39 -8.45 -32.42
CA GLN A 101 16.94 -8.68 -32.78
C GLN A 101 16.10 -9.26 -31.67
N MSE A 102 16.72 -10.09 -30.85
CA MSE A 102 16.03 -10.66 -29.71
C MSE A 102 15.82 -9.55 -28.70
O MSE A 102 14.75 -9.40 -28.11
CB MSE A 102 16.85 -11.80 -29.10
CG MSE A 102 16.79 -13.09 -29.89
SE MSE A 102 14.94 -13.65 -30.30
CE MSE A 102 15.38 -15.46 -30.92
N GLN A 103 16.86 -8.75 -28.48
CA GLN A 103 16.73 -7.65 -27.53
C GLN A 103 15.56 -6.70 -27.94
N GLU A 104 15.46 -6.42 -29.23
CA GLU A 104 14.40 -5.56 -29.73
C GLU A 104 13.06 -6.10 -29.37
N TYR A 105 12.87 -7.37 -29.71
CA TYR A 105 11.64 -8.08 -29.47
C TYR A 105 11.27 -8.07 -27.98
N ALA A 106 12.20 -8.54 -27.15
CA ALA A 106 11.97 -8.68 -25.71
C ALA A 106 11.73 -7.35 -24.99
N VAL A 107 12.56 -6.34 -25.26
CA VAL A 107 12.37 -5.04 -24.60
C VAL A 107 11.02 -4.45 -24.96
N SER A 108 10.64 -4.51 -26.24
CA SER A 108 9.33 -3.92 -26.67
C SER A 108 8.15 -4.56 -25.98
N GLN A 109 8.10 -5.88 -25.98
CA GLN A 109 6.99 -6.59 -25.39
C GLN A 109 6.99 -6.67 -23.86
N VAL A 110 8.16 -6.79 -23.22
CA VAL A 110 8.15 -6.80 -21.78
C VAL A 110 7.69 -5.46 -21.31
N LEU A 111 8.14 -4.41 -21.98
CA LEU A 111 7.71 -3.11 -21.59
C LEU A 111 6.18 -2.93 -21.88
N HIS A 112 5.72 -3.48 -23.01
CA HIS A 112 4.30 -3.53 -23.46
C HIS A 112 3.39 -4.05 -22.38
N TRP A 113 3.66 -5.22 -21.90
CA TRP A 113 2.89 -5.83 -20.81
C TRP A 113 3.01 -5.05 -19.47
N PHE A 114 4.22 -4.61 -19.11
CA PHE A 114 4.45 -3.83 -17.89
C PHE A 114 3.58 -2.54 -17.86
N ARG A 115 3.58 -1.81 -18.95
CA ARG A 115 2.74 -0.63 -19.04
C ARG A 115 1.26 -1.00 -19.30
N ARG A 116 0.95 -2.30 -19.21
CA ARG A 116 -0.43 -2.80 -19.39
C ARG A 116 -1.06 -2.44 -20.72
N PHE A 117 -0.25 -2.34 -21.76
CA PHE A 117 -0.74 -1.98 -23.07
C PHE A 117 -1.71 -3.03 -23.65
N ASP A 118 -1.69 -4.23 -23.08
CA ASP A 118 -2.58 -5.30 -23.53
C ASP A 118 -3.97 -5.05 -22.96
N ASP A 119 -4.08 -4.74 -21.68
CA ASP A 119 -5.38 -4.44 -21.11
C ASP A 119 -5.95 -3.22 -21.86
N TYR A 120 -5.13 -2.19 -22.03
CA TYR A 120 -5.58 -0.98 -22.69
C TYR A 120 -6.12 -1.19 -24.10
N GLN A 121 -5.64 -2.19 -24.84
CA GLN A 121 -6.24 -2.37 -26.16
C GLN A 121 -7.57 -3.12 -25.95
N ALA A 122 -7.62 -4.01 -24.97
CA ALA A 122 -8.87 -4.73 -24.66
C ALA A 122 -9.92 -3.69 -24.28
N LEU A 123 -9.50 -2.71 -23.48
CA LEU A 123 -10.35 -1.61 -23.03
C LEU A 123 -10.77 -0.75 -24.20
N LYS A 124 -9.86 -0.47 -25.13
CA LYS A 124 -10.23 0.28 -26.31
C LYS A 124 -11.33 -0.49 -27.08
N ASN A 125 -11.21 -1.81 -27.11
CA ASN A 125 -12.18 -2.66 -27.83
C ASN A 125 -13.57 -2.74 -27.18
N GLN A 126 -13.68 -2.26 -25.93
CA GLN A 126 -14.94 -2.20 -25.19
C GLN A 126 -15.36 -0.72 -25.06
N ALA A 127 -14.90 0.12 -25.98
CA ALA A 127 -15.20 1.55 -25.91
C ALA A 127 -15.19 2.02 -24.45
N LEU A 128 -14.25 1.51 -23.64
CA LEU A 128 -14.21 1.83 -22.21
C LEU A 128 -12.95 2.57 -21.76
N TRP A 129 -13.15 3.68 -21.05
CA TRP A 129 -12.09 4.53 -20.53
C TRP A 129 -11.87 4.11 -19.09
N LYS A 130 -10.76 3.43 -18.81
CA LYS A 130 -10.50 2.97 -17.47
C LYS A 130 -9.01 2.96 -17.10
N PRO A 131 -8.51 4.05 -16.48
CA PRO A 131 -7.13 3.96 -16.06
C PRO A 131 -7.00 2.72 -15.21
N LEU A 132 -5.83 2.07 -15.26
CA LEU A 132 -5.58 0.87 -14.49
C LEU A 132 -4.38 1.09 -13.55
N PRO A 133 -4.34 0.35 -12.44
CA PRO A 133 -3.22 0.42 -11.51
C PRO A 133 -1.84 0.12 -12.16
N GLU A 134 -0.80 0.80 -11.70
CA GLU A 134 0.54 0.58 -12.24
C GLU A 134 1.18 -0.63 -11.61
N TYR A 135 1.90 -1.41 -12.41
CA TYR A 135 2.61 -2.50 -11.80
C TYR A 135 3.93 -1.92 -11.29
N THR A 136 4.47 -2.51 -10.23
CA THR A 136 5.75 -2.08 -9.72
C THR A 136 6.81 -2.93 -10.39
N ARG A 137 8.04 -2.44 -10.45
CA ARG A 137 9.12 -3.24 -11.03
C ARG A 137 9.42 -4.51 -10.25
N GLU A 138 9.29 -4.43 -8.93
CA GLU A 138 9.59 -5.54 -8.02
C GLU A 138 8.64 -6.74 -8.16
N GLU A 139 7.44 -6.53 -8.68
CA GLU A 139 6.51 -7.65 -8.92
C GLU A 139 6.57 -8.10 -10.39
N PHE A 140 7.44 -7.47 -11.18
CA PHE A 140 7.44 -7.76 -12.59
C PHE A 140 8.78 -8.33 -13.00
N SER A 141 9.16 -9.42 -12.32
CA SER A 141 10.40 -10.12 -12.58
C SER A 141 10.37 -10.74 -13.96
N VAL A 142 11.54 -10.83 -14.58
CA VAL A 142 11.64 -11.47 -15.89
C VAL A 142 12.52 -12.68 -15.68
N GLY A 143 12.03 -13.82 -16.16
CA GLY A 143 12.75 -15.08 -16.08
C GLY A 143 13.15 -15.56 -17.47
N ILE A 144 14.44 -15.73 -17.70
CA ILE A 144 14.88 -16.21 -18.99
C ILE A 144 15.37 -17.66 -18.93
N MSE A 145 14.56 -18.56 -19.47
CA MSE A 145 14.89 -19.98 -19.59
C MSE A 145 15.77 -20.13 -20.79
O MSE A 145 15.32 -19.88 -21.90
CB MSE A 145 13.67 -20.86 -19.84
CG MSE A 145 12.79 -21.08 -18.68
SE MSE A 145 11.49 -22.53 -19.01
CE MSE A 145 10.84 -22.11 -20.72
N GLY A 146 17.01 -20.55 -20.57
CA GLY A 146 18.02 -20.68 -21.60
C GLY A 146 18.88 -19.46 -21.48
N ALA A 147 19.94 -19.55 -20.68
CA ALA A 147 20.80 -18.39 -20.42
C ALA A 147 22.03 -18.43 -21.31
N GLY A 148 21.79 -18.40 -22.62
CA GLY A 148 22.84 -18.55 -23.59
C GLY A 148 23.30 -17.32 -24.35
N VAL A 149 23.70 -17.54 -25.60
CA VAL A 149 24.18 -16.43 -26.40
C VAL A 149 23.10 -15.38 -26.50
N LEU A 150 21.91 -15.81 -26.86
CA LEU A 150 20.78 -14.93 -27.03
C LEU A 150 20.10 -14.52 -25.71
N GLY A 151 19.90 -15.47 -24.81
CA GLY A 151 19.33 -15.21 -23.48
C GLY A 151 20.14 -14.18 -22.71
N ALA A 152 21.47 -14.21 -22.85
CA ALA A 152 22.34 -13.24 -22.18
C ALA A 152 22.12 -11.85 -22.74
N LYS A 153 21.97 -11.78 -24.06
CA LYS A 153 21.74 -10.51 -24.73
C LYS A 153 20.46 -9.90 -24.22
N VAL A 154 19.41 -10.70 -24.13
CA VAL A 154 18.14 -10.21 -23.66
C VAL A 154 18.21 -9.78 -22.18
N ALA A 155 18.93 -10.54 -21.36
CA ALA A 155 19.07 -10.19 -19.95
C ALA A 155 19.76 -8.84 -19.83
N GLU A 156 20.72 -8.61 -20.69
CA GLU A 156 21.46 -7.37 -20.67
C GLU A 156 20.50 -6.21 -20.93
N SER A 157 19.78 -6.28 -22.03
CA SER A 157 18.87 -5.22 -22.41
C SER A 157 17.76 -4.98 -21.38
N LEU A 158 17.30 -6.00 -20.68
CA LEU A 158 16.21 -5.83 -19.70
C LEU A 158 16.65 -5.40 -18.30
N GLN A 159 17.81 -5.86 -17.84
CA GLN A 159 18.25 -5.52 -16.49
C GLN A 159 18.54 -4.00 -16.49
N ALA A 160 18.86 -3.48 -17.67
CA ALA A 160 19.09 -2.03 -17.84
C ALA A 160 17.84 -1.18 -17.53
N TRP A 161 16.64 -1.77 -17.65
CA TRP A 161 15.37 -1.09 -17.29
C TRP A 161 15.04 -1.29 -15.82
N GLY A 162 15.91 -1.93 -15.06
CA GLY A 162 15.63 -2.15 -13.63
C GLY A 162 14.62 -3.26 -13.29
N PHE A 163 14.30 -4.12 -14.27
CA PHE A 163 13.42 -5.25 -13.94
C PHE A 163 14.23 -6.26 -13.17
N PRO A 164 13.62 -6.89 -12.15
CA PRO A 164 14.35 -7.95 -11.49
C PRO A 164 14.50 -9.06 -12.50
N LEU A 165 15.71 -9.60 -12.64
CA LEU A 165 15.92 -10.66 -13.61
C LEU A 165 16.42 -11.96 -13.05
N ARG A 166 16.04 -13.04 -13.72
CA ARG A 166 16.50 -14.39 -13.37
C ARG A 166 16.68 -15.21 -14.59
N CYS A 167 17.62 -16.14 -14.52
CA CYS A 167 17.88 -17.03 -15.63
C CYS A 167 17.92 -18.47 -15.20
N TRP A 168 17.69 -19.35 -16.15
CA TRP A 168 17.69 -20.77 -15.92
C TRP A 168 18.55 -21.44 -17.00
N SER A 169 19.49 -22.28 -16.57
CA SER A 169 20.39 -23.00 -17.47
C SER A 169 20.92 -24.31 -16.81
N ARG A 170 21.93 -24.93 -17.41
CA ARG A 170 22.51 -26.19 -16.87
C ARG A 170 23.77 -25.93 -16.08
N SER A 171 24.31 -24.72 -16.20
CA SER A 171 25.49 -24.30 -15.46
C SER A 171 25.24 -22.93 -14.84
N ARG A 172 25.97 -22.64 -13.77
CA ARG A 172 25.77 -21.40 -13.03
C ARG A 172 26.30 -20.25 -13.85
N LYS A 173 25.53 -19.16 -13.90
CA LYS A 173 25.91 -17.97 -14.61
C LYS A 173 26.15 -16.90 -13.59
N SER A 174 27.09 -16.01 -13.90
CA SER A 174 27.36 -14.89 -13.03
C SER A 174 27.21 -13.55 -13.80
N TRP A 175 25.97 -13.07 -13.92
CA TRP A 175 25.67 -11.82 -14.65
C TRP A 175 25.17 -10.67 -13.75
N PRO A 176 25.40 -9.41 -14.15
CA PRO A 176 24.91 -8.33 -13.30
C PRO A 176 23.40 -8.18 -13.26
N GLY A 177 22.87 -8.04 -12.04
CA GLY A 177 21.45 -7.89 -11.81
C GLY A 177 20.60 -9.11 -12.15
N VAL A 178 21.26 -10.26 -12.37
CA VAL A 178 20.55 -11.48 -12.71
C VAL A 178 20.74 -12.60 -11.68
N GLU A 179 19.65 -13.26 -11.30
CA GLU A 179 19.76 -14.38 -10.37
C GLU A 179 19.85 -15.63 -11.19
N SER A 180 20.88 -16.45 -10.99
CA SER A 180 21.08 -17.66 -11.80
C SER A 180 20.53 -18.90 -11.15
N TYR A 181 19.68 -19.62 -11.88
CA TYR A 181 19.04 -20.84 -11.42
C TYR A 181 19.54 -21.93 -12.32
N VAL A 182 19.71 -23.12 -11.76
CA VAL A 182 20.34 -24.22 -12.47
C VAL A 182 19.74 -25.60 -12.30
N GLY A 183 19.45 -26.25 -13.42
CA GLY A 183 18.93 -27.61 -13.44
C GLY A 183 17.51 -27.70 -12.96
N ARG A 184 16.90 -28.85 -13.19
CA ARG A 184 15.53 -29.08 -12.73
C ARG A 184 15.38 -29.02 -11.22
N GLU A 185 16.48 -29.15 -10.49
CA GLU A 185 16.36 -29.05 -9.04
C GLU A 185 16.04 -27.60 -8.59
N GLU A 186 16.36 -26.61 -9.44
CA GLU A 186 16.12 -25.21 -9.11
C GLU A 186 15.08 -24.58 -10.01
N LEU A 187 14.43 -25.39 -10.82
CA LEU A 187 13.43 -24.88 -11.77
C LEU A 187 12.18 -24.31 -11.12
N ARG A 188 11.67 -25.03 -10.16
CA ARG A 188 10.49 -24.60 -9.47
C ARG A 188 10.77 -23.22 -8.78
N ALA A 189 11.98 -23.09 -8.22
CA ALA A 189 12.40 -21.86 -7.57
C ALA A 189 12.50 -20.73 -8.59
N PHE A 190 13.03 -21.05 -9.75
CA PHE A 190 13.11 -20.09 -10.86
C PHE A 190 11.72 -19.59 -11.27
N LEU A 191 10.79 -20.50 -11.41
CA LEU A 191 9.44 -20.15 -11.89
C LEU A 191 8.60 -19.39 -10.87
N ASN A 192 8.83 -19.70 -9.59
CA ASN A 192 8.03 -19.21 -8.46
C ASN A 192 7.66 -17.73 -8.52
N GLN A 193 8.62 -16.85 -8.68
CA GLN A 193 8.25 -15.45 -8.79
C GLN A 193 8.62 -14.86 -10.14
N THR A 194 8.51 -15.63 -11.21
CA THR A 194 8.77 -15.11 -12.55
C THR A 194 7.43 -14.59 -13.12
N ARG A 195 7.35 -13.28 -13.35
CA ARG A 195 6.14 -12.67 -13.93
C ARG A 195 6.16 -12.84 -15.46
N VAL A 196 7.28 -12.53 -16.10
CA VAL A 196 7.38 -12.72 -17.53
C VAL A 196 8.41 -13.79 -17.80
N LEU A 197 7.96 -14.90 -18.37
CA LEU A 197 8.82 -16.03 -18.72
C LEU A 197 9.16 -15.95 -20.20
N ILE A 198 10.45 -15.80 -20.47
CA ILE A 198 10.98 -15.73 -21.80
C ILE A 198 11.76 -16.99 -22.11
N ASN A 199 11.31 -17.72 -23.14
CA ASN A 199 11.94 -18.95 -23.57
C ASN A 199 12.90 -18.78 -24.74
N LEU A 200 14.17 -19.13 -24.48
CA LEU A 200 15.25 -19.09 -25.47
C LEU A 200 16.09 -20.39 -25.39
N LEU A 201 15.44 -21.47 -24.98
CA LEU A 201 16.07 -22.79 -24.91
C LEU A 201 16.27 -23.41 -26.30
N PRO A 202 17.25 -24.30 -26.40
CA PRO A 202 17.42 -25.03 -27.64
C PRO A 202 16.50 -26.23 -27.55
N ASN A 203 16.09 -26.74 -28.69
CA ASN A 203 15.23 -27.94 -28.74
C ASN A 203 16.06 -29.18 -28.54
N THR A 204 15.89 -29.81 -27.40
CA THR A 204 16.57 -31.08 -27.10
C THR A 204 15.52 -32.01 -26.51
N ALA A 205 15.89 -33.28 -26.36
CA ALA A 205 14.99 -34.28 -25.75
C ALA A 205 14.64 -33.87 -24.33
N GLN A 206 15.57 -33.22 -23.63
CA GLN A 206 15.31 -32.77 -22.26
C GLN A 206 14.34 -31.58 -22.17
N THR A 207 14.23 -30.78 -23.22
CA THR A 207 13.34 -29.61 -23.18
C THR A 207 12.02 -29.72 -23.93
N VAL A 208 11.91 -30.68 -24.86
CA VAL A 208 10.64 -30.83 -25.61
C VAL A 208 9.56 -30.95 -24.57
N GLY A 209 8.48 -30.19 -24.73
CA GLY A 209 7.35 -30.21 -23.81
C GLY A 209 7.55 -29.54 -22.45
N ILE A 210 8.60 -28.73 -22.29
CA ILE A 210 8.87 -28.16 -20.99
C ILE A 210 7.78 -27.23 -20.49
N ILE A 211 7.21 -26.40 -21.37
CA ILE A 211 6.17 -25.49 -20.94
C ILE A 211 4.82 -26.18 -21.06
N ASN A 212 4.49 -26.92 -19.99
CA ASN A 212 3.24 -27.66 -19.91
C ASN A 212 2.39 -27.17 -18.74
N SER A 213 1.26 -27.82 -18.53
CA SER A 213 0.35 -27.44 -17.47
C SER A 213 1.04 -27.40 -16.13
N GLU A 214 1.98 -28.30 -15.92
CA GLU A 214 2.64 -28.39 -14.64
C GLU A 214 3.67 -27.29 -14.40
N LEU A 215 4.40 -26.90 -15.44
CA LEU A 215 5.35 -25.78 -15.31
C LEU A 215 4.57 -24.47 -15.10
N LEU A 216 3.46 -24.34 -15.82
CA LEU A 216 2.63 -23.13 -15.71
C LEU A 216 2.06 -22.93 -14.30
N ASP A 217 1.75 -24.03 -13.63
CA ASP A 217 1.26 -23.99 -12.26
C ASP A 217 2.30 -23.50 -11.27
N GLN A 218 3.57 -23.62 -11.65
CA GLN A 218 4.65 -23.21 -10.78
C GLN A 218 4.90 -21.70 -10.89
N LEU A 219 4.30 -21.06 -11.90
CA LEU A 219 4.44 -19.64 -12.08
C LEU A 219 3.53 -18.96 -11.07
N PRO A 220 3.73 -17.65 -10.84
CA PRO A 220 2.79 -16.91 -10.02
C PRO A 220 1.58 -16.60 -10.91
N ASP A 221 0.48 -16.16 -10.31
CA ASP A 221 -0.74 -15.85 -11.06
C ASP A 221 -0.55 -14.57 -11.83
N GLY A 222 -1.19 -14.45 -12.99
CA GLY A 222 -1.06 -13.25 -13.82
C GLY A 222 0.29 -13.16 -14.55
N ALA A 223 0.92 -14.31 -14.78
CA ALA A 223 2.20 -14.36 -15.48
C ALA A 223 2.04 -14.26 -16.99
N TYR A 224 3.16 -14.15 -17.70
CA TYR A 224 3.19 -14.03 -19.15
C TYR A 224 4.24 -14.92 -19.79
N VAL A 225 3.90 -15.45 -20.95
CA VAL A 225 4.80 -16.35 -21.67
C VAL A 225 5.22 -15.79 -23.01
N LEU A 226 6.53 -15.59 -23.19
CA LEU A 226 7.11 -15.10 -24.44
C LEU A 226 7.94 -16.23 -25.00
N ASN A 227 7.44 -16.89 -26.04
CA ASN A 227 8.15 -18.02 -26.62
C ASN A 227 8.86 -17.61 -27.89
N LEU A 228 10.19 -17.57 -27.79
CA LEU A 228 11.05 -17.18 -28.88
C LEU A 228 11.97 -18.28 -29.36
N ALA A 229 11.77 -19.49 -28.87
CA ALA A 229 12.69 -20.58 -29.21
C ALA A 229 12.15 -21.53 -30.29
N ARG A 230 11.54 -22.63 -29.87
CA ARG A 230 11.00 -23.61 -30.79
C ARG A 230 9.58 -23.92 -30.40
N GLY A 231 8.77 -24.20 -31.41
CA GLY A 231 7.38 -24.54 -31.21
C GLY A 231 7.11 -25.74 -30.35
N VAL A 232 8.01 -26.71 -30.35
CA VAL A 232 7.80 -27.91 -29.53
C VAL A 232 7.97 -27.64 -28.01
N HIS A 233 8.47 -26.47 -27.65
CA HIS A 233 8.72 -26.22 -26.24
C HIS A 233 7.44 -25.99 -25.46
N VAL A 234 6.38 -25.59 -26.16
CA VAL A 234 5.10 -25.32 -25.53
C VAL A 234 3.97 -26.31 -25.85
N GLN A 235 3.30 -26.78 -24.81
CA GLN A 235 2.14 -27.66 -24.95
C GLN A 235 1.01 -26.65 -25.17
N GLU A 236 0.64 -26.46 -26.43
CA GLU A 236 -0.35 -25.44 -26.79
C GLU A 236 -1.68 -25.48 -26.05
N ALA A 237 -2.24 -26.66 -25.84
CA ALA A 237 -3.51 -26.80 -25.14
C ALA A 237 -3.43 -26.33 -23.69
N ASP A 238 -2.31 -26.66 -23.03
CA ASP A 238 -2.07 -26.24 -21.65
C ASP A 238 -1.89 -24.72 -21.56
N LEU A 239 -1.32 -24.13 -22.60
CA LEU A 239 -1.15 -22.69 -22.64
C LEU A 239 -2.55 -22.05 -22.57
N LEU A 240 -3.41 -22.45 -23.50
CA LEU A 240 -4.80 -21.93 -23.56
C LEU A 240 -5.59 -22.14 -22.28
N ALA A 241 -5.41 -23.29 -21.61
CA ALA A 241 -6.11 -23.54 -20.35
C ALA A 241 -5.66 -22.54 -19.29
N ALA A 242 -4.35 -22.31 -19.22
CA ALA A 242 -3.77 -21.34 -18.25
C ALA A 242 -4.23 -19.91 -18.52
N LEU A 243 -4.35 -19.56 -19.79
CA LEU A 243 -4.84 -18.23 -20.16
C LEU A 243 -6.31 -18.07 -19.77
N ASP A 244 -7.11 -19.12 -19.91
CA ASP A 244 -8.54 -19.01 -19.59
C ASP A 244 -8.82 -19.11 -18.10
N SER A 245 -7.97 -19.80 -17.35
CA SER A 245 -8.17 -19.95 -15.91
C SER A 245 -7.63 -18.78 -15.11
N GLY A 246 -6.89 -17.89 -15.78
CA GLY A 246 -6.32 -16.71 -15.13
C GLY A 246 -4.84 -16.83 -14.77
N LYS A 247 -4.34 -18.06 -14.65
CA LYS A 247 -2.93 -18.27 -14.27
C LYS A 247 -2.00 -17.40 -15.13
N LEU A 248 -2.26 -17.40 -16.44
CA LEU A 248 -1.52 -16.56 -17.36
C LEU A 248 -2.40 -15.38 -17.73
N LYS A 249 -1.79 -14.21 -17.80
CA LYS A 249 -2.50 -13.01 -18.23
C LYS A 249 -2.34 -12.87 -19.74
N GLY A 250 -1.19 -13.27 -20.26
CA GLY A 250 -0.95 -13.14 -21.69
C GLY A 250 0.20 -13.95 -22.23
N ALA A 251 0.32 -13.96 -23.54
CA ALA A 251 1.36 -14.68 -24.20
C ALA A 251 1.64 -14.08 -25.54
N MSE A 252 2.88 -14.21 -25.97
CA MSE A 252 3.30 -13.80 -27.29
C MSE A 252 4.14 -14.94 -27.79
O MSE A 252 5.02 -15.41 -27.09
CB MSE A 252 4.09 -12.51 -27.30
CG MSE A 252 4.34 -12.03 -28.68
SE MSE A 252 4.58 -10.11 -28.86
CE MSE A 252 4.88 -10.02 -30.75
N LEU A 253 3.89 -15.35 -29.03
CA LEU A 253 4.58 -16.50 -29.61
C LEU A 253 5.04 -16.21 -31.03
N ASP A 254 6.27 -16.63 -31.33
CA ASP A 254 6.92 -16.48 -32.64
C ASP A 254 7.11 -17.84 -33.29
N VAL A 255 6.85 -18.90 -32.55
CA VAL A 255 7.12 -20.25 -33.00
C VAL A 255 5.99 -21.14 -32.53
N PHE A 256 5.75 -22.23 -33.27
CA PHE A 256 4.60 -23.07 -33.00
C PHE A 256 4.76 -24.55 -33.35
N SER A 257 3.79 -25.33 -32.89
CA SER A 257 3.73 -26.77 -33.15
C SER A 257 3.97 -27.07 -34.64
N GLN A 258 3.19 -26.42 -35.49
CA GLN A 258 3.31 -26.55 -36.94
C GLN A 258 3.46 -25.17 -37.55
N GLU A 259 4.40 -25.01 -38.47
CA GLU A 259 4.64 -23.73 -39.13
C GLU A 259 4.68 -23.92 -40.65
N PRO A 260 3.77 -23.25 -41.40
CA PRO A 260 2.72 -22.32 -40.94
C PRO A 260 1.68 -22.98 -40.04
N LEU A 261 1.18 -22.25 -39.05
CA LEU A 261 0.17 -22.74 -38.12
C LEU A 261 -1.20 -22.89 -38.78
N PRO A 262 -1.82 -24.08 -38.68
CA PRO A 262 -3.13 -24.28 -39.32
C PRO A 262 -4.18 -23.25 -38.89
N GLN A 263 -4.99 -22.79 -39.83
CA GLN A 263 -6.02 -21.79 -39.54
C GLN A 263 -7.09 -22.27 -38.54
N GLU A 264 -7.13 -23.57 -38.25
CA GLU A 264 -8.10 -24.11 -37.30
C GLU A 264 -7.57 -24.14 -35.85
N SER A 265 -6.33 -23.70 -35.64
CA SER A 265 -5.75 -23.62 -34.28
C SER A 265 -6.41 -22.46 -33.53
N PRO A 266 -6.84 -22.72 -32.28
CA PRO A 266 -7.48 -21.65 -31.47
C PRO A 266 -6.54 -20.53 -30.99
N LEU A 267 -5.24 -20.67 -31.20
CA LEU A 267 -4.30 -19.62 -30.81
C LEU A 267 -4.64 -18.35 -31.56
N TRP A 268 -4.99 -18.53 -32.83
CA TRP A 268 -5.35 -17.43 -33.74
C TRP A 268 -6.38 -16.46 -33.20
N ARG A 269 -7.37 -16.98 -32.48
CA ARG A 269 -8.49 -16.17 -32.03
C ARG A 269 -8.42 -15.77 -30.58
N HIS A 270 -7.53 -16.38 -29.81
CA HIS A 270 -7.45 -16.00 -28.42
C HIS A 270 -6.93 -14.57 -28.41
N PRO A 271 -7.75 -13.65 -27.90
CA PRO A 271 -7.37 -12.23 -27.95
C PRO A 271 -6.13 -11.85 -27.12
N ARG A 272 -5.72 -12.72 -26.21
CA ARG A 272 -4.55 -12.46 -25.36
C ARG A 272 -3.32 -13.26 -25.80
N VAL A 273 -3.28 -13.61 -27.09
CA VAL A 273 -2.16 -14.35 -27.66
C VAL A 273 -1.65 -13.66 -28.93
N ALA A 274 -0.66 -12.79 -28.79
CA ALA A 274 -0.06 -12.14 -29.94
C ALA A 274 0.79 -13.20 -30.61
N MSE A 275 1.09 -13.02 -31.88
CA MSE A 275 1.79 -14.03 -32.66
C MSE A 275 2.51 -13.40 -33.82
O MSE A 275 2.03 -12.42 -34.41
CB MSE A 275 0.80 -15.03 -33.26
CG MSE A 275 -0.13 -15.81 -32.31
SE MSE A 275 -1.44 -16.98 -33.32
CE MSE A 275 -0.24 -17.50 -34.71
N THR A 276 3.67 -13.96 -34.15
CA THR A 276 4.44 -13.54 -35.29
C THR A 276 4.91 -14.81 -35.98
N PRO A 277 5.01 -14.79 -37.32
CA PRO A 277 5.41 -15.98 -38.13
C PRO A 277 6.89 -16.33 -38.14
N HIS A 278 7.40 -16.80 -37.01
CA HIS A 278 8.82 -17.18 -36.90
C HIS A 278 9.69 -16.15 -37.60
N ILE A 279 9.69 -14.94 -37.06
CA ILE A 279 10.49 -13.85 -37.62
C ILE A 279 11.29 -13.08 -36.57
N ALA A 280 11.44 -13.65 -35.37
CA ALA A 280 12.12 -12.97 -34.24
C ALA A 280 13.58 -12.55 -34.49
N ALA A 281 14.40 -13.45 -35.01
CA ALA A 281 15.75 -13.08 -35.32
C ALA A 281 16.25 -13.90 -36.50
N VAL A 282 17.02 -13.26 -37.41
CA VAL A 282 17.66 -13.95 -38.57
C VAL A 282 19.12 -13.51 -38.64
N THR A 283 20.01 -14.38 -39.10
CA THR A 283 21.43 -14.03 -39.17
C THR A 283 21.67 -12.94 -40.18
N ARG A 284 22.75 -12.19 -39.99
CA ARG A 284 23.15 -11.19 -40.93
C ARG A 284 24.25 -11.86 -41.77
N PRO A 285 23.98 -12.04 -43.08
CA PRO A 285 24.83 -12.77 -44.01
C PRO A 285 26.30 -12.45 -43.92
N ALA A 286 26.63 -11.17 -43.89
CA ALA A 286 28.03 -10.77 -43.86
C ALA A 286 28.68 -11.22 -42.57
N GLU A 287 27.92 -11.18 -41.49
CA GLU A 287 28.43 -11.64 -40.18
C GLU A 287 28.56 -13.16 -40.15
N ALA A 288 27.61 -13.85 -40.78
CA ALA A 288 27.65 -15.31 -40.89
C ALA A 288 28.86 -15.72 -41.70
N ILE A 289 29.05 -15.05 -42.84
CA ILE A 289 30.16 -15.33 -43.73
C ILE A 289 31.47 -15.09 -43.01
N ASP A 290 31.50 -14.03 -42.22
CA ASP A 290 32.72 -13.69 -41.50
C ASP A 290 33.13 -14.83 -40.59
N TYR A 291 32.16 -15.31 -39.81
CA TYR A 291 32.36 -16.40 -38.86
C TYR A 291 32.76 -17.70 -39.54
N ILE A 292 31.93 -18.11 -40.50
CA ILE A 292 32.17 -19.36 -41.21
C ILE A 292 33.56 -19.37 -41.87
N SER A 293 33.85 -18.32 -42.63
CA SER A 293 35.15 -18.23 -43.28
C SER A 293 36.31 -18.30 -42.28
N ARG A 294 36.28 -17.49 -41.21
CA ARG A 294 37.41 -17.53 -40.25
C ARG A 294 37.55 -18.92 -39.60
N THR A 295 36.42 -19.54 -39.22
CA THR A 295 36.43 -20.86 -38.61
C THR A 295 37.04 -21.90 -39.56
N ILE A 296 36.67 -21.81 -40.83
CA ILE A 296 37.20 -22.72 -41.82
C ILE A 296 38.71 -22.55 -41.91
N THR A 297 39.16 -21.30 -41.94
CA THR A 297 40.60 -21.03 -42.00
C THR A 297 41.35 -21.61 -40.79
N GLN A 298 40.78 -21.45 -39.61
CA GLN A 298 41.39 -21.96 -38.38
C GLN A 298 41.41 -23.49 -38.39
N LEU A 299 40.31 -24.11 -38.80
CA LEU A 299 40.23 -25.56 -38.89
C LEU A 299 41.31 -26.15 -39.80
N GLU A 300 41.57 -25.46 -40.92
CA GLU A 300 42.59 -25.88 -41.91
C GLU A 300 44.01 -25.79 -41.32
N LYS A 301 44.21 -24.89 -40.36
CA LYS A 301 45.53 -24.70 -39.72
C LYS A 301 45.67 -25.55 -38.47
N GLY A 302 44.65 -26.34 -38.16
CA GLY A 302 44.69 -27.19 -36.97
C GLY A 302 44.54 -26.36 -35.70
N GLU A 303 43.96 -25.16 -35.84
CA GLU A 303 43.76 -24.25 -34.71
C GLU A 303 42.38 -24.37 -34.07
N PRO A 304 42.29 -23.98 -32.79
CA PRO A 304 41.05 -24.11 -32.05
C PRO A 304 40.02 -23.14 -32.53
N VAL A 305 38.76 -23.49 -32.35
CA VAL A 305 37.68 -22.65 -32.85
C VAL A 305 36.48 -22.64 -31.90
N THR A 306 35.56 -21.72 -32.16
CA THR A 306 34.33 -21.61 -31.38
C THR A 306 33.12 -21.91 -32.25
N GLY A 307 31.97 -21.98 -31.58
CA GLY A 307 30.69 -22.19 -32.24
C GLY A 307 30.32 -23.64 -32.47
N GLN A 308 31.07 -24.54 -31.86
CA GLN A 308 30.84 -25.97 -32.07
C GLN A 308 29.68 -26.53 -31.25
N VAL A 309 28.91 -27.41 -31.85
CA VAL A 309 27.82 -28.07 -31.17
C VAL A 309 28.42 -29.26 -30.39
N ASP A 310 28.07 -29.37 -29.10
CA ASP A 310 28.50 -30.49 -28.29
C ASP A 310 27.45 -31.53 -28.58
N ARG A 311 27.82 -32.52 -29.37
CA ARG A 311 26.88 -33.55 -29.79
C ARG A 311 26.44 -34.43 -28.64
N ALA A 312 27.27 -34.47 -27.60
CA ALA A 312 26.97 -35.21 -26.37
C ALA A 312 25.81 -34.52 -25.64
N ARG A 313 25.86 -33.19 -25.53
CA ARG A 313 24.78 -32.49 -24.84
C ARG A 313 23.58 -32.26 -25.77
N GLY A 314 23.82 -32.16 -27.08
CA GLY A 314 22.71 -31.99 -28.04
C GLY A 314 22.39 -30.55 -28.42
N TYR A 315 23.34 -29.66 -28.20
CA TYR A 315 23.17 -28.26 -28.54
C TYR A 315 24.49 -27.60 -28.42
N MSE B 4 -13.57 33.89 60.52
CA MSE B 4 -13.98 33.32 59.19
C MSE B 4 -15.35 32.69 59.13
O MSE B 4 -15.64 31.73 59.86
CB MSE B 4 -13.00 32.25 58.73
CG MSE B 4 -11.97 32.69 57.75
SE MSE B 4 -11.40 31.06 56.84
CE MSE B 4 -10.35 30.25 58.27
N GLU B 5 -16.16 33.15 58.18
CA GLU B 5 -17.51 32.63 58.00
C GLU B 5 -17.58 32.00 56.61
N ILE B 6 -18.19 30.81 56.48
CA ILE B 6 -18.28 30.15 55.18
C ILE B 6 -19.65 29.51 54.94
N ILE B 7 -20.20 29.73 53.75
CA ILE B 7 -21.48 29.16 53.33
C ILE B 7 -21.25 28.16 52.20
N PHE B 8 -22.06 27.11 52.16
CA PHE B 8 -21.89 26.01 51.21
C PHE B 8 -23.23 25.58 50.61
N TYR B 9 -23.26 25.40 49.29
CA TYR B 9 -24.48 24.95 48.61
C TYR B 9 -24.16 24.01 47.45
N HIS B 10 -24.86 22.90 47.41
CA HIS B 10 -24.71 21.93 46.35
C HIS B 10 -25.99 21.09 46.36
N PRO B 11 -26.66 20.98 45.22
CA PRO B 11 -27.95 20.27 45.09
C PRO B 11 -27.96 18.76 45.29
N THR B 12 -26.79 18.10 45.28
CA THR B 12 -26.74 16.65 45.47
C THR B 12 -25.66 16.14 46.43
N PHE B 13 -24.59 16.89 46.66
CA PHE B 13 -23.57 16.43 47.60
C PHE B 13 -24.07 16.40 49.05
N ASN B 14 -23.37 15.66 49.91
CA ASN B 14 -23.74 15.58 51.31
C ASN B 14 -23.20 16.81 52.04
N ALA B 15 -24.08 17.78 52.29
CA ALA B 15 -23.68 19.01 52.96
C ALA B 15 -22.97 18.74 54.28
N ALA B 16 -23.54 17.88 55.12
CA ALA B 16 -22.91 17.60 56.43
C ALA B 16 -21.46 17.15 56.28
N TRP B 17 -21.20 16.29 55.29
CA TRP B 17 -19.85 15.81 55.05
C TRP B 17 -18.91 16.95 54.67
N TRP B 18 -19.39 17.82 53.80
CA TRP B 18 -18.59 18.95 53.35
C TRP B 18 -18.39 19.98 54.46
N VAL B 19 -19.42 20.23 55.26
CA VAL B 19 -19.27 21.18 56.36
C VAL B 19 -18.20 20.69 57.33
N ASN B 20 -18.25 19.41 57.72
CA ASN B 20 -17.26 18.85 58.62
C ASN B 20 -15.86 18.77 58.03
N ALA B 21 -15.77 18.39 56.75
CA ALA B 21 -14.48 18.26 56.07
C ALA B 21 -13.74 19.59 56.06
N LEU B 22 -14.50 20.65 55.80
CA LEU B 22 -13.93 21.99 55.69
C LEU B 22 -13.58 22.57 57.06
N GLU B 23 -14.42 22.34 58.05
CA GLU B 23 -14.11 22.81 59.41
C GLU B 23 -12.85 22.11 59.89
N LYS B 24 -12.67 20.85 59.50
CA LYS B 24 -11.46 20.10 59.88
C LYS B 24 -10.21 20.67 59.19
N ALA B 25 -10.36 21.13 57.94
CA ALA B 25 -9.21 21.66 57.19
C ALA B 25 -8.90 23.10 57.59
N LEU B 26 -9.92 23.81 58.06
CA LEU B 26 -9.78 25.19 58.49
C LEU B 26 -10.34 25.35 59.91
N PRO B 27 -9.52 25.01 60.94
CA PRO B 27 -9.94 25.03 62.36
C PRO B 27 -10.49 26.36 62.85
N HIS B 28 -9.99 27.44 62.29
CA HIS B 28 -10.44 28.76 62.68
C HIS B 28 -11.80 29.08 62.02
N ALA B 29 -12.36 28.14 61.26
CA ALA B 29 -13.57 28.42 60.47
C ALA B 29 -14.92 27.94 61.00
N ARG B 30 -15.91 28.75 60.67
CA ARG B 30 -17.29 28.53 61.02
C ARG B 30 -18.00 28.28 59.71
N VAL B 31 -18.18 27.02 59.35
CA VAL B 31 -18.79 26.66 58.08
C VAL B 31 -20.24 26.27 58.24
N ARG B 32 -21.10 26.70 57.32
CA ARG B 32 -22.54 26.35 57.41
C ARG B 32 -23.14 26.10 56.05
N GLU B 33 -24.22 25.33 56.02
CA GLU B 33 -24.90 25.05 54.79
C GLU B 33 -25.92 26.13 54.57
N TRP B 34 -25.90 26.68 53.37
CA TRP B 34 -26.83 27.74 52.99
C TRP B 34 -28.20 27.18 52.57
N LYS B 35 -29.25 27.88 52.99
CA LYS B 35 -30.63 27.55 52.62
C LYS B 35 -31.42 28.85 52.53
N VAL B 36 -32.48 28.85 51.71
CA VAL B 36 -33.31 30.04 51.49
C VAL B 36 -33.67 30.74 52.80
N GLY B 37 -33.28 32.01 52.93
CA GLY B 37 -33.55 32.80 54.12
C GLY B 37 -32.27 33.27 54.79
N ASP B 38 -31.16 32.57 54.50
CA ASP B 38 -29.88 32.86 55.10
C ASP B 38 -29.23 34.12 54.51
N ASN B 39 -29.45 35.25 55.19
CA ASN B 39 -28.92 36.54 54.77
C ASN B 39 -27.87 37.05 55.75
N ASN B 40 -27.44 36.18 56.66
CA ASN B 40 -26.39 36.52 57.63
C ASN B 40 -25.05 36.66 56.91
N PRO B 41 -24.11 37.42 57.51
CA PRO B 41 -22.77 37.64 56.93
C PRO B 41 -22.05 36.36 56.50
N ALA B 42 -21.04 36.53 55.64
CA ALA B 42 -20.25 35.40 55.14
C ALA B 42 -19.02 35.94 54.43
N ASP B 43 -17.87 35.30 54.68
CA ASP B 43 -16.58 35.69 54.08
C ASP B 43 -16.30 34.95 52.77
N TYR B 44 -16.67 33.67 52.72
CA TYR B 44 -16.44 32.83 51.54
C TYR B 44 -17.63 31.97 51.25
N ALA B 45 -17.78 31.62 49.98
CA ALA B 45 -18.87 30.78 49.54
C ALA B 45 -18.33 29.69 48.60
N LEU B 46 -18.77 28.45 48.84
CA LEU B 46 -18.42 27.28 48.01
C LEU B 46 -19.73 26.92 47.33
N VAL B 47 -19.75 26.83 46.01
CA VAL B 47 -21.03 26.68 45.32
C VAL B 47 -21.03 25.85 44.04
N TRP B 48 -22.24 25.44 43.67
CA TRP B 48 -22.48 24.73 42.45
C TRP B 48 -23.96 24.94 42.18
N GLN B 49 -24.30 25.43 40.98
CA GLN B 49 -25.70 25.72 40.60
C GLN B 49 -26.45 26.48 41.68
N PRO B 50 -25.82 27.52 42.23
CA PRO B 50 -26.44 28.28 43.32
C PRO B 50 -27.62 29.12 42.87
N PRO B 51 -28.62 29.29 43.75
CA PRO B 51 -29.71 30.18 43.39
C PRO B 51 -29.27 31.64 43.58
N VAL B 52 -29.70 32.52 42.68
CA VAL B 52 -29.34 33.94 42.73
C VAL B 52 -29.46 34.57 44.13
N GLU B 53 -30.57 34.28 44.79
CA GLU B 53 -30.84 34.78 46.14
C GLU B 53 -29.71 34.49 47.13
N MSE B 54 -28.88 33.49 46.85
CA MSE B 54 -27.78 33.15 47.74
C MSE B 54 -26.70 34.22 47.70
O MSE B 54 -26.45 34.90 48.69
CB MSE B 54 -27.20 31.78 47.40
CG MSE B 54 -25.97 31.38 48.23
SE MSE B 54 -25.35 29.57 47.86
CE MSE B 54 -23.72 29.52 48.92
N LEU B 55 -26.08 34.39 46.55
CA LEU B 55 -24.97 35.34 46.41
C LEU B 55 -25.36 36.80 46.22
N ALA B 56 -26.61 37.04 45.78
CA ALA B 56 -27.08 38.40 45.47
C ALA B 56 -26.88 39.43 46.59
N GLY B 57 -26.12 40.47 46.28
CA GLY B 57 -25.88 41.56 47.24
C GLY B 57 -24.87 41.29 48.33
N ARG B 58 -24.28 40.10 48.36
CA ARG B 58 -23.30 39.76 49.39
C ARG B 58 -21.89 40.30 49.13
N ARG B 59 -21.19 40.63 50.21
CA ARG B 59 -19.79 41.04 50.15
C ARG B 59 -19.02 39.79 50.54
N LEU B 60 -18.27 39.21 49.60
CA LEU B 60 -17.50 38.00 49.86
C LEU B 60 -16.04 38.20 49.48
N LYS B 61 -15.14 37.56 50.21
CA LYS B 61 -13.72 37.61 49.90
C LYS B 61 -13.41 36.75 48.67
N ALA B 62 -14.27 35.76 48.41
CA ALA B 62 -14.10 34.86 47.28
C ALA B 62 -15.21 33.84 47.18
N VAL B 63 -15.47 33.43 45.94
CA VAL B 63 -16.42 32.38 45.66
C VAL B 63 -15.67 31.25 44.98
N PHE B 64 -15.89 30.04 45.49
CA PHE B 64 -15.31 28.82 44.97
C PHE B 64 -16.38 27.96 44.29
N VAL B 65 -16.24 27.76 42.98
CA VAL B 65 -17.17 26.92 42.26
C VAL B 65 -16.67 25.51 42.45
N LEU B 66 -17.60 24.62 42.79
CA LEU B 66 -17.29 23.22 43.13
C LEU B 66 -17.10 22.31 41.92
N GLY B 67 -16.37 22.79 40.93
CA GLY B 67 -16.14 22.01 39.72
C GLY B 67 -15.24 22.77 38.77
N ALA B 68 -15.05 22.22 37.57
CA ALA B 68 -14.22 22.83 36.56
C ALA B 68 -15.01 23.81 35.73
N GLY B 69 -16.26 23.48 35.42
CA GLY B 69 -17.10 24.35 34.62
C GLY B 69 -17.71 25.45 35.46
N VAL B 70 -17.67 26.68 34.96
CA VAL B 70 -18.26 27.81 35.66
C VAL B 70 -19.38 28.46 34.83
N ASP B 71 -19.86 27.77 33.80
CA ASP B 71 -20.94 28.30 32.95
C ASP B 71 -22.27 28.52 33.67
N ALA B 72 -22.57 27.69 34.66
CA ALA B 72 -23.83 27.80 35.42
C ALA B 72 -23.88 29.12 36.19
N ILE B 73 -22.81 29.49 36.87
CA ILE B 73 -22.79 30.73 37.61
C ILE B 73 -22.66 31.95 36.66
N LEU B 74 -21.78 31.86 35.66
CA LEU B 74 -21.59 32.98 34.74
C LEU B 74 -22.82 33.25 33.85
N SER B 75 -23.64 32.23 33.57
CA SER B 75 -24.86 32.43 32.77
C SER B 75 -25.87 33.19 33.63
N LYS B 76 -26.05 32.74 34.87
CA LYS B 76 -26.96 33.40 35.83
C LYS B 76 -26.47 34.81 36.11
N LEU B 77 -25.16 34.94 36.35
CA LEU B 77 -24.55 36.25 36.62
C LEU B 77 -24.88 37.27 35.54
N ASN B 78 -24.94 36.86 34.29
CA ASN B 78 -25.26 37.81 33.22
C ASN B 78 -26.78 38.07 33.10
N ALA B 79 -27.61 37.07 33.41
CA ALA B 79 -29.08 37.24 33.38
C ALA B 79 -29.58 37.99 34.63
N HIS B 80 -28.76 38.00 35.68
CA HIS B 80 -29.05 38.69 36.93
C HIS B 80 -27.73 39.26 37.47
N PRO B 81 -27.25 40.38 36.89
CA PRO B 81 -25.99 41.00 37.32
C PRO B 81 -25.90 41.35 38.82
N GLU B 82 -27.05 41.36 39.48
CA GLU B 82 -27.18 41.63 40.93
C GLU B 82 -26.59 40.50 41.78
N MSE B 83 -26.48 39.31 41.20
CA MSE B 83 -26.00 38.12 41.91
C MSE B 83 -24.61 38.31 42.52
O MSE B 83 -24.47 38.35 43.74
CB MSE B 83 -26.00 36.90 40.97
CG MSE B 83 -25.79 35.57 41.67
SE MSE B 83 -25.91 34.03 40.46
CE MSE B 83 -25.83 32.60 41.77
N LEU B 84 -23.60 38.46 41.68
CA LEU B 84 -22.23 38.62 42.17
C LEU B 84 -21.70 39.98 41.78
N ASP B 85 -20.84 40.56 42.60
CA ASP B 85 -20.23 41.84 42.29
C ASP B 85 -18.87 41.60 41.64
N ALA B 86 -18.56 42.42 40.63
CA ALA B 86 -17.30 42.33 39.88
C ALA B 86 -16.03 42.32 40.74
N SER B 87 -16.08 42.85 41.95
CA SER B 87 -14.88 42.87 42.82
C SER B 87 -14.59 41.50 43.50
N ILE B 88 -15.59 40.63 43.45
CA ILE B 88 -15.50 39.30 44.07
C ILE B 88 -14.81 38.29 43.14
N PRO B 89 -13.58 37.87 43.49
CA PRO B 89 -12.92 36.89 42.64
C PRO B 89 -13.63 35.52 42.68
N LEU B 90 -13.57 34.81 41.56
CA LEU B 90 -14.20 33.52 41.42
C LEU B 90 -13.15 32.45 41.15
N PHE B 91 -13.20 31.33 41.87
CA PHE B 91 -12.25 30.25 41.66
C PHE B 91 -12.97 28.99 41.20
N ARG B 92 -12.19 28.03 40.72
CA ARG B 92 -12.77 26.79 40.25
C ARG B 92 -11.89 25.63 40.61
N LEU B 93 -12.38 24.43 40.30
CA LEU B 93 -11.61 23.23 40.56
C LEU B 93 -10.82 22.83 39.32
N GLU B 94 -9.50 22.76 39.47
CA GLU B 94 -8.60 22.40 38.41
C GLU B 94 -8.09 21.01 38.66
N ASP B 95 -8.58 20.06 37.86
CA ASP B 95 -8.23 18.65 38.01
C ASP B 95 -8.85 18.09 39.32
N THR B 96 -8.09 18.06 40.39
CA THR B 96 -8.56 17.47 41.65
C THR B 96 -9.10 16.06 41.39
N GLY B 97 -8.41 15.32 40.53
CA GLY B 97 -8.78 13.95 40.23
C GLY B 97 -9.63 13.77 38.99
N MSE B 98 -10.08 14.89 38.39
CA MSE B 98 -10.88 14.82 37.16
C MSE B 98 -10.02 14.56 35.92
O MSE B 98 -10.49 14.00 34.96
CB MSE B 98 -11.74 16.08 36.99
CG MSE B 98 -12.84 16.25 38.03
SE MSE B 98 -14.04 17.80 37.70
CE MSE B 98 -12.82 19.20 38.23
N GLY B 99 -8.75 14.93 35.95
CA GLY B 99 -7.85 14.62 34.85
C GLY B 99 -7.84 13.12 34.56
N LEU B 100 -7.64 12.31 35.60
CA LEU B 100 -7.63 10.87 35.46
C LEU B 100 -8.96 10.31 34.89
N GLN B 101 -10.07 10.82 35.36
CA GLN B 101 -11.37 10.32 34.91
C GLN B 101 -11.62 10.58 33.43
N MSE B 102 -11.20 11.74 32.94
CA MSE B 102 -11.38 12.08 31.52
C MSE B 102 -10.49 11.20 30.66
O MSE B 102 -10.88 10.77 29.57
CB MSE B 102 -11.06 13.54 31.27
CG MSE B 102 -12.08 14.50 31.75
SE MSE B 102 -13.73 14.14 30.95
CE MSE B 102 -14.69 15.74 31.52
N GLN B 103 -9.29 10.93 31.18
CA GLN B 103 -8.36 10.04 30.52
C GLN B 103 -8.92 8.63 30.39
N GLU B 104 -9.52 8.12 31.45
CA GLU B 104 -10.11 6.80 31.43
C GLU B 104 -11.14 6.72 30.31
N TYR B 105 -12.02 7.73 30.28
CA TYR B 105 -13.15 7.78 29.35
C TYR B 105 -12.62 7.84 27.92
N ALA B 106 -11.68 8.76 27.69
CA ALA B 106 -11.18 9.05 26.35
C ALA B 106 -10.33 7.95 25.75
N VAL B 107 -9.37 7.44 26.54
CA VAL B 107 -8.58 6.32 26.10
C VAL B 107 -9.44 5.08 25.77
N SER B 108 -10.37 4.77 26.65
CA SER B 108 -11.20 3.63 26.39
C SER B 108 -11.99 3.77 25.09
N GLN B 109 -12.61 4.93 24.91
CA GLN B 109 -13.49 5.10 23.75
C GLN B 109 -12.71 5.30 22.48
N VAL B 110 -11.57 5.98 22.55
CA VAL B 110 -10.83 6.15 21.33
C VAL B 110 -10.41 4.79 20.81
N LEU B 111 -9.89 3.93 21.71
CA LEU B 111 -9.47 2.60 21.32
C LEU B 111 -10.65 1.70 20.89
N HIS B 112 -11.79 1.94 21.49
CA HIS B 112 -12.98 1.17 21.15
C HIS B 112 -13.31 1.42 19.67
N TRP B 113 -13.31 2.68 19.27
CA TRP B 113 -13.59 3.03 17.89
C TRP B 113 -12.49 2.56 16.96
N PHE B 114 -11.27 2.79 17.39
CA PHE B 114 -10.12 2.42 16.61
C PHE B 114 -10.08 0.93 16.30
N ARG B 115 -10.49 0.12 17.26
CA ARG B 115 -10.50 -1.32 17.06
C ARG B 115 -11.86 -1.77 16.47
N ARG B 116 -12.72 -0.80 16.19
CA ARG B 116 -14.01 -1.05 15.53
C ARG B 116 -14.96 -1.93 16.30
N PHE B 117 -14.93 -1.81 17.64
CA PHE B 117 -15.82 -2.59 18.49
C PHE B 117 -17.27 -2.21 18.29
N ASP B 118 -17.46 -0.97 17.85
CA ASP B 118 -18.80 -0.48 17.51
C ASP B 118 -19.32 -1.24 16.30
N ASP B 119 -18.46 -1.41 15.29
CA ASP B 119 -18.84 -2.21 14.12
C ASP B 119 -19.03 -3.65 14.50
N TYR B 120 -18.17 -4.18 15.36
CA TYR B 120 -18.31 -5.58 15.71
C TYR B 120 -19.52 -5.89 16.56
N GLN B 121 -20.03 -4.90 17.30
CA GLN B 121 -21.19 -5.19 18.09
C GLN B 121 -22.41 -5.09 17.18
N ALA B 122 -22.39 -4.17 16.22
CA ALA B 122 -23.47 -4.04 15.25
C ALA B 122 -23.61 -5.39 14.54
N LEU B 123 -22.45 -5.95 14.16
CA LEU B 123 -22.37 -7.23 13.49
C LEU B 123 -22.83 -8.37 14.35
N LYS B 124 -22.56 -8.29 15.65
CA LYS B 124 -23.00 -9.33 16.58
C LYS B 124 -24.51 -9.35 16.64
N ASN B 125 -25.12 -8.16 16.63
CA ASN B 125 -26.58 -8.04 16.70
C ASN B 125 -27.31 -8.53 15.44
N GLN B 126 -26.56 -8.80 14.35
CA GLN B 126 -27.12 -9.37 13.11
C GLN B 126 -26.73 -10.84 12.99
N ALA B 127 -25.95 -11.33 13.94
CA ALA B 127 -25.46 -12.70 13.91
C ALA B 127 -24.62 -12.92 12.66
N LEU B 128 -23.75 -11.94 12.37
CA LEU B 128 -22.84 -12.00 11.23
C LEU B 128 -21.37 -12.04 11.66
N TRP B 129 -20.69 -13.11 11.29
CA TRP B 129 -19.27 -13.28 11.59
C TRP B 129 -18.48 -12.60 10.48
N LYS B 130 -17.89 -11.44 10.77
CA LYS B 130 -17.20 -10.74 9.69
C LYS B 130 -16.01 -9.91 10.10
N PRO B 131 -14.80 -10.42 9.86
CA PRO B 131 -13.60 -9.63 10.16
C PRO B 131 -13.53 -8.39 9.27
N LEU B 132 -13.28 -7.23 9.88
CA LEU B 132 -13.22 -5.95 9.17
C LEU B 132 -11.79 -5.44 9.00
N PRO B 133 -11.56 -4.62 7.96
CA PRO B 133 -10.21 -4.05 7.76
C PRO B 133 -9.80 -3.21 8.97
N GLU B 134 -8.50 -3.17 9.24
CA GLU B 134 -7.99 -2.36 10.32
C GLU B 134 -7.80 -0.96 9.84
N TYR B 135 -7.92 0.01 10.76
CA TYR B 135 -7.59 1.39 10.43
C TYR B 135 -6.12 1.52 10.76
N THR B 136 -5.45 2.48 10.13
CA THR B 136 -4.06 2.75 10.45
C THR B 136 -4.13 3.86 11.50
N ARG B 137 -3.07 4.00 12.26
CA ARG B 137 -2.96 5.06 13.23
C ARG B 137 -2.91 6.43 12.58
N GLU B 138 -2.29 6.51 11.40
CA GLU B 138 -2.13 7.80 10.72
C GLU B 138 -3.47 8.36 10.28
N GLU B 139 -4.41 7.49 9.94
CA GLU B 139 -5.71 7.96 9.51
C GLU B 139 -6.67 8.17 10.68
N PHE B 140 -6.20 7.94 11.89
CA PHE B 140 -7.05 7.98 13.07
C PHE B 140 -6.58 9.02 14.08
N SER B 141 -6.39 10.25 13.60
CA SER B 141 -5.97 11.38 14.39
C SER B 141 -7.01 11.74 15.42
N VAL B 142 -6.51 12.24 16.53
CA VAL B 142 -7.37 12.67 17.60
C VAL B 142 -7.27 14.21 17.70
N GLY B 143 -8.43 14.86 17.62
CA GLY B 143 -8.48 16.30 17.71
C GLY B 143 -9.21 16.76 18.96
N ILE B 144 -8.47 17.38 19.87
CA ILE B 144 -9.05 17.89 21.11
C ILE B 144 -9.30 19.41 21.14
N MSE B 145 -10.56 19.80 21.06
CA MSE B 145 -10.96 21.21 21.20
C MSE B 145 -11.07 21.50 22.71
O MSE B 145 -11.94 20.97 23.38
CB MSE B 145 -12.33 21.51 20.56
CG MSE B 145 -12.38 21.34 19.08
SE MSE B 145 -14.14 21.86 18.34
CE MSE B 145 -15.25 21.02 19.66
N GLY B 146 -10.18 22.36 23.19
CA GLY B 146 -10.08 22.71 24.60
C GLY B 146 -8.80 22.10 25.15
N ALA B 147 -7.68 22.81 25.03
CA ALA B 147 -6.38 22.32 25.47
C ALA B 147 -5.96 22.88 26.81
N GLY B 148 -6.79 22.67 27.83
CA GLY B 148 -6.48 23.17 29.13
C GLY B 148 -6.07 22.09 30.09
N VAL B 149 -6.52 22.25 31.34
CA VAL B 149 -6.26 21.26 32.36
C VAL B 149 -6.75 19.88 31.92
N LEU B 150 -8.02 19.74 31.55
CA LEU B 150 -8.54 18.43 31.17
C LEU B 150 -8.05 17.94 29.78
N GLY B 151 -7.99 18.85 28.81
CA GLY B 151 -7.51 18.51 27.46
C GLY B 151 -6.06 18.05 27.42
N ALA B 152 -5.22 18.70 28.22
CA ALA B 152 -3.80 18.34 28.34
C ALA B 152 -3.64 16.92 28.91
N LYS B 153 -4.39 16.60 29.95
CA LYS B 153 -4.32 15.27 30.56
C LYS B 153 -4.71 14.19 29.56
N VAL B 154 -5.79 14.43 28.83
CA VAL B 154 -6.23 13.51 27.82
C VAL B 154 -5.21 13.35 26.68
N ALA B 155 -4.65 14.46 26.20
CA ALA B 155 -3.71 14.40 25.09
C ALA B 155 -2.53 13.54 25.47
N GLU B 156 -2.07 13.73 26.71
CA GLU B 156 -0.96 13.00 27.25
C GLU B 156 -1.23 11.49 27.30
N SER B 157 -2.44 11.13 27.70
N SER B 157 -2.44 11.10 27.70
CA SER B 157 -2.82 9.72 27.78
CA SER B 157 -2.77 9.68 27.76
C SER B 157 -2.89 9.07 26.39
C SER B 157 -2.86 9.05 26.36
N LEU B 158 -3.36 9.81 25.40
CA LEU B 158 -3.51 9.30 24.02
C LEU B 158 -2.22 9.27 23.23
N GLN B 159 -1.41 10.29 23.41
CA GLN B 159 -0.11 10.40 22.74
C GLN B 159 0.67 9.11 22.96
N ALA B 160 0.58 8.61 24.17
CA ALA B 160 1.26 7.42 24.59
C ALA B 160 0.92 6.21 23.71
N TRP B 161 -0.29 6.20 23.13
CA TRP B 161 -0.73 5.15 22.24
C TRP B 161 -0.36 5.31 20.75
N GLY B 162 0.35 6.38 20.39
CA GLY B 162 0.77 6.56 19.00
C GLY B 162 -0.28 7.14 18.04
N PHE B 163 -1.32 7.77 18.56
CA PHE B 163 -2.28 8.41 17.66
C PHE B 163 -1.81 9.82 17.38
N PRO B 164 -1.82 10.25 16.10
CA PRO B 164 -1.47 11.64 15.80
C PRO B 164 -2.40 12.54 16.60
N LEU B 165 -1.82 13.47 17.35
CA LEU B 165 -2.62 14.36 18.17
C LEU B 165 -2.57 15.83 17.80
N ARG B 166 -3.73 16.46 17.90
CA ARG B 166 -3.83 17.88 17.68
C ARG B 166 -4.82 18.49 18.69
N CYS B 167 -4.68 19.79 18.93
CA CYS B 167 -5.55 20.50 19.84
C CYS B 167 -5.91 21.89 19.32
N TRP B 168 -7.05 22.40 19.79
CA TRP B 168 -7.52 23.69 19.42
C TRP B 168 -7.72 24.48 20.69
N SER B 169 -7.37 25.76 20.64
CA SER B 169 -7.52 26.66 21.78
C SER B 169 -7.44 28.13 21.32
N ARG B 170 -7.53 29.06 22.26
CA ARG B 170 -7.40 30.49 21.95
C ARG B 170 -5.94 30.94 21.94
N SER B 171 -5.06 30.18 22.61
CA SER B 171 -3.61 30.50 22.65
C SER B 171 -2.74 29.33 22.18
N ARG B 172 -1.69 29.64 21.42
CA ARG B 172 -0.76 28.63 20.93
C ARG B 172 -0.15 27.81 22.10
N LYS B 173 -0.18 26.49 21.97
CA LYS B 173 0.39 25.60 22.97
C LYS B 173 1.62 24.98 22.32
N SER B 174 2.62 24.67 23.14
CA SER B 174 3.83 24.04 22.66
C SER B 174 4.04 22.75 23.44
N TRP B 175 3.18 21.77 23.15
CA TRP B 175 3.26 20.46 23.76
C TRP B 175 3.91 19.52 22.77
N PRO B 176 5.00 18.87 23.16
CA PRO B 176 5.70 17.98 22.26
C PRO B 176 4.81 16.79 21.89
N GLY B 177 4.74 16.50 20.60
CA GLY B 177 3.92 15.41 20.11
C GLY B 177 2.50 15.86 19.84
N VAL B 178 2.24 17.17 20.00
CA VAL B 178 0.89 17.69 19.76
C VAL B 178 0.92 18.92 18.86
N GLU B 179 0.05 18.92 17.87
CA GLU B 179 0.01 20.04 16.93
C GLU B 179 -1.08 21.00 17.36
N SER B 180 -0.66 22.18 17.79
CA SER B 180 -1.59 23.19 18.30
C SER B 180 -2.22 24.10 17.26
N TYR B 181 -3.56 24.12 17.22
CA TYR B 181 -4.32 24.99 16.33
C TYR B 181 -4.95 26.09 17.17
N VAL B 182 -5.02 27.30 16.61
CA VAL B 182 -5.50 28.48 17.36
C VAL B 182 -6.52 29.36 16.65
N GLY B 183 -7.61 29.65 17.35
CA GLY B 183 -8.65 30.52 16.84
C GLY B 183 -9.50 29.93 15.74
N ARG B 184 -10.55 30.68 15.39
CA ARG B 184 -11.43 30.27 14.31
C ARG B 184 -10.80 30.38 12.91
N GLU B 185 -9.62 30.99 12.83
CA GLU B 185 -8.91 31.10 11.55
C GLU B 185 -8.18 29.77 11.30
N GLU B 186 -8.06 28.94 12.33
CA GLU B 186 -7.38 27.64 12.16
C GLU B 186 -8.29 26.47 12.45
N LEU B 187 -9.53 26.76 12.80
CA LEU B 187 -10.49 25.72 13.12
C LEU B 187 -10.62 24.72 11.98
N ARG B 188 -10.82 25.22 10.76
CA ARG B 188 -11.00 24.33 9.60
C ARG B 188 -9.78 23.43 9.33
N ALA B 189 -8.57 23.96 9.46
CA ALA B 189 -7.38 23.15 9.31
C ALA B 189 -7.48 22.02 10.35
N PHE B 190 -7.70 22.41 11.60
CA PHE B 190 -7.80 21.47 12.70
C PHE B 190 -8.80 20.34 12.43
N LEU B 191 -9.99 20.72 11.96
CA LEU B 191 -11.05 19.77 11.69
C LEU B 191 -10.70 18.85 10.52
N ASN B 192 -10.19 19.44 9.46
CA ASN B 192 -9.77 18.74 8.23
C ASN B 192 -9.25 17.31 8.44
N GLN B 193 -8.20 17.16 9.25
CA GLN B 193 -7.57 15.86 9.48
C GLN B 193 -7.85 15.27 10.85
N THR B 194 -8.97 15.63 11.47
CA THR B 194 -9.32 15.05 12.77
C THR B 194 -10.39 13.93 12.56
N ARG B 195 -9.98 12.70 12.84
CA ARG B 195 -10.85 11.53 12.73
C ARG B 195 -11.71 11.43 13.98
N VAL B 196 -11.08 11.61 15.14
CA VAL B 196 -11.79 11.61 16.41
C VAL B 196 -11.74 12.99 17.07
N LEU B 197 -12.91 13.64 17.12
CA LEU B 197 -13.03 14.96 17.69
C LEU B 197 -13.46 14.88 19.13
N ILE B 198 -12.60 15.33 20.02
CA ILE B 198 -12.93 15.29 21.45
C ILE B 198 -13.16 16.72 21.92
N ASN B 199 -14.30 16.95 22.55
CA ASN B 199 -14.63 18.29 23.01
C ASN B 199 -14.48 18.47 24.49
N LEU B 200 -13.50 19.31 24.87
CA LEU B 200 -13.26 19.67 26.26
C LEU B 200 -13.23 21.21 26.40
N LEU B 201 -14.17 21.87 25.72
CA LEU B 201 -14.34 23.32 25.76
C LEU B 201 -15.22 23.75 26.91
N PRO B 202 -15.01 24.97 27.41
CA PRO B 202 -15.90 25.53 28.39
C PRO B 202 -17.06 26.10 27.61
N ASN B 203 -18.22 26.20 28.26
CA ASN B 203 -19.38 26.80 27.67
C ASN B 203 -19.33 28.30 27.89
N THR B 204 -19.09 29.03 26.82
CA THR B 204 -19.06 30.50 26.81
C THR B 204 -19.94 30.91 25.63
N ALA B 205 -20.27 32.21 25.53
CA ALA B 205 -21.08 32.73 24.44
C ALA B 205 -20.46 32.41 23.07
N GLN B 206 -19.13 32.37 23.03
CA GLN B 206 -18.39 32.11 21.80
C GLN B 206 -18.32 30.63 21.34
N THR B 207 -18.48 29.67 22.25
CA THR B 207 -18.39 28.24 21.89
C THR B 207 -19.74 27.54 21.80
N VAL B 208 -20.80 28.23 22.21
CA VAL B 208 -22.13 27.64 22.18
C VAL B 208 -22.48 27.12 20.79
N GLY B 209 -23.05 25.91 20.75
CA GLY B 209 -23.47 25.29 19.49
C GLY B 209 -22.41 25.13 18.40
N ILE B 210 -21.14 25.17 18.80
CA ILE B 210 -20.03 25.05 17.84
C ILE B 210 -20.11 23.74 17.07
N ILE B 211 -20.49 22.66 17.73
CA ILE B 211 -20.63 21.40 17.00
C ILE B 211 -21.97 21.42 16.27
N ASN B 212 -21.94 22.01 15.06
CA ASN B 212 -23.11 22.13 14.18
C ASN B 212 -22.80 21.56 12.79
N SER B 213 -23.77 21.61 11.89
CA SER B 213 -23.57 21.07 10.52
C SER B 213 -22.38 21.73 9.84
N GLU B 214 -22.18 23.01 10.10
CA GLU B 214 -21.07 23.75 9.52
C GLU B 214 -19.74 23.08 9.88
N LEU B 215 -19.57 22.79 11.17
CA LEU B 215 -18.36 22.17 11.69
C LEU B 215 -18.25 20.71 11.25
N LEU B 216 -19.33 19.95 11.43
CA LEU B 216 -19.33 18.54 11.09
C LEU B 216 -18.88 18.29 9.63
N ASP B 217 -19.25 19.20 8.73
CA ASP B 217 -18.84 19.11 7.33
C ASP B 217 -17.34 19.12 7.14
N GLN B 218 -16.63 19.92 7.95
CA GLN B 218 -15.18 20.02 7.81
C GLN B 218 -14.41 18.82 8.39
N LEU B 219 -15.15 17.85 8.90
CA LEU B 219 -14.57 16.61 9.39
C LEU B 219 -14.52 15.65 8.21
N PRO B 220 -13.55 14.74 8.20
CA PRO B 220 -13.50 13.79 7.12
C PRO B 220 -14.61 12.76 7.31
N ASP B 221 -14.94 12.04 6.24
CA ASP B 221 -15.99 11.05 6.34
C ASP B 221 -15.56 9.98 7.34
N GLY B 222 -16.54 9.40 8.03
CA GLY B 222 -16.24 8.36 9.02
C GLY B 222 -15.71 8.86 10.37
N ALA B 223 -15.82 10.16 10.63
CA ALA B 223 -15.33 10.73 11.89
C ALA B 223 -16.17 10.27 13.06
N TYR B 224 -15.76 10.73 14.24
CA TYR B 224 -16.43 10.40 15.49
C TYR B 224 -16.42 11.62 16.34
N VAL B 225 -17.44 11.74 17.20
CA VAL B 225 -17.61 12.86 18.12
C VAL B 225 -17.77 12.34 19.55
N LEU B 226 -16.89 12.81 20.43
CA LEU B 226 -16.89 12.47 21.83
C LEU B 226 -17.12 13.75 22.59
N ASN B 227 -18.35 13.96 23.05
CA ASN B 227 -18.68 15.22 23.72
C ASN B 227 -18.67 15.05 25.20
N LEU B 228 -17.59 15.53 25.82
CA LEU B 228 -17.32 15.46 27.27
C LEU B 228 -17.52 16.78 28.01
N ALA B 229 -17.76 17.85 27.27
CA ALA B 229 -17.83 19.20 27.83
C ALA B 229 -19.23 19.61 28.35
N ARG B 230 -20.03 20.24 27.49
CA ARG B 230 -21.37 20.69 27.84
C ARG B 230 -22.37 20.39 26.72
N GLY B 231 -23.60 20.04 27.09
CA GLY B 231 -24.65 19.69 26.11
C GLY B 231 -24.88 20.75 25.04
N VAL B 232 -24.90 22.01 25.45
CA VAL B 232 -25.10 23.13 24.52
C VAL B 232 -24.06 23.20 23.42
N HIS B 233 -22.88 22.60 23.59
CA HIS B 233 -21.89 22.67 22.51
C HIS B 233 -22.35 21.98 21.23
N VAL B 234 -23.30 21.06 21.34
CA VAL B 234 -23.70 20.27 20.18
C VAL B 234 -25.09 20.53 19.63
N GLN B 235 -25.18 20.62 18.30
N GLN B 235 -25.21 20.63 18.31
CA GLN B 235 -26.44 20.74 17.61
CA GLN B 235 -26.51 20.81 17.68
C GLN B 235 -26.98 19.34 17.43
C GLN B 235 -27.02 19.40 17.42
N GLU B 236 -27.82 18.89 18.37
CA GLU B 236 -28.37 17.51 18.31
C GLU B 236 -28.91 17.01 16.95
N ALA B 237 -29.86 17.74 16.33
CA ALA B 237 -30.38 17.37 15.00
C ALA B 237 -29.26 17.28 13.98
N ASP B 238 -28.29 18.21 14.06
CA ASP B 238 -27.13 18.21 13.17
C ASP B 238 -26.25 16.98 13.40
N LEU B 239 -26.11 16.58 14.65
CA LEU B 239 -25.32 15.39 14.97
C LEU B 239 -25.99 14.19 14.30
N LEU B 240 -27.27 14.02 14.58
CA LEU B 240 -28.05 12.90 14.03
C LEU B 240 -27.92 12.83 12.50
N ALA B 241 -28.01 13.99 11.85
CA ALA B 241 -27.95 14.05 10.38
C ALA B 241 -26.60 13.55 9.83
N ALA B 242 -25.51 13.87 10.54
CA ALA B 242 -24.16 13.45 10.11
C ALA B 242 -23.95 11.94 10.22
N LEU B 243 -24.52 11.33 11.26
CA LEU B 243 -24.43 9.88 11.46
C LEU B 243 -25.19 9.13 10.36
N ASP B 244 -26.30 9.72 9.92
CA ASP B 244 -27.14 9.11 8.90
C ASP B 244 -26.66 9.35 7.48
N SER B 245 -25.74 10.31 7.32
CA SER B 245 -25.19 10.63 5.99
C SER B 245 -23.90 9.90 5.72
N GLY B 246 -23.18 9.53 6.77
CA GLY B 246 -21.88 8.86 6.59
C GLY B 246 -20.72 9.75 7.01
N LYS B 247 -21.01 11.02 7.26
CA LYS B 247 -19.97 11.96 7.73
C LYS B 247 -19.34 11.42 9.04
N LEU B 248 -20.20 11.06 10.00
CA LEU B 248 -19.78 10.48 11.26
C LEU B 248 -20.04 8.98 11.27
N LYS B 249 -19.09 8.23 11.80
CA LYS B 249 -19.26 6.78 11.93
C LYS B 249 -19.97 6.54 13.24
N GLY B 250 -19.62 7.34 14.24
CA GLY B 250 -20.21 7.19 15.55
C GLY B 250 -19.93 8.34 16.50
N ALA B 251 -20.71 8.38 17.57
CA ALA B 251 -20.55 9.38 18.59
C ALA B 251 -20.80 8.79 19.96
N MSE B 252 -20.35 9.53 20.95
CA MSE B 252 -20.58 9.20 22.35
C MSE B 252 -20.71 10.53 23.06
O MSE B 252 -19.81 11.38 22.96
CB MSE B 252 -19.44 8.36 22.93
CG MSE B 252 -19.68 8.00 24.37
SE MSE B 252 -18.72 6.40 24.91
CE MSE B 252 -19.46 6.22 26.69
N LEU B 253 -21.77 10.65 23.84
CA LEU B 253 -22.10 11.89 24.53
C LEU B 253 -22.30 11.66 26.01
N ASP B 254 -21.78 12.58 26.81
CA ASP B 254 -21.92 12.51 28.25
C ASP B 254 -22.75 13.68 28.75
N VAL B 255 -23.07 14.59 27.84
CA VAL B 255 -23.87 15.80 28.15
C VAL B 255 -24.93 16.07 27.07
N PHE B 256 -25.97 16.81 27.46
CA PHE B 256 -27.09 17.02 26.53
C PHE B 256 -27.80 18.36 26.69
N SER B 257 -28.52 18.77 25.65
CA SER B 257 -29.28 20.04 25.64
C SER B 257 -30.17 20.17 26.87
N GLN B 258 -30.65 19.02 27.34
CA GLN B 258 -31.46 18.90 28.55
C GLN B 258 -31.03 17.66 29.31
N GLU B 259 -30.95 17.78 30.62
CA GLU B 259 -30.50 16.71 31.47
C GLU B 259 -31.37 16.62 32.73
N PRO B 260 -32.05 15.48 32.92
CA PRO B 260 -32.04 14.28 32.08
C PRO B 260 -32.52 14.49 30.66
N LEU B 261 -31.99 13.69 29.73
CA LEU B 261 -32.41 13.74 28.34
C LEU B 261 -33.82 13.19 28.27
N PRO B 262 -34.78 14.03 27.88
CA PRO B 262 -36.16 13.54 27.80
C PRO B 262 -36.32 12.29 26.93
N GLN B 263 -37.38 11.55 27.25
CA GLN B 263 -37.77 10.32 26.56
C GLN B 263 -37.94 10.50 25.05
N GLU B 264 -38.29 11.71 24.62
CA GLU B 264 -38.52 11.97 23.20
C GLU B 264 -37.25 11.87 22.35
N SER B 265 -36.16 12.50 22.82
CA SER B 265 -34.94 12.56 22.05
C SER B 265 -34.69 11.32 21.22
N PRO B 266 -34.38 11.53 19.93
CA PRO B 266 -34.04 10.38 19.09
C PRO B 266 -32.61 9.88 19.40
N LEU B 267 -31.87 10.61 20.23
CA LEU B 267 -30.51 10.19 20.61
C LEU B 267 -30.60 8.83 21.29
N TRP B 268 -31.58 8.66 22.18
CA TRP B 268 -31.76 7.38 22.90
C TRP B 268 -31.80 6.19 21.94
N ARG B 269 -32.53 6.36 20.85
CA ARG B 269 -32.79 5.30 19.88
C ARG B 269 -31.72 5.10 18.81
N HIS B 270 -30.87 6.09 18.58
CA HIS B 270 -29.88 5.92 17.51
C HIS B 270 -28.84 4.88 17.91
N PRO B 271 -28.65 3.84 17.07
CA PRO B 271 -27.73 2.74 17.32
C PRO B 271 -26.25 3.09 17.43
N ARG B 272 -25.84 4.24 16.88
CA ARG B 272 -24.45 4.64 16.85
C ARG B 272 -24.14 5.90 17.70
N VAL B 273 -24.96 6.11 18.73
CA VAL B 273 -24.75 7.21 19.66
C VAL B 273 -24.70 6.63 21.07
N ALA B 274 -23.50 6.37 21.59
CA ALA B 274 -23.36 5.86 22.96
C ALA B 274 -23.69 7.02 23.93
N MSE B 275 -24.18 6.71 25.13
CA MSE B 275 -24.58 7.75 26.07
C MSE B 275 -24.27 7.43 27.52
O MSE B 275 -24.46 6.33 27.97
CB MSE B 275 -26.11 8.01 25.96
CG MSE B 275 -26.56 8.63 24.66
SE MSE B 275 -28.54 8.79 24.47
CE MSE B 275 -28.92 9.66 26.14
N THR B 276 -23.78 8.43 28.25
CA THR B 276 -23.57 8.33 29.66
C THR B 276 -24.31 9.53 30.24
N PRO B 277 -24.93 9.37 31.43
CA PRO B 277 -25.72 10.43 32.09
C PRO B 277 -24.93 11.47 32.92
N HIS B 278 -24.10 12.25 32.25
CA HIS B 278 -23.29 13.29 32.88
C HIS B 278 -22.44 12.77 34.07
N ILE B 279 -21.57 11.79 33.79
CA ILE B 279 -20.73 11.17 34.79
C ILE B 279 -19.26 11.11 34.41
N ALA B 280 -18.88 11.81 33.35
CA ALA B 280 -17.54 11.79 32.83
C ALA B 280 -16.48 11.93 33.92
N ALA B 281 -16.53 13.04 34.63
CA ALA B 281 -15.56 13.32 35.67
C ALA B 281 -16.19 14.15 36.77
N VAL B 282 -16.06 13.69 38.02
CA VAL B 282 -16.56 14.40 39.18
C VAL B 282 -15.33 14.66 40.06
N THR B 283 -15.33 15.78 40.76
CA THR B 283 -14.23 16.10 41.64
C THR B 283 -14.18 15.12 42.80
N ARG B 284 -12.97 14.87 43.29
CA ARG B 284 -12.75 14.05 44.47
C ARG B 284 -12.77 15.04 45.64
N PRO B 285 -13.78 14.95 46.52
CA PRO B 285 -13.97 15.88 47.65
C PRO B 285 -12.74 16.26 48.48
N ALA B 286 -11.90 15.29 48.85
CA ALA B 286 -10.74 15.57 49.67
C ALA B 286 -9.65 16.37 48.90
N GLU B 287 -9.62 16.21 47.58
CA GLU B 287 -8.68 16.97 46.77
C GLU B 287 -9.25 18.36 46.60
N ALA B 288 -10.57 18.43 46.44
CA ALA B 288 -11.28 19.71 46.35
C ALA B 288 -11.11 20.47 47.65
N ILE B 289 -11.36 19.80 48.78
CA ILE B 289 -11.21 20.41 50.10
C ILE B 289 -9.78 20.88 50.28
N ASP B 290 -8.80 20.06 49.90
CA ASP B 290 -7.37 20.44 50.03
C ASP B 290 -7.11 21.73 49.24
N TYR B 291 -7.52 21.75 47.96
CA TYR B 291 -7.34 22.97 47.14
C TYR B 291 -8.05 24.23 47.70
N ILE B 292 -9.33 24.11 48.07
CA ILE B 292 -10.12 25.28 48.57
C ILE B 292 -9.55 25.84 49.87
N SER B 293 -9.24 24.93 50.79
CA SER B 293 -8.66 25.23 52.09
C SER B 293 -7.28 25.91 51.96
N ARG B 294 -6.45 25.38 51.08
CA ARG B 294 -5.12 25.92 50.85
C ARG B 294 -5.24 27.32 50.24
N THR B 295 -6.20 27.50 49.32
CA THR B 295 -6.41 28.78 48.64
C THR B 295 -6.95 29.89 49.56
N ILE B 296 -7.85 29.54 50.47
CA ILE B 296 -8.35 30.51 51.43
C ILE B 296 -7.17 30.97 52.32
N THR B 297 -6.38 30.03 52.81
CA THR B 297 -5.23 30.34 53.63
C THR B 297 -4.36 31.42 52.94
N GLN B 298 -4.05 31.20 51.66
CA GLN B 298 -3.22 32.15 50.92
C GLN B 298 -3.92 33.50 50.69
N LEU B 299 -5.24 33.50 50.47
CA LEU B 299 -5.99 34.76 50.32
C LEU B 299 -6.02 35.59 51.60
N GLU B 300 -5.95 34.91 52.74
CA GLU B 300 -5.97 35.59 54.04
C GLU B 300 -4.64 36.30 54.24
N LYS B 301 -3.52 35.66 53.89
CA LYS B 301 -2.21 36.32 54.00
C LYS B 301 -1.71 36.93 52.68
N GLY B 302 -2.65 37.34 51.82
CA GLY B 302 -2.34 37.98 50.53
C GLY B 302 -1.18 37.37 49.76
N GLU B 303 -1.27 36.07 49.49
CA GLU B 303 -0.23 35.38 48.71
C GLU B 303 -0.78 34.81 47.41
N PRO B 304 0.13 34.28 46.55
CA PRO B 304 -0.28 33.76 45.25
C PRO B 304 -1.28 32.60 45.32
N VAL B 305 -2.21 32.61 44.38
CA VAL B 305 -3.26 31.61 44.33
C VAL B 305 -3.47 31.12 42.89
N THR B 306 -3.85 29.84 42.75
CA THR B 306 -4.14 29.24 41.46
C THR B 306 -5.61 28.93 41.33
N GLY B 307 -6.05 28.68 40.10
CA GLY B 307 -7.42 28.34 39.83
C GLY B 307 -8.39 29.50 39.74
N GLN B 308 -7.89 30.74 39.74
CA GLN B 308 -8.82 31.86 39.67
C GLN B 308 -9.42 31.95 38.30
N VAL B 309 -10.67 32.40 38.26
CA VAL B 309 -11.38 32.54 37.00
C VAL B 309 -11.30 33.97 36.47
N ASP B 310 -10.86 34.10 35.23
CA ASP B 310 -10.80 35.40 34.54
C ASP B 310 -12.18 35.56 33.87
N ARG B 311 -13.07 36.33 34.51
CA ARG B 311 -14.42 36.46 33.96
C ARG B 311 -14.56 37.48 32.85
N ALA B 312 -13.46 38.15 32.53
CA ALA B 312 -13.47 39.04 31.38
C ALA B 312 -13.54 38.11 30.17
N ARG B 313 -12.68 37.09 30.17
CA ARG B 313 -12.70 36.11 29.08
C ARG B 313 -13.88 35.14 29.22
N GLY B 314 -14.39 34.94 30.43
CA GLY B 314 -15.57 34.09 30.65
C GLY B 314 -15.34 32.61 31.00
N TYR B 315 -14.13 32.25 31.38
CA TYR B 315 -13.86 30.88 31.79
C TYR B 315 -12.55 30.81 32.57
N MSE C 4 21.31 -20.10 0.78
CA MSE C 4 20.37 -20.98 1.55
C MSE C 4 19.01 -21.03 0.88
O MSE C 4 18.62 -20.10 0.15
CB MSE C 4 20.27 -20.53 3.01
CG MSE C 4 19.46 -19.26 3.23
SE MSE C 4 19.65 -18.48 5.04
CE MSE C 4 21.46 -17.81 4.92
N GLU C 5 18.27 -22.10 1.16
CA GLU C 5 16.97 -22.35 0.57
C GLU C 5 15.85 -22.32 1.62
N ILE C 6 14.84 -21.47 1.38
CA ILE C 6 13.72 -21.33 2.30
C ILE C 6 12.38 -21.57 1.59
N ILE C 7 11.50 -22.37 2.21
CA ILE C 7 10.15 -22.57 1.65
C ILE C 7 9.12 -21.89 2.53
N PHE C 8 8.08 -21.37 1.89
CA PHE C 8 7.06 -20.61 2.59
C PHE C 8 5.67 -21.09 2.22
N TYR C 9 4.82 -21.24 3.22
CA TYR C 9 3.47 -21.64 2.97
C TYR C 9 2.53 -20.98 3.94
N HIS C 10 1.47 -20.42 3.39
CA HIS C 10 0.44 -19.81 4.20
C HIS C 10 -0.84 -19.82 3.36
N PRO C 11 -1.96 -20.20 3.98
CA PRO C 11 -3.16 -20.32 3.16
C PRO C 11 -3.88 -19.00 2.76
N THR C 12 -3.54 -17.88 3.39
CA THR C 12 -4.17 -16.58 3.10
C THR C 12 -3.24 -15.40 2.86
N PHE C 13 -2.05 -15.45 3.46
CA PHE C 13 -1.06 -14.37 3.30
C PHE C 13 -0.58 -14.20 1.87
N ASN C 14 -0.15 -12.99 1.52
CA ASN C 14 0.39 -12.72 0.18
C ASN C 14 1.79 -13.36 0.08
N ALA C 15 1.87 -14.49 -0.60
CA ALA C 15 3.12 -15.21 -0.71
C ALA C 15 4.20 -14.34 -1.37
N ALA C 16 3.84 -13.65 -2.45
CA ALA C 16 4.81 -12.78 -3.16
C ALA C 16 5.45 -11.76 -2.22
N TRP C 17 4.63 -11.10 -1.41
CA TRP C 17 5.18 -10.11 -0.49
C TRP C 17 6.20 -10.74 0.46
N TRP C 18 5.83 -11.86 1.05
CA TRP C 18 6.68 -12.52 2.01
C TRP C 18 7.97 -13.01 1.37
N VAL C 19 7.85 -13.62 0.18
CA VAL C 19 9.03 -14.12 -0.52
C VAL C 19 10.00 -12.96 -0.77
N ASN C 20 9.45 -11.87 -1.30
CA ASN C 20 10.26 -10.71 -1.59
C ASN C 20 10.89 -10.11 -0.31
N ALA C 21 10.08 -9.85 0.72
CA ALA C 21 10.58 -9.26 1.96
C ALA C 21 11.70 -10.08 2.59
N LEU C 22 11.59 -11.42 2.53
CA LEU C 22 12.60 -12.29 3.14
C LEU C 22 13.88 -12.31 2.33
N GLU C 23 13.75 -12.28 1.00
CA GLU C 23 14.94 -12.23 0.14
C GLU C 23 15.62 -10.87 0.39
N LYS C 24 14.84 -9.80 0.56
CA LYS C 24 15.43 -8.49 0.86
C LYS C 24 16.04 -8.46 2.27
N ALA C 25 15.38 -9.08 3.27
CA ALA C 25 15.98 -9.14 4.61
C ALA C 25 17.23 -10.05 4.65
N LEU C 26 17.24 -11.12 3.84
CA LEU C 26 18.37 -12.07 3.78
C LEU C 26 18.86 -12.20 2.34
N PRO C 27 19.81 -11.33 1.93
CA PRO C 27 20.29 -11.26 0.52
C PRO C 27 20.90 -12.53 -0.06
N HIS C 28 21.43 -13.38 0.79
CA HIS C 28 22.08 -14.62 0.38
C HIS C 28 21.07 -15.77 0.35
N ALA C 29 19.77 -15.45 0.36
CA ALA C 29 18.76 -16.50 0.39
C ALA C 29 17.90 -16.63 -0.88
N ARG C 30 17.55 -17.89 -1.18
CA ARG C 30 16.65 -18.29 -2.24
C ARG C 30 15.36 -18.74 -1.54
N VAL C 31 14.32 -17.94 -1.66
CA VAL C 31 13.06 -18.21 -1.01
C VAL C 31 12.00 -18.53 -2.04
N ARG C 32 11.10 -19.46 -1.74
CA ARG C 32 10.01 -19.80 -2.66
C ARG C 32 8.77 -20.21 -1.93
N GLU C 33 7.62 -19.93 -2.54
CA GLU C 33 6.38 -20.37 -1.98
C GLU C 33 6.27 -21.87 -2.25
N TRP C 34 5.99 -22.65 -1.21
CA TRP C 34 5.82 -24.08 -1.40
C TRP C 34 4.47 -24.38 -2.06
N LYS C 35 4.47 -25.27 -3.03
CA LYS C 35 3.20 -25.79 -3.59
C LYS C 35 3.40 -27.29 -3.89
N VAL C 36 2.27 -27.96 -4.07
CA VAL C 36 2.25 -29.39 -4.34
C VAL C 36 3.20 -29.78 -5.44
N GLY C 37 3.98 -30.82 -5.18
CA GLY C 37 4.96 -31.31 -6.10
C GLY C 37 6.37 -30.82 -5.78
N ASP C 38 6.52 -29.92 -4.80
CA ASP C 38 7.84 -29.34 -4.43
C ASP C 38 8.52 -30.20 -3.38
N ASN C 39 9.49 -31.00 -3.81
CA ASN C 39 10.27 -31.86 -2.94
C ASN C 39 11.76 -31.56 -3.14
N ASN C 40 12.07 -30.32 -3.53
CA ASN C 40 13.45 -29.90 -3.71
C ASN C 40 14.03 -29.44 -2.37
N PRO C 41 15.36 -29.43 -2.24
CA PRO C 41 15.94 -29.07 -0.95
C PRO C 41 15.48 -27.72 -0.37
N ALA C 42 15.58 -27.64 0.95
CA ALA C 42 15.21 -26.49 1.75
C ALA C 42 15.96 -26.57 3.07
N ASP C 43 16.37 -25.41 3.56
CA ASP C 43 17.07 -25.31 4.83
C ASP C 43 16.11 -24.87 5.93
N TYR C 44 15.16 -24.00 5.58
CA TYR C 44 14.22 -23.43 6.51
C TYR C 44 12.80 -23.39 5.90
N ALA C 45 11.77 -23.52 6.73
CA ALA C 45 10.40 -23.46 6.27
C ALA C 45 9.61 -22.53 7.17
N LEU C 46 8.82 -21.65 6.57
CA LEU C 46 7.97 -20.74 7.28
C LEU C 46 6.59 -21.29 6.96
N VAL C 47 5.80 -21.60 7.96
CA VAL C 47 4.56 -22.26 7.73
C VAL C 47 3.45 -21.87 8.64
N TRP C 48 2.26 -22.20 8.17
CA TRP C 48 1.04 -22.04 8.91
C TRP C 48 0.09 -23.05 8.27
N GLN C 49 -0.39 -24.00 9.05
CA GLN C 49 -1.26 -25.06 8.53
C GLN C 49 -0.67 -25.80 7.33
N PRO C 50 0.59 -26.23 7.48
CA PRO C 50 1.21 -26.93 6.36
C PRO C 50 0.65 -28.34 6.15
N PRO C 51 0.46 -28.73 4.89
CA PRO C 51 0.10 -30.13 4.67
C PRO C 51 1.30 -30.99 5.14
N VAL C 52 1.05 -32.21 5.61
CA VAL C 52 2.14 -33.07 6.05
C VAL C 52 3.17 -33.28 4.94
N GLU C 53 2.71 -33.35 3.67
CA GLU C 53 3.65 -33.66 2.57
C GLU C 53 4.75 -32.61 2.34
N MSE C 54 4.49 -31.39 2.81
CA MSE C 54 5.45 -30.30 2.66
C MSE C 54 6.71 -30.51 3.50
O MSE C 54 7.85 -30.23 3.04
CB MSE C 54 4.81 -28.98 3.12
CG MSE C 54 5.75 -27.76 3.05
SE MSE C 54 4.86 -26.14 3.62
CE MSE C 54 6.32 -24.90 3.53
N LEU C 55 6.51 -31.00 4.72
CA LEU C 55 7.62 -31.16 5.66
C LEU C 55 8.12 -32.59 5.82
N ALA C 56 7.25 -33.58 5.65
CA ALA C 56 7.62 -34.98 5.88
C ALA C 56 8.95 -35.42 5.28
N GLY C 57 9.83 -35.90 6.14
CA GLY C 57 11.12 -36.40 5.69
C GLY C 57 12.13 -35.35 5.27
N ARG C 58 11.80 -34.06 5.42
CA ARG C 58 12.75 -33.02 5.05
C ARG C 58 13.78 -32.87 6.13
N ARG C 59 15.00 -32.58 5.69
CA ARG C 59 16.10 -32.31 6.59
C ARG C 59 16.22 -30.79 6.62
N LEU C 60 15.62 -30.20 7.65
CA LEU C 60 15.59 -28.76 7.86
C LEU C 60 16.44 -28.33 9.04
N LYS C 61 16.93 -27.10 8.98
CA LYS C 61 17.72 -26.56 10.07
C LYS C 61 16.78 -25.93 11.10
N ALA C 62 15.57 -25.55 10.64
CA ALA C 62 14.55 -24.97 11.54
C ALA C 62 13.22 -24.80 10.80
N VAL C 63 12.13 -24.76 11.56
CA VAL C 63 10.78 -24.48 11.03
C VAL C 63 10.20 -23.34 11.85
N PHE C 64 9.67 -22.34 11.16
CA PHE C 64 9.09 -21.17 11.79
C PHE C 64 7.60 -21.13 11.63
N VAL C 65 6.88 -21.27 12.73
CA VAL C 65 5.44 -21.20 12.68
C VAL C 65 5.09 -19.70 12.61
N LEU C 66 4.27 -19.34 11.63
CA LEU C 66 3.86 -17.96 11.40
C LEU C 66 2.68 -17.58 12.25
N GLY C 67 2.79 -17.80 13.55
CA GLY C 67 1.73 -17.45 14.47
C GLY C 67 2.21 -17.57 15.90
N ALA C 68 1.43 -17.06 16.84
CA ALA C 68 1.77 -17.17 18.24
C ALA C 68 1.33 -18.54 18.73
N GLY C 69 0.18 -19.00 18.23
CA GLY C 69 -0.37 -20.32 18.57
C GLY C 69 0.30 -21.45 17.80
N VAL C 70 0.54 -22.55 18.49
CA VAL C 70 1.20 -23.71 17.91
C VAL C 70 0.47 -24.99 18.23
N ASP C 71 -0.76 -24.90 18.74
CA ASP C 71 -1.51 -26.09 19.14
C ASP C 71 -1.92 -26.98 17.94
N ALA C 72 -2.42 -26.35 16.88
CA ALA C 72 -2.78 -27.07 15.65
C ALA C 72 -1.52 -27.77 15.10
N ILE C 73 -0.45 -27.01 14.91
CA ILE C 73 0.77 -27.63 14.39
C ILE C 73 1.22 -28.80 15.28
N LEU C 74 1.22 -28.63 16.60
CA LEU C 74 1.66 -29.72 17.49
C LEU C 74 0.67 -30.92 17.47
N SER C 75 -0.61 -30.68 17.24
CA SER C 75 -1.52 -31.82 17.22
C SER C 75 -1.28 -32.60 15.92
N LYS C 76 -1.01 -31.90 14.84
CA LYS C 76 -0.72 -32.56 13.60
C LYS C 76 0.58 -33.35 13.79
N LEU C 77 1.58 -32.73 14.41
CA LEU C 77 2.86 -33.40 14.62
C LEU C 77 2.64 -34.69 15.44
N ASN C 78 1.73 -34.61 16.44
CA ASN C 78 1.41 -35.78 17.30
C ASN C 78 1.00 -36.97 16.46
N ALA C 79 -0.01 -36.74 15.63
CA ALA C 79 -0.56 -37.75 14.75
C ALA C 79 0.36 -38.11 13.57
N HIS C 80 1.27 -37.21 13.22
CA HIS C 80 2.15 -37.43 12.09
C HIS C 80 3.62 -37.20 12.40
N PRO C 81 4.17 -38.06 13.23
CA PRO C 81 5.57 -37.90 13.58
C PRO C 81 6.50 -37.84 12.35
N GLU C 82 6.06 -38.43 11.23
CA GLU C 82 6.85 -38.38 10.00
C GLU C 82 7.07 -36.93 9.52
N MSE C 83 6.10 -36.04 9.84
CA MSE C 83 6.13 -34.64 9.41
C MSE C 83 7.38 -33.83 9.72
O MSE C 83 7.91 -33.13 8.87
CB MSE C 83 4.94 -33.87 9.98
CG MSE C 83 4.95 -32.42 9.57
SE MSE C 83 3.22 -31.57 9.53
CE MSE C 83 2.93 -31.34 11.45
N LEU C 84 7.83 -33.92 10.96
CA LEU C 84 8.96 -33.13 11.38
C LEU C 84 9.83 -33.97 12.32
N ASP C 85 11.12 -34.03 12.04
CA ASP C 85 12.02 -34.81 12.88
C ASP C 85 12.16 -34.10 14.21
N ALA C 86 12.27 -34.88 15.29
CA ALA C 86 12.36 -34.35 16.65
C ALA C 86 13.62 -33.51 16.84
N SER C 87 14.58 -33.69 15.94
CA SER C 87 15.83 -32.97 15.99
C SER C 87 15.70 -31.55 15.44
N ILE C 88 14.61 -31.28 14.72
CA ILE C 88 14.43 -29.98 14.08
C ILE C 88 13.76 -29.00 15.02
N PRO C 89 14.44 -27.88 15.30
CA PRO C 89 13.84 -26.94 16.19
C PRO C 89 12.65 -26.26 15.56
N LEU C 90 11.70 -25.92 16.42
CA LEU C 90 10.48 -25.30 16.02
C LEU C 90 10.31 -23.95 16.70
N PHE C 91 10.11 -22.88 15.91
CA PHE C 91 9.90 -21.54 16.46
C PHE C 91 8.50 -21.02 16.16
N ARG C 92 8.11 -20.00 16.90
CA ARG C 92 6.80 -19.37 16.73
C ARG C 92 6.98 -17.85 16.66
N LEU C 93 5.90 -17.11 16.51
CA LEU C 93 5.99 -15.66 16.50
C LEU C 93 5.69 -15.17 17.90
N GLU C 94 6.72 -14.76 18.59
CA GLU C 94 6.52 -14.11 19.85
C GLU C 94 6.48 -12.57 19.84
N ASP C 95 5.29 -12.07 20.08
CA ASP C 95 5.00 -10.66 20.00
C ASP C 95 4.94 -10.24 18.52
N THR C 96 6.03 -9.70 17.96
CA THR C 96 6.02 -9.21 16.58
C THR C 96 4.82 -8.26 16.36
N GLY C 97 4.55 -7.46 17.40
CA GLY C 97 3.48 -6.47 17.39
C GLY C 97 2.11 -6.95 17.86
N MSE C 98 2.00 -8.20 18.32
CA MSE C 98 0.70 -8.68 18.80
C MSE C 98 0.45 -8.25 20.23
O MSE C 98 -0.69 -8.17 20.67
CB MSE C 98 0.57 -10.20 18.66
CG MSE C 98 0.40 -10.65 17.22
SE MSE C 98 0.10 -12.58 16.97
CE MSE C 98 1.91 -13.01 17.14
N GLY C 99 1.52 -8.03 20.98
CA GLY C 99 1.39 -7.54 22.35
C GLY C 99 0.64 -6.21 22.38
N LEU C 100 1.06 -5.27 21.53
CA LEU C 100 0.44 -3.94 21.44
C LEU C 100 -1.03 -4.08 21.11
N GLN C 101 -1.36 -4.96 20.17
CA GLN C 101 -2.78 -5.16 19.81
C GLN C 101 -3.58 -5.70 20.99
N MSE C 102 -2.96 -6.58 21.77
CA MSE C 102 -3.62 -7.11 22.94
C MSE C 102 -3.82 -6.00 23.97
O MSE C 102 -4.84 -5.92 24.64
CB MSE C 102 -2.85 -8.29 23.54
CG MSE C 102 -2.94 -9.58 22.74
SE MSE C 102 -4.75 -10.15 22.37
CE MSE C 102 -4.26 -11.88 21.62
N GLN C 103 -2.81 -5.15 24.13
CA GLN C 103 -2.90 -3.99 25.03
C GLN C 103 -4.09 -3.12 24.66
N GLU C 104 -4.14 -2.71 23.39
CA GLU C 104 -5.30 -1.89 22.90
C GLU C 104 -6.60 -2.47 23.30
N TYR C 105 -6.77 -3.75 23.01
CA TYR C 105 -8.02 -4.48 23.27
C TYR C 105 -8.37 -4.54 24.76
N ALA C 106 -7.39 -4.91 25.56
CA ALA C 106 -7.60 -5.07 27.00
C ALA C 106 -7.86 -3.76 27.73
N VAL C 107 -7.06 -2.75 27.44
CA VAL C 107 -7.21 -1.45 28.09
C VAL C 107 -8.57 -0.90 27.71
N SER C 108 -8.89 -0.89 26.42
CA SER C 108 -10.21 -0.37 26.05
C SER C 108 -11.28 -1.07 26.83
N GLN C 109 -11.22 -2.40 26.90
CA GLN C 109 -12.29 -3.14 27.54
C GLN C 109 -12.29 -3.16 29.08
N VAL C 110 -11.14 -3.19 29.71
CA VAL C 110 -11.16 -3.12 31.16
C VAL C 110 -11.77 -1.77 31.56
N LEU C 111 -11.46 -0.70 30.84
CA LEU C 111 -11.98 0.61 31.20
C LEU C 111 -13.45 0.77 30.91
N HIS C 112 -13.86 0.18 29.79
CA HIS C 112 -15.23 0.17 29.36
C HIS C 112 -16.02 -0.38 30.52
N TRP C 113 -15.57 -1.52 31.05
CA TRP C 113 -16.27 -2.16 32.15
C TRP C 113 -16.13 -1.41 33.45
N PHE C 114 -14.90 -0.97 33.76
CA PHE C 114 -14.67 -0.25 34.99
C PHE C 114 -15.57 0.96 35.10
N ARG C 115 -15.69 1.69 34.00
CA ARG C 115 -16.54 2.90 33.95
C ARG C 115 -18.01 2.60 33.64
N ARG C 116 -18.34 1.31 33.56
CA ARG C 116 -19.73 0.84 33.40
C ARG C 116 -20.44 1.21 32.10
N PHE C 117 -19.67 1.36 31.03
CA PHE C 117 -20.22 1.69 29.71
C PHE C 117 -21.16 0.58 29.23
N ASP C 118 -20.98 -0.65 29.75
CA ASP C 118 -21.87 -1.74 29.40
C ASP C 118 -23.23 -1.48 30.08
N ASP C 119 -23.24 -1.22 31.40
CA ASP C 119 -24.47 -0.87 32.09
C ASP C 119 -25.11 0.30 31.37
N TYR C 120 -24.33 1.35 31.12
CA TYR C 120 -24.89 2.54 30.48
C TYR C 120 -25.51 2.25 29.12
N GLN C 121 -24.88 1.39 28.33
CA GLN C 121 -25.48 1.03 27.05
C GLN C 121 -26.82 0.31 27.28
N ALA C 122 -26.90 -0.56 28.28
CA ALA C 122 -28.16 -1.26 28.57
C ALA C 122 -29.21 -0.21 28.92
N LEU C 123 -28.86 0.71 29.82
CA LEU C 123 -29.77 1.80 30.19
C LEU C 123 -30.17 2.65 29.00
N LYS C 124 -29.23 2.94 28.11
CA LYS C 124 -29.60 3.74 26.93
C LYS C 124 -30.73 3.04 26.14
N ASN C 125 -30.63 1.73 25.99
CA ASN C 125 -31.58 0.93 25.24
C ASN C 125 -32.94 0.72 25.92
N GLN C 126 -33.09 1.31 27.11
CA GLN C 126 -34.33 1.32 27.87
C GLN C 126 -34.89 2.76 27.92
N ALA C 127 -34.10 3.74 27.47
CA ALA C 127 -34.46 5.15 27.55
C ALA C 127 -34.47 5.57 29.02
N LEU C 128 -33.52 5.04 29.79
CA LEU C 128 -33.46 5.31 31.22
C LEU C 128 -32.20 6.06 31.68
N TRP C 129 -32.38 7.31 32.08
CA TRP C 129 -31.33 8.16 32.58
C TRP C 129 -31.11 7.81 34.04
N LYS C 130 -29.99 7.14 34.34
CA LYS C 130 -29.70 6.73 35.71
C LYS C 130 -28.19 6.72 36.06
N PRO C 131 -27.68 7.79 36.68
CA PRO C 131 -26.28 7.74 37.08
C PRO C 131 -26.00 6.55 38.00
N LEU C 132 -24.87 5.88 37.82
CA LEU C 132 -24.60 4.69 38.60
C LEU C 132 -23.47 4.89 39.58
N PRO C 133 -23.43 4.04 40.62
CA PRO C 133 -22.37 4.15 41.57
C PRO C 133 -21.02 3.78 40.91
N GLU C 134 -19.98 4.48 41.30
CA GLU C 134 -18.67 4.26 40.77
C GLU C 134 -18.02 3.05 41.36
N TYR C 135 -17.27 2.31 40.56
CA TYR C 135 -16.51 1.21 41.11
C TYR C 135 -15.22 1.88 41.55
N THR C 136 -14.52 1.25 42.49
CA THR C 136 -13.23 1.75 42.94
C THR C 136 -12.19 0.79 42.38
N ARG C 137 -10.97 1.25 42.20
CA ARG C 137 -9.94 0.40 41.66
C ARG C 137 -9.64 -0.83 42.50
N GLU C 138 -9.82 -0.71 43.83
CA GLU C 138 -9.49 -1.77 44.75
C GLU C 138 -10.40 -2.97 44.63
N GLU C 139 -11.62 -2.76 44.17
CA GLU C 139 -12.54 -3.87 43.94
C GLU C 139 -12.47 -4.33 42.48
N PHE C 140 -11.54 -3.76 41.70
CA PHE C 140 -11.54 -4.06 40.30
C PHE C 140 -10.23 -4.64 39.84
N SER C 141 -9.86 -5.75 40.49
CA SER C 141 -8.66 -6.46 40.18
C SER C 141 -8.79 -7.17 38.87
N VAL C 142 -7.73 -7.12 38.07
CA VAL C 142 -7.66 -7.82 36.81
C VAL C 142 -6.76 -9.03 37.03
N GLY C 143 -7.24 -10.19 36.61
CA GLY C 143 -6.48 -11.43 36.69
C GLY C 143 -6.17 -11.92 35.27
N ILE C 144 -4.91 -12.13 34.97
CA ILE C 144 -4.51 -12.61 33.66
C ILE C 144 -4.03 -14.05 33.71
N MSE C 145 -4.82 -14.96 33.15
CA MSE C 145 -4.41 -16.36 33.09
C MSE C 145 -3.57 -16.47 31.85
O MSE C 145 -4.04 -16.16 30.76
CB MSE C 145 -5.59 -17.32 32.93
CG MSE C 145 -6.58 -17.28 34.03
SE MSE C 145 -7.72 -18.88 33.88
CE MSE C 145 -8.45 -18.57 32.19
N GLY C 146 -2.38 -16.99 32.01
CA GLY C 146 -1.43 -17.07 30.94
C GLY C 146 -0.56 -15.83 31.04
N ALA C 147 0.51 -15.94 31.79
CA ALA C 147 1.41 -14.80 32.02
C ALA C 147 2.65 -14.87 31.15
N GLY C 148 2.47 -14.93 29.83
CA GLY C 148 3.57 -15.08 28.90
C GLY C 148 3.96 -13.85 28.13
N VAL C 149 4.33 -14.04 26.87
CA VAL C 149 4.72 -12.92 26.06
C VAL C 149 3.57 -11.91 25.97
N LEU C 150 2.37 -12.38 25.62
CA LEU C 150 1.26 -11.45 25.47
C LEU C 150 0.72 -11.04 26.85
N GLY C 151 0.64 -11.99 27.78
CA GLY C 151 0.15 -11.70 29.12
C GLY C 151 1.00 -10.63 29.81
N ALA C 152 2.31 -10.70 29.62
CA ALA C 152 3.20 -9.73 30.24
C ALA C 152 2.89 -8.33 29.76
N LYS C 153 2.65 -8.17 28.45
CA LYS C 153 2.34 -6.87 27.87
C LYS C 153 1.01 -6.30 28.38
N VAL C 154 -0.01 -7.15 28.43
CA VAL C 154 -1.31 -6.74 28.92
C VAL C 154 -1.22 -6.30 30.38
N ALA C 155 -0.48 -7.05 31.20
CA ALA C 155 -0.34 -6.68 32.58
C ALA C 155 0.29 -5.31 32.67
N GLU C 156 1.39 -5.12 31.95
CA GLU C 156 2.12 -3.83 31.95
C GLU C 156 1.19 -2.68 31.60
N SER C 157 0.48 -2.79 30.48
CA SER C 157 -0.39 -1.72 30.07
C SER C 157 -1.48 -1.43 31.11
N LEU C 158 -1.89 -2.44 31.90
CA LEU C 158 -3.00 -2.24 32.86
C LEU C 158 -2.62 -1.71 34.22
N GLN C 159 -1.58 -2.30 34.80
CA GLN C 159 -1.10 -1.88 36.11
C GLN C 159 -0.73 -0.38 36.09
N ALA C 160 -0.46 0.15 34.89
CA ALA C 160 -0.24 1.58 34.69
C ALA C 160 -1.49 2.45 35.01
N TRP C 161 -2.71 1.85 34.95
CA TRP C 161 -3.98 2.54 35.28
C TRP C 161 -4.36 2.35 36.75
N GLY C 162 -3.46 1.79 37.55
CA GLY C 162 -3.69 1.61 38.98
C GLY C 162 -4.52 0.42 39.44
N PHE C 163 -4.96 -0.44 38.52
CA PHE C 163 -5.77 -1.62 38.89
C PHE C 163 -4.89 -2.66 39.60
N PRO C 164 -5.40 -3.28 40.66
CA PRO C 164 -4.61 -4.36 41.25
C PRO C 164 -4.54 -5.47 40.20
N LEU C 165 -3.38 -6.07 40.04
CA LEU C 165 -3.16 -7.09 39.06
C LEU C 165 -2.65 -8.38 39.58
N ARG C 166 -3.10 -9.44 38.93
CA ARG C 166 -2.67 -10.79 39.30
C ARG C 166 -2.47 -11.60 38.06
N CYS C 167 -1.54 -12.52 38.12
CA CYS C 167 -1.28 -13.36 36.98
C CYS C 167 -1.15 -14.79 37.43
N TRP C 168 -1.45 -15.69 36.49
CA TRP C 168 -1.47 -17.10 36.71
C TRP C 168 -0.65 -17.76 35.62
N SER C 169 0.30 -18.60 36.03
CA SER C 169 1.18 -19.32 35.11
C SER C 169 1.74 -20.60 35.74
N ARG C 170 2.49 -21.36 34.95
CA ARG C 170 3.08 -22.59 35.46
C ARG C 170 4.34 -22.30 36.27
N SER C 171 4.89 -21.09 36.15
CA SER C 171 6.11 -20.74 36.89
C SER C 171 6.01 -19.34 37.50
N ARG C 172 6.71 -19.11 38.60
CA ARG C 172 6.64 -17.82 39.31
C ARG C 172 7.14 -16.63 38.49
N LYS C 173 6.43 -15.52 38.61
CA LYS C 173 6.78 -14.29 37.92
C LYS C 173 6.99 -13.21 38.93
N SER C 174 7.86 -12.27 38.61
CA SER C 174 8.10 -11.15 39.49
C SER C 174 8.03 -9.84 38.71
N TRP C 175 6.81 -9.33 38.55
CA TRP C 175 6.58 -8.08 37.86
C TRP C 175 6.09 -7.06 38.88
N PRO C 176 6.54 -5.80 38.78
CA PRO C 176 6.08 -4.85 39.78
C PRO C 176 4.59 -4.56 39.62
N GLY C 177 3.87 -4.46 40.75
CA GLY C 177 2.45 -4.20 40.73
C GLY C 177 1.60 -5.42 40.40
N VAL C 178 2.24 -6.56 40.09
CA VAL C 178 1.48 -7.76 39.76
C VAL C 178 1.76 -8.88 40.78
N GLU C 179 0.67 -9.50 41.23
CA GLU C 179 0.79 -10.61 42.15
C GLU C 179 0.80 -11.89 41.32
N SER C 180 1.77 -12.75 41.55
CA SER C 180 1.92 -13.97 40.74
C SER C 180 1.45 -15.21 41.46
N TYR C 181 0.57 -15.95 40.78
CA TYR C 181 0.00 -17.21 41.25
C TYR C 181 0.54 -18.31 40.35
N VAL C 182 0.95 -19.45 40.94
CA VAL C 182 1.55 -20.53 40.19
C VAL C 182 0.85 -21.86 40.33
N GLY C 183 0.49 -22.45 39.18
CA GLY C 183 -0.09 -23.80 39.15
C GLY C 183 -1.52 -23.94 39.65
N ARG C 184 -2.07 -25.14 39.43
CA ARG C 184 -3.44 -25.47 39.87
C ARG C 184 -3.58 -25.35 41.39
N GLU C 185 -2.47 -25.49 42.14
CA GLU C 185 -2.52 -25.36 43.59
C GLU C 185 -2.93 -23.96 44.00
N GLU C 186 -2.67 -22.97 43.15
CA GLU C 186 -2.97 -21.58 43.51
C GLU C 186 -4.02 -20.93 42.61
N LEU C 187 -4.77 -21.73 41.86
CA LEU C 187 -5.77 -21.16 40.95
C LEU C 187 -6.97 -20.60 41.70
N ARG C 188 -7.48 -21.33 42.68
CA ARG C 188 -8.62 -20.84 43.43
C ARG C 188 -8.33 -19.47 44.09
N ALA C 189 -7.13 -19.31 44.65
CA ALA C 189 -6.67 -18.07 45.31
C ALA C 189 -6.56 -16.99 44.26
N PHE C 190 -5.91 -17.31 43.15
CA PHE C 190 -5.83 -16.38 42.02
C PHE C 190 -7.21 -15.82 41.62
N LEU C 191 -8.19 -16.71 41.52
CA LEU C 191 -9.54 -16.34 41.03
C LEU C 191 -10.47 -15.61 42.02
N ASN C 192 -10.29 -15.94 43.29
CA ASN C 192 -11.12 -15.47 44.40
C ASN C 192 -11.51 -14.03 44.38
N GLN C 193 -10.54 -13.14 44.16
CA GLN C 193 -10.86 -11.72 44.06
C GLN C 193 -10.58 -11.09 42.68
N THR C 194 -10.54 -11.92 41.64
CA THR C 194 -10.32 -11.43 40.29
C THR C 194 -11.65 -10.92 39.75
N ARG C 195 -11.72 -9.63 39.44
CA ARG C 195 -12.93 -9.03 38.94
C ARG C 195 -13.00 -9.23 37.42
N VAL C 196 -11.91 -8.94 36.72
CA VAL C 196 -11.87 -9.14 35.27
C VAL C 196 -10.83 -10.19 34.98
N LEU C 197 -11.29 -11.34 34.47
CA LEU C 197 -10.42 -12.45 34.13
C LEU C 197 -10.10 -12.42 32.66
N ILE C 198 -8.82 -12.21 32.35
CA ILE C 198 -8.37 -12.17 30.96
C ILE C 198 -7.61 -13.44 30.63
N ASN C 199 -8.07 -14.15 29.61
CA ASN C 199 -7.45 -15.41 29.22
C ASN C 199 -6.56 -15.26 28.04
N LEU C 200 -5.28 -15.55 28.29
CA LEU C 200 -4.22 -15.55 27.30
C LEU C 200 -3.39 -16.83 27.40
N LEU C 201 -4.04 -17.95 27.73
CA LEU C 201 -3.34 -19.24 27.80
C LEU C 201 -3.23 -19.87 26.40
N PRO C 202 -2.32 -20.83 26.24
CA PRO C 202 -2.28 -21.54 25.00
C PRO C 202 -3.16 -22.76 25.14
N ASN C 203 -3.58 -23.33 24.00
CA ASN C 203 -4.38 -24.55 24.00
C ASN C 203 -3.47 -25.73 24.22
N THR C 204 -3.68 -26.43 25.32
CA THR C 204 -2.93 -27.64 25.63
C THR C 204 -3.87 -28.58 26.37
N ALA C 205 -3.47 -29.83 26.49
CA ALA C 205 -4.28 -30.84 27.18
C ALA C 205 -4.65 -30.36 28.59
N GLN C 206 -3.67 -29.77 29.28
CA GLN C 206 -3.89 -29.31 30.66
C GLN C 206 -4.91 -28.18 30.84
N THR C 207 -5.12 -27.38 29.80
CA THR C 207 -6.00 -26.19 29.89
C THR C 207 -7.34 -26.29 29.16
N VAL C 208 -7.51 -27.28 28.28
CA VAL C 208 -8.75 -27.43 27.54
C VAL C 208 -9.94 -27.41 28.47
N GLY C 209 -10.93 -26.55 28.19
CA GLY C 209 -12.12 -26.47 29.01
C GLY C 209 -11.95 -25.86 30.40
N ILE C 210 -10.83 -25.20 30.67
CA ILE C 210 -10.56 -24.66 32.00
C ILE C 210 -11.58 -23.65 32.52
N ILE C 211 -12.14 -22.85 31.63
CA ILE C 211 -13.16 -21.91 32.04
C ILE C 211 -14.51 -22.63 31.96
N ASN C 212 -14.84 -23.35 33.04
CA ASN C 212 -16.12 -24.08 33.17
C ASN C 212 -16.92 -23.54 34.35
N SER C 213 -18.03 -24.17 34.68
CA SER C 213 -18.84 -23.66 35.77
C SER C 213 -18.11 -23.75 37.11
N GLU C 214 -17.22 -24.74 37.24
CA GLU C 214 -16.44 -24.91 38.46
C GLU C 214 -15.42 -23.77 38.66
N LEU C 215 -14.78 -23.32 37.58
CA LEU C 215 -13.82 -22.17 37.65
C LEU C 215 -14.60 -20.88 37.86
N LEU C 216 -15.74 -20.76 37.17
CA LEU C 216 -16.58 -19.60 37.28
C LEU C 216 -17.11 -19.42 38.69
N ASP C 217 -17.38 -20.53 39.38
CA ASP C 217 -17.88 -20.46 40.76
C ASP C 217 -16.81 -19.89 41.73
N GLN C 218 -15.53 -19.98 41.34
CA GLN C 218 -14.44 -19.48 42.19
C GLN C 218 -14.20 -17.96 42.05
N LEU C 219 -14.80 -17.34 41.02
CA LEU C 219 -14.68 -15.88 40.83
C LEU C 219 -15.64 -15.20 41.79
N PRO C 220 -15.41 -13.91 42.07
CA PRO C 220 -16.40 -13.23 42.88
C PRO C 220 -17.62 -12.93 42.00
N ASP C 221 -18.74 -12.59 42.62
CA ASP C 221 -19.97 -12.23 41.87
C ASP C 221 -19.74 -10.93 41.18
N GLY C 222 -20.34 -10.74 40.01
CA GLY C 222 -20.19 -9.49 39.23
C GLY C 222 -18.87 -9.41 38.46
N ALA C 223 -18.25 -10.56 38.22
CA ALA C 223 -16.99 -10.63 37.48
C ALA C 223 -17.25 -10.56 35.97
N TYR C 224 -16.15 -10.55 35.21
CA TYR C 224 -16.19 -10.49 33.77
C TYR C 224 -15.15 -11.39 33.21
N VAL C 225 -15.40 -11.88 31.99
CA VAL C 225 -14.47 -12.75 31.31
C VAL C 225 -14.18 -12.18 29.94
N LEU C 226 -12.88 -12.02 29.65
CA LEU C 226 -12.36 -11.53 28.40
C LEU C 226 -11.54 -12.68 27.80
N ASN C 227 -12.09 -13.39 26.82
CA ASN C 227 -11.34 -14.52 26.25
C ASN C 227 -10.62 -14.13 24.99
N LEU C 228 -9.28 -14.11 25.10
CA LEU C 228 -8.40 -13.73 24.01
C LEU C 228 -7.50 -14.85 23.57
N ALA C 229 -7.70 -16.05 24.10
CA ALA C 229 -6.82 -17.17 23.82
C ALA C 229 -7.36 -18.09 22.73
N ARG C 230 -8.07 -19.16 23.15
CA ARG C 230 -8.65 -20.13 22.22
C ARG C 230 -10.06 -20.51 22.66
N GLY C 231 -10.90 -20.85 21.69
CA GLY C 231 -12.26 -21.22 21.99
C GLY C 231 -12.39 -22.45 22.87
N VAL C 232 -11.47 -23.40 22.76
CA VAL C 232 -11.53 -24.59 23.60
C VAL C 232 -11.39 -24.27 25.11
N HIS C 233 -11.00 -23.05 25.46
CA HIS C 233 -10.81 -22.70 26.85
C HIS C 233 -12.10 -22.46 27.58
N VAL C 234 -13.16 -22.11 26.87
CA VAL C 234 -14.42 -21.82 27.52
C VAL C 234 -15.51 -22.84 27.23
N GLN C 235 -16.08 -23.37 28.26
CA GLN C 235 -17.25 -24.18 28.17
C GLN C 235 -18.36 -23.16 27.99
N GLU C 236 -18.79 -23.01 26.75
CA GLU C 236 -19.79 -21.97 26.41
C GLU C 236 -21.15 -21.98 27.12
N ALA C 237 -21.69 -23.16 27.42
CA ALA C 237 -22.98 -23.23 28.13
C ALA C 237 -22.75 -22.82 29.59
N ASP C 238 -21.58 -23.16 30.11
CA ASP C 238 -21.21 -22.80 31.48
C ASP C 238 -21.07 -21.27 31.59
N LEU C 239 -20.56 -20.62 30.56
CA LEU C 239 -20.42 -19.16 30.59
C LEU C 239 -21.82 -18.52 30.63
N LEU C 240 -22.67 -18.95 29.72
CA LEU C 240 -24.06 -18.42 29.62
C LEU C 240 -24.84 -18.54 30.93
N ALA C 241 -24.74 -19.69 31.58
CA ALA C 241 -25.42 -19.87 32.87
C ALA C 241 -24.87 -18.91 33.95
N ALA C 242 -23.58 -18.60 33.89
CA ALA C 242 -22.95 -17.73 34.90
C ALA C 242 -23.37 -16.29 34.68
N LEU C 243 -23.50 -15.94 33.40
CA LEU C 243 -24.01 -14.63 33.03
C LEU C 243 -25.45 -14.45 33.50
N ASP C 244 -26.25 -15.51 33.42
CA ASP C 244 -27.67 -15.42 33.83
C ASP C 244 -27.94 -15.62 35.34
N SER C 245 -26.97 -16.12 36.09
CA SER C 245 -27.15 -16.32 37.52
C SER C 245 -26.66 -15.11 38.29
N GLY C 246 -25.96 -14.21 37.59
CA GLY C 246 -25.37 -13.03 38.20
C GLY C 246 -23.89 -13.19 38.52
N LYS C 247 -23.41 -14.43 38.52
CA LYS C 247 -21.99 -14.71 38.80
C LYS C 247 -21.12 -13.79 37.94
N LEU C 248 -21.45 -13.73 36.65
CA LEU C 248 -20.75 -12.87 35.71
C LEU C 248 -21.65 -11.73 35.31
N LYS C 249 -21.05 -10.56 35.25
CA LYS C 249 -21.71 -9.34 34.83
C LYS C 249 -21.65 -9.23 33.30
N GLY C 250 -20.52 -9.65 32.74
CA GLY C 250 -20.30 -9.58 31.30
C GLY C 250 -19.13 -10.39 30.79
N ALA C 251 -19.02 -10.47 29.48
CA ALA C 251 -17.96 -11.21 28.86
C ALA C 251 -17.70 -10.64 27.51
N MSE C 252 -16.46 -10.78 27.08
CA MSE C 252 -16.07 -10.38 25.73
C MSE C 252 -15.24 -11.51 25.19
O MSE C 252 -14.25 -11.92 25.82
CB MSE C 252 -15.30 -9.08 25.68
CG MSE C 252 -15.08 -8.59 24.25
SE MSE C 252 -14.93 -6.64 24.12
CE MSE C 252 -14.67 -6.54 22.21
N LEU C 253 -15.61 -11.99 24.01
CA LEU C 253 -14.96 -13.15 23.41
C LEU C 253 -14.49 -12.84 22.01
N ASP C 254 -13.26 -13.26 21.70
CA ASP C 254 -12.68 -13.10 20.38
C ASP C 254 -12.39 -14.48 19.77
N VAL C 255 -12.71 -15.54 20.49
CA VAL C 255 -12.50 -16.90 20.02
C VAL C 255 -13.66 -17.79 20.46
N PHE C 256 -13.94 -18.84 19.71
CA PHE C 256 -15.08 -19.69 20.02
C PHE C 256 -14.90 -21.21 19.75
N SER C 257 -15.87 -21.99 20.21
CA SER C 257 -15.88 -23.44 20.02
C SER C 257 -15.73 -23.79 18.53
N GLN C 258 -16.39 -23.00 17.69
CA GLN C 258 -16.32 -23.14 16.24
C GLN C 258 -16.28 -21.74 15.63
N GLU C 259 -15.37 -21.54 14.69
CA GLU C 259 -15.27 -20.25 14.01
C GLU C 259 -15.39 -20.52 12.51
N PRO C 260 -16.37 -19.90 11.84
CA PRO C 260 -17.38 -18.96 12.33
C PRO C 260 -18.34 -19.56 13.37
N LEU C 261 -18.67 -18.79 14.40
CA LEU C 261 -19.62 -19.28 15.40
C LEU C 261 -20.92 -19.54 14.67
N PRO C 262 -21.52 -20.73 14.84
CA PRO C 262 -22.81 -21.03 14.20
C PRO C 262 -23.98 -20.14 14.69
N GLN C 263 -24.96 -19.92 13.81
CA GLN C 263 -26.13 -19.10 14.11
C GLN C 263 -26.89 -19.51 15.36
N GLU C 264 -26.98 -20.82 15.59
CA GLU C 264 -27.73 -21.36 16.72
C GLU C 264 -27.16 -21.06 18.11
N SER C 265 -25.86 -20.72 18.20
CA SER C 265 -25.23 -20.39 19.48
C SER C 265 -25.96 -19.25 20.19
N PRO C 266 -26.31 -19.45 21.46
CA PRO C 266 -26.99 -18.37 22.14
C PRO C 266 -26.12 -17.19 22.51
N LEU C 267 -24.82 -17.25 22.20
CA LEU C 267 -23.88 -16.16 22.50
C LEU C 267 -24.20 -14.96 21.64
N TRP C 268 -24.55 -15.21 20.39
CA TRP C 268 -24.92 -14.14 19.46
C TRP C 268 -25.94 -13.21 20.07
N ARG C 269 -26.97 -13.79 20.68
CA ARG C 269 -28.08 -13.01 21.25
C ARG C 269 -27.94 -12.53 22.70
N HIS C 270 -26.99 -13.08 23.47
CA HIS C 270 -26.85 -12.64 24.84
C HIS C 270 -26.29 -11.22 24.76
N PRO C 271 -27.00 -10.25 25.33
CA PRO C 271 -26.62 -8.87 25.21
C PRO C 271 -25.44 -8.39 26.11
N ARG C 272 -24.97 -9.24 27.01
CA ARG C 272 -23.83 -8.94 27.89
C ARG C 272 -22.62 -9.75 27.46
N VAL C 273 -22.70 -10.32 26.27
CA VAL C 273 -21.59 -11.05 25.68
C VAL C 273 -21.20 -10.37 24.37
N ALA C 274 -20.19 -9.50 24.41
CA ALA C 274 -19.71 -8.84 23.20
C ALA C 274 -18.74 -9.79 22.48
N MSE C 275 -18.72 -9.74 21.15
CA MSE C 275 -17.90 -10.67 20.37
C MSE C 275 -17.19 -10.00 19.21
O MSE C 275 -17.71 -9.04 18.61
CB MSE C 275 -18.76 -11.78 19.75
CG MSE C 275 -20.19 -11.91 20.25
SE MSE C 275 -21.08 -13.61 19.72
CE MSE C 275 -20.04 -14.07 18.16
N THR C 276 -16.01 -10.55 18.89
CA THR C 276 -15.23 -10.13 17.74
C THR C 276 -14.77 -11.41 17.06
N PRO C 277 -14.73 -11.43 15.71
CA PRO C 277 -14.41 -12.64 14.90
C PRO C 277 -12.93 -12.99 14.79
N HIS C 278 -12.35 -13.46 15.89
CA HIS C 278 -10.95 -13.83 15.96
C HIS C 278 -10.04 -12.82 15.24
N ILE C 279 -10.00 -11.60 15.76
CA ILE C 279 -9.15 -10.52 15.23
C ILE C 279 -8.37 -9.72 16.30
N ALA C 280 -8.21 -10.27 17.50
CA ALA C 280 -7.55 -9.53 18.57
C ALA C 280 -6.09 -9.10 18.28
N ALA C 281 -5.29 -9.96 17.70
CA ALA C 281 -3.92 -9.61 17.41
C ALA C 281 -3.32 -10.42 16.25
N VAL C 282 -2.98 -9.73 15.17
CA VAL C 282 -2.38 -10.39 14.02
C VAL C 282 -0.93 -9.91 13.89
N THR C 283 -0.05 -10.80 13.44
CA THR C 283 1.37 -10.44 13.31
C THR C 283 1.54 -9.33 12.27
N ARG C 284 2.54 -8.47 12.53
CA ARG C 284 2.86 -7.40 11.63
C ARG C 284 3.99 -7.98 10.78
N PRO C 285 3.70 -8.17 9.47
CA PRO C 285 4.66 -8.85 8.57
C PRO C 285 6.07 -8.37 8.67
N ALA C 286 6.26 -7.06 8.67
CA ALA C 286 7.59 -6.50 8.75
C ALA C 286 8.30 -6.93 10.02
N GLU C 287 7.56 -7.01 11.14
CA GLU C 287 8.19 -7.43 12.41
C GLU C 287 8.47 -8.93 12.39
N ALA C 288 7.58 -9.70 11.76
CA ALA C 288 7.82 -11.13 11.67
C ALA C 288 9.06 -11.42 10.81
N ILE C 289 9.26 -10.67 9.73
CA ILE C 289 10.42 -10.89 8.85
C ILE C 289 11.69 -10.56 9.61
N ASP C 290 11.65 -9.51 10.41
CA ASP C 290 12.85 -9.14 11.16
C ASP C 290 13.27 -10.23 12.14
N TYR C 291 12.33 -10.75 12.92
CA TYR C 291 12.65 -11.84 13.86
C TYR C 291 13.13 -13.11 13.15
N ILE C 292 12.36 -13.56 12.16
CA ILE C 292 12.70 -14.77 11.41
C ILE C 292 14.09 -14.58 10.79
N SER C 293 14.23 -13.46 10.07
CA SER C 293 15.47 -13.05 9.47
C SER C 293 16.65 -13.15 10.46
N ARG C 294 16.63 -12.36 11.52
CA ARG C 294 17.69 -12.35 12.54
C ARG C 294 17.92 -13.72 13.17
N THR C 295 16.84 -14.44 13.46
CA THR C 295 16.99 -15.77 14.07
C THR C 295 17.74 -16.67 13.13
N ILE C 296 17.36 -16.63 11.85
CA ILE C 296 18.02 -17.45 10.84
C ILE C 296 19.49 -17.10 10.72
N THR C 297 19.81 -15.80 10.68
CA THR C 297 21.21 -15.40 10.56
C THR C 297 22.04 -15.89 11.76
N GLN C 298 21.44 -15.89 12.96
N GLN C 298 21.45 -15.90 12.96
CA GLN C 298 22.14 -16.40 14.15
CA GLN C 298 22.17 -16.40 14.13
C GLN C 298 22.38 -17.90 14.05
C GLN C 298 22.39 -17.91 14.06
N LEU C 299 21.38 -18.65 13.61
CA LEU C 299 21.51 -20.11 13.47
C LEU C 299 22.58 -20.44 12.43
N GLU C 300 22.65 -19.63 11.37
CA GLU C 300 23.65 -19.84 10.30
C GLU C 300 25.08 -19.61 10.80
N LYS C 301 25.25 -18.73 11.78
CA LYS C 301 26.58 -18.51 12.39
C LYS C 301 26.85 -19.53 13.51
N GLY C 302 25.82 -20.28 13.91
CA GLY C 302 25.98 -21.28 14.97
C GLY C 302 25.75 -20.72 16.37
N GLU C 303 25.19 -19.51 16.45
CA GLU C 303 24.93 -18.88 17.74
C GLU C 303 23.60 -19.34 18.34
N PRO C 304 23.55 -19.39 19.67
CA PRO C 304 22.32 -19.82 20.33
C PRO C 304 21.20 -18.82 20.18
N VAL C 305 19.97 -19.33 20.25
CA VAL C 305 18.78 -18.50 20.20
C VAL C 305 17.66 -19.17 21.01
N THR C 306 16.57 -18.45 21.23
CA THR C 306 15.31 -18.93 21.80
C THR C 306 14.31 -18.23 20.87
N GLY C 307 12.99 -18.35 21.03
CA GLY C 307 12.37 -19.28 21.93
C GLY C 307 11.70 -20.33 21.07
N GLN C 308 12.22 -21.53 21.18
CA GLN C 308 11.74 -22.66 20.46
C GLN C 308 10.56 -23.21 21.23
N VAL C 309 9.60 -23.79 20.53
CA VAL C 309 8.51 -24.44 21.21
C VAL C 309 9.10 -25.67 21.97
N ASP C 310 8.47 -26.03 23.09
CA ASP C 310 8.86 -27.21 23.88
C ASP C 310 7.80 -28.22 23.49
N ARG C 311 8.14 -29.12 22.55
CA ARG C 311 7.16 -30.09 22.08
C ARG C 311 6.66 -30.97 23.23
N ALA C 312 7.52 -31.24 24.21
CA ALA C 312 7.12 -32.03 25.37
C ALA C 312 5.98 -31.36 26.16
N ARG C 313 6.15 -30.09 26.54
CA ARG C 313 5.11 -29.40 27.33
C ARG C 313 3.91 -29.01 26.46
N GLY C 314 4.14 -28.82 25.17
CA GLY C 314 3.06 -28.54 24.24
C GLY C 314 2.73 -27.08 23.98
N TYR C 315 3.67 -26.20 24.25
CA TYR C 315 3.50 -24.77 23.99
C TYR C 315 4.84 -24.11 24.12
N MSE D 4 5.20 29.20 8.24
CA MSE D 4 4.70 29.48 6.87
C MSE D 4 3.43 28.66 6.59
O MSE D 4 3.30 27.53 7.10
CB MSE D 4 5.77 29.15 5.82
CG MSE D 4 6.00 27.66 5.61
SE MSE D 4 7.26 27.14 4.18
CE MSE D 4 8.99 27.68 4.95
N GLU D 5 2.49 29.23 5.85
CA GLU D 5 1.26 28.50 5.50
C GLU D 5 1.36 28.01 4.07
N ILE D 6 0.76 26.85 3.83
CA ILE D 6 0.73 26.24 2.51
C ILE D 6 -0.64 25.63 2.31
N ILE D 7 -1.25 25.93 1.17
CA ILE D 7 -2.54 25.35 0.80
C ILE D 7 -2.30 24.31 -0.28
N PHE D 8 -3.16 23.30 -0.34
CA PHE D 8 -3.01 22.24 -1.32
C PHE D 8 -4.35 21.92 -1.94
N TYR D 9 -4.35 21.70 -3.26
CA TYR D 9 -5.55 21.32 -3.97
C TYR D 9 -5.21 20.41 -5.12
N HIS D 10 -5.99 19.35 -5.25
CA HIS D 10 -5.84 18.39 -6.32
C HIS D 10 -7.11 17.56 -6.33
N PRO D 11 -7.80 17.47 -7.47
CA PRO D 11 -9.08 16.76 -7.52
C PRO D 11 -9.03 15.23 -7.39
N THR D 12 -7.87 14.62 -7.54
CA THR D 12 -7.78 13.15 -7.47
C THR D 12 -6.78 12.59 -6.45
N PHE D 13 -5.72 13.33 -6.13
CA PHE D 13 -4.74 12.84 -5.18
C PHE D 13 -5.22 12.86 -3.73
N ASN D 14 -4.60 12.01 -2.91
CA ASN D 14 -4.92 11.94 -1.50
C ASN D 14 -4.30 13.14 -0.78
N ALA D 15 -5.11 14.13 -0.48
CA ALA D 15 -4.64 15.32 0.20
C ALA D 15 -3.93 14.96 1.49
N ALA D 16 -4.50 14.02 2.24
CA ALA D 16 -3.93 13.62 3.53
C ALA D 16 -2.45 13.20 3.39
N TRP D 17 -2.15 12.44 2.34
CA TRP D 17 -0.78 11.97 2.13
C TRP D 17 0.17 13.14 1.86
N TRP D 18 -0.24 14.03 0.97
CA TRP D 18 0.58 15.18 0.62
C TRP D 18 0.74 16.14 1.80
N VAL D 19 -0.33 16.31 2.58
CA VAL D 19 -0.28 17.14 3.78
C VAL D 19 0.81 16.66 4.71
N ASN D 20 0.81 15.36 5.03
CA ASN D 20 1.82 14.81 5.91
C ASN D 20 3.21 14.84 5.31
N ALA D 21 3.31 14.42 4.05
CA ALA D 21 4.60 14.39 3.35
C ALA D 21 5.29 15.75 3.36
N LEU D 22 4.54 16.81 3.03
CA LEU D 22 5.11 18.16 2.95
C LEU D 22 5.51 18.71 4.32
N GLU D 23 4.66 18.47 5.31
CA GLU D 23 4.96 18.91 6.68
C GLU D 23 6.19 18.18 7.19
N LYS D 24 6.31 16.91 6.83
CA LYS D 24 7.49 16.14 7.19
C LYS D 24 8.73 16.72 6.50
N ALA D 25 8.59 17.15 5.25
CA ALA D 25 9.73 17.71 4.49
C ALA D 25 10.08 19.13 4.93
N LEU D 26 9.06 19.88 5.36
CA LEU D 26 9.22 21.25 5.81
C LEU D 26 8.69 21.37 7.24
N PRO D 27 9.52 21.01 8.24
CA PRO D 27 9.06 20.98 9.66
C PRO D 27 8.53 22.31 10.17
N HIS D 28 9.03 23.38 9.57
CA HIS D 28 8.61 24.74 9.90
C HIS D 28 7.18 25.04 9.38
N ALA D 29 6.65 24.20 8.49
CA ALA D 29 5.37 24.52 7.83
C ALA D 29 4.04 23.95 8.32
N ARG D 30 2.99 24.74 8.02
CA ARG D 30 1.63 24.39 8.31
C ARG D 30 0.91 24.21 6.97
N VAL D 31 0.72 22.97 6.57
CA VAL D 31 0.09 22.66 5.30
C VAL D 31 -1.36 22.29 5.51
N ARG D 32 -2.24 22.68 4.60
CA ARG D 32 -3.65 22.35 4.74
C ARG D 32 -4.30 22.15 3.38
N GLU D 33 -5.31 21.29 3.33
CA GLU D 33 -6.08 21.10 2.10
C GLU D 33 -7.02 22.28 1.91
N TRP D 34 -6.98 22.89 0.73
CA TRP D 34 -7.86 24.01 0.41
C TRP D 34 -9.24 23.52 -0.02
N LYS D 35 -10.25 24.31 0.29
CA LYS D 35 -11.61 24.06 -0.14
C LYS D 35 -12.46 25.31 0.06
N VAL D 36 -13.50 25.43 -0.77
CA VAL D 36 -14.39 26.60 -0.76
C VAL D 36 -14.59 27.14 0.65
N GLY D 37 -14.38 28.45 0.81
CA GLY D 37 -14.53 29.10 2.10
C GLY D 37 -13.19 29.37 2.77
N ASP D 38 -12.14 28.71 2.28
CA ASP D 38 -10.82 28.87 2.85
C ASP D 38 -10.21 30.15 2.26
N ASN D 39 -10.43 31.26 2.98
CA ASN D 39 -9.93 32.58 2.59
C ASN D 39 -8.90 33.11 3.59
N ASN D 40 -8.37 32.20 4.41
CA ASN D 40 -7.35 32.55 5.39
C ASN D 40 -6.03 32.67 4.65
N PRO D 41 -5.08 33.47 5.17
CA PRO D 41 -3.79 33.68 4.50
C PRO D 41 -3.00 32.40 4.14
N ALA D 42 -2.05 32.56 3.23
CA ALA D 42 -1.18 31.47 2.78
C ALA D 42 0.03 32.08 2.13
N ASP D 43 1.15 31.36 2.18
CA ASP D 43 2.39 31.81 1.53
C ASP D 43 2.62 31.09 0.21
N TYR D 44 2.25 29.82 0.14
CA TYR D 44 2.43 29.01 -1.06
C TYR D 44 1.19 28.15 -1.33
N ALA D 45 1.06 27.75 -2.58
CA ALA D 45 -0.05 26.94 -3.01
C ALA D 45 0.46 25.85 -3.97
N LEU D 46 0.01 24.62 -3.76
CA LEU D 46 0.32 23.47 -4.59
C LEU D 46 -0.98 23.16 -5.27
N VAL D 47 -0.98 23.16 -6.62
CA VAL D 47 -2.22 23.04 -7.37
C VAL D 47 -2.25 22.18 -8.63
N TRP D 48 -3.49 21.84 -8.99
CA TRP D 48 -3.80 21.14 -10.20
C TRP D 48 -5.30 21.36 -10.43
N GLN D 49 -5.65 22.02 -11.53
CA GLN D 49 -7.06 22.33 -11.88
C GLN D 49 -7.78 23.10 -10.78
N PRO D 50 -7.14 24.16 -10.26
CA PRO D 50 -7.68 24.96 -9.18
C PRO D 50 -8.84 25.87 -9.58
N PRO D 51 -9.87 25.96 -8.73
CA PRO D 51 -10.93 26.90 -9.04
C PRO D 51 -10.41 28.32 -8.92
N VAL D 52 -11.02 29.24 -9.65
CA VAL D 52 -10.59 30.63 -9.62
C VAL D 52 -10.67 31.23 -8.21
N GLU D 53 -11.72 30.87 -7.45
CA GLU D 53 -11.88 31.41 -6.10
C GLU D 53 -10.73 31.03 -5.16
N MSE D 54 -9.96 30.01 -5.53
CA MSE D 54 -8.84 29.60 -4.71
C MSE D 54 -7.72 30.65 -4.69
O MSE D 54 -7.40 31.19 -3.64
CB MSE D 54 -8.29 28.23 -5.14
CG MSE D 54 -7.07 27.77 -4.30
SE MSE D 54 -6.54 25.94 -4.70
CE MSE D 54 -4.82 25.92 -3.71
N LEU D 55 -7.15 30.96 -5.86
CA LEU D 55 -6.02 31.90 -5.92
C LEU D 55 -6.42 33.38 -6.02
N ALA D 56 -7.64 33.63 -6.49
CA ALA D 56 -8.16 34.99 -6.68
C ALA D 56 -7.78 36.02 -5.62
N GLY D 57 -6.96 36.97 -6.04
CA GLY D 57 -6.52 38.07 -5.17
C GLY D 57 -5.62 37.70 -4.03
N ARG D 58 -5.15 36.45 -3.99
CA ARG D 58 -4.28 36.01 -2.92
C ARG D 58 -2.86 36.55 -3.05
N ARG D 59 -2.26 36.84 -1.91
CA ARG D 59 -0.88 37.28 -1.81
C ARG D 59 -0.08 35.98 -1.58
N LEU D 60 0.55 35.46 -2.62
CA LEU D 60 1.33 34.22 -2.51
C LEU D 60 2.77 34.47 -2.94
N LYS D 61 3.73 33.82 -2.28
CA LYS D 61 5.14 33.93 -2.65
C LYS D 61 5.44 33.07 -3.90
N ALA D 62 4.72 31.96 -4.04
CA ALA D 62 4.87 31.08 -5.22
C ALA D 62 3.72 30.11 -5.33
N VAL D 63 3.48 29.67 -6.56
CA VAL D 63 2.47 28.65 -6.83
C VAL D 63 3.10 27.49 -7.61
N PHE D 64 2.99 26.30 -7.02
CA PHE D 64 3.52 25.06 -7.57
C PHE D 64 2.45 24.25 -8.27
N VAL D 65 2.64 24.03 -9.57
CA VAL D 65 1.72 23.23 -10.35
C VAL D 65 2.21 21.81 -10.24
N LEU D 66 1.33 20.90 -9.85
CA LEU D 66 1.67 19.51 -9.57
C LEU D 66 1.83 18.56 -10.75
N GLY D 67 2.23 19.10 -11.89
CA GLY D 67 2.46 18.29 -13.09
C GLY D 67 3.49 18.96 -13.98
N ALA D 68 3.69 18.39 -15.17
CA ALA D 68 4.60 18.94 -16.17
C ALA D 68 3.90 20.00 -17.01
N GLY D 69 2.62 19.75 -17.31
CA GLY D 69 1.84 20.68 -18.11
C GLY D 69 1.33 21.78 -17.24
N VAL D 70 1.20 22.98 -17.81
CA VAL D 70 0.68 24.14 -17.09
C VAL D 70 -0.38 24.85 -17.96
N ASP D 71 -0.80 24.20 -19.04
CA ASP D 71 -1.81 24.76 -19.93
C ASP D 71 -3.17 24.93 -19.27
N ALA D 72 -3.53 24.00 -18.40
CA ALA D 72 -4.82 24.07 -17.71
C ALA D 72 -4.92 25.40 -17.01
N ILE D 73 -3.99 25.62 -16.08
CA ILE D 73 -3.97 26.83 -15.27
C ILE D 73 -3.67 28.10 -16.09
N LEU D 74 -2.85 28.00 -17.13
CA LEU D 74 -2.56 29.18 -17.96
C LEU D 74 -3.76 29.61 -18.81
N SER D 75 -4.63 28.66 -19.18
CA SER D 75 -5.86 28.99 -19.93
C SER D 75 -6.85 29.68 -18.99
N LYS D 76 -6.90 29.23 -17.73
CA LYS D 76 -7.79 29.85 -16.74
C LYS D 76 -7.29 31.27 -16.47
N LEU D 77 -5.99 31.41 -16.28
CA LEU D 77 -5.37 32.71 -16.02
C LEU D 77 -5.59 33.69 -17.17
N ASN D 78 -5.87 33.15 -18.36
CA ASN D 78 -6.13 34.00 -19.52
C ASN D 78 -7.62 34.41 -19.58
N ALA D 79 -8.53 33.50 -19.23
CA ALA D 79 -9.98 33.81 -19.21
C ALA D 79 -10.39 34.50 -17.89
N HIS D 80 -9.51 34.44 -16.89
CA HIS D 80 -9.75 35.08 -15.58
C HIS D 80 -8.45 35.66 -15.04
N PRO D 81 -8.01 36.80 -15.60
CA PRO D 81 -6.75 37.39 -15.13
C PRO D 81 -6.73 37.80 -13.63
N GLU D 82 -7.89 37.79 -12.97
CA GLU D 82 -7.97 38.15 -11.54
C GLU D 82 -7.57 37.00 -10.63
N MSE D 83 -7.37 35.81 -11.21
CA MSE D 83 -7.01 34.61 -10.45
C MSE D 83 -5.61 34.72 -9.83
O MSE D 83 -5.48 34.57 -8.61
CB MSE D 83 -7.08 33.37 -11.37
CG MSE D 83 -6.81 32.04 -10.67
SE MSE D 83 -6.93 30.55 -11.93
CE MSE D 83 -6.52 29.06 -10.75
N LEU D 84 -4.60 34.97 -10.65
CA LEU D 84 -3.22 35.06 -10.16
C LEU D 84 -2.58 36.36 -10.61
N ASP D 85 -2.05 37.14 -9.67
CA ASP D 85 -1.41 38.39 -10.06
C ASP D 85 -0.06 38.07 -10.70
N ALA D 86 0.28 38.82 -11.75
CA ALA D 86 1.51 38.63 -12.53
C ALA D 86 2.81 38.60 -11.71
N SER D 87 2.78 39.11 -10.49
CA SER D 87 4.00 39.13 -9.62
C SER D 87 4.29 37.78 -8.97
N ILE D 88 3.29 36.92 -8.92
CA ILE D 88 3.41 35.61 -8.29
C ILE D 88 4.10 34.59 -9.21
N PRO D 89 5.34 34.19 -8.89
CA PRO D 89 6.02 33.19 -9.73
C PRO D 89 5.29 31.85 -9.72
N LEU D 90 5.38 31.13 -10.85
CA LEU D 90 4.67 29.87 -11.04
C LEU D 90 5.70 28.78 -11.31
N PHE D 91 5.52 27.61 -10.72
CA PHE D 91 6.44 26.50 -10.91
C PHE D 91 5.71 25.27 -11.40
N ARG D 92 6.48 24.34 -11.94
CA ARG D 92 5.93 23.08 -12.47
C ARG D 92 6.90 21.96 -12.12
N LEU D 93 6.51 20.71 -12.38
CA LEU D 93 7.36 19.56 -12.08
C LEU D 93 8.17 19.17 -13.31
N GLU D 94 9.49 19.24 -13.18
CA GLU D 94 10.39 18.88 -14.25
C GLU D 94 10.89 17.49 -13.95
N ASP D 95 10.52 16.54 -14.81
CA ASP D 95 10.85 15.12 -14.66
C ASP D 95 10.15 14.53 -13.41
N THR D 96 10.85 14.44 -12.28
CA THR D 96 10.31 13.84 -11.06
C THR D 96 9.75 12.44 -11.32
N GLY D 97 10.46 11.68 -12.15
CA GLY D 97 10.09 10.30 -12.50
C GLY D 97 9.31 10.15 -13.78
N MSE D 98 8.84 11.27 -14.36
CA MSE D 98 8.08 11.19 -15.59
C MSE D 98 9.03 10.92 -16.76
O MSE D 98 8.61 10.43 -17.80
CB MSE D 98 7.23 12.47 -15.80
CG MSE D 98 6.13 12.58 -14.79
SE MSE D 98 4.95 14.13 -14.98
CE MSE D 98 6.24 15.37 -14.24
N GLY D 99 10.30 11.23 -16.56
CA GLY D 99 11.28 11.01 -17.60
C GLY D 99 11.31 9.53 -17.98
N LEU D 100 11.49 8.67 -16.96
CA LEU D 100 11.57 7.23 -17.14
C LEU D 100 10.33 6.63 -17.74
N GLN D 101 9.17 7.13 -17.31
CA GLN D 101 7.88 6.63 -17.81
C GLN D 101 7.66 6.94 -19.30
N MSE D 102 8.14 8.10 -19.74
CA MSE D 102 8.08 8.47 -21.14
C MSE D 102 9.05 7.61 -21.94
O MSE D 102 8.73 7.19 -23.07
CB MSE D 102 8.39 9.96 -21.35
CG MSE D 102 7.29 10.92 -20.97
SE MSE D 102 5.56 10.49 -21.72
CE MSE D 102 4.55 11.98 -21.04
N GLN D 103 10.24 7.33 -21.39
CA GLN D 103 11.18 6.42 -22.04
C GLN D 103 10.57 5.01 -22.21
N GLU D 104 9.91 4.48 -21.19
CA GLU D 104 9.23 3.16 -21.27
C GLU D 104 8.23 3.11 -22.42
N TYR D 105 7.32 4.07 -22.42
CA TYR D 105 6.27 4.15 -23.40
C TYR D 105 6.82 4.25 -24.84
N ALA D 106 7.76 5.17 -25.04
CA ALA D 106 8.33 5.45 -26.36
C ALA D 106 9.19 4.32 -26.93
N VAL D 107 10.12 3.82 -26.13
CA VAL D 107 10.96 2.70 -26.53
C VAL D 107 10.10 1.47 -26.82
N SER D 108 9.15 1.16 -25.94
CA SER D 108 8.28 0.04 -26.22
C SER D 108 7.61 0.18 -27.57
N GLN D 109 6.89 1.29 -27.77
CA GLN D 109 6.09 1.49 -28.99
C GLN D 109 6.89 1.76 -30.29
N VAL D 110 7.99 2.48 -30.22
CA VAL D 110 8.80 2.67 -31.44
C VAL D 110 9.38 1.31 -31.91
N LEU D 111 9.70 0.44 -30.96
CA LEU D 111 10.20 -0.89 -31.28
C LEU D 111 9.06 -1.75 -31.85
N HIS D 112 7.89 -1.63 -31.26
CA HIS D 112 6.70 -2.35 -31.70
C HIS D 112 6.39 -2.09 -33.18
N TRP D 113 6.38 -0.83 -33.59
CA TRP D 113 6.09 -0.48 -34.99
C TRP D 113 7.23 -0.88 -35.91
N PHE D 114 8.47 -0.68 -35.45
CA PHE D 114 9.62 -1.05 -36.25
C PHE D 114 9.70 -2.55 -36.58
N ARG D 115 9.21 -3.38 -35.66
CA ARG D 115 9.22 -4.83 -35.82
C ARG D 115 7.90 -5.29 -36.41
N ARG D 116 7.03 -4.31 -36.69
CA ARG D 116 5.75 -4.51 -37.34
C ARG D 116 4.77 -5.38 -36.59
N PHE D 117 4.79 -5.28 -35.26
CA PHE D 117 3.88 -6.10 -34.46
C PHE D 117 2.44 -5.68 -34.65
N ASP D 118 2.25 -4.46 -35.14
CA ASP D 118 0.91 -3.94 -35.42
C ASP D 118 0.30 -4.72 -36.60
N ASP D 119 1.13 -4.96 -37.62
CA ASP D 119 0.70 -5.72 -38.80
C ASP D 119 0.50 -7.16 -38.42
N TYR D 120 1.43 -7.69 -37.63
CA TYR D 120 1.33 -9.07 -37.22
C TYR D 120 0.09 -9.32 -36.36
N GLN D 121 -0.41 -8.31 -35.68
CA GLN D 121 -1.64 -8.48 -34.89
C GLN D 121 -2.84 -8.40 -35.85
N ALA D 122 -2.73 -7.56 -36.87
CA ALA D 122 -3.78 -7.44 -37.87
C ALA D 122 -3.93 -8.82 -38.50
N LEU D 123 -2.83 -9.26 -39.11
CA LEU D 123 -2.75 -10.56 -39.76
C LEU D 123 -3.20 -11.71 -38.88
N LYS D 124 -3.02 -11.58 -37.57
CA LYS D 124 -3.45 -12.63 -36.67
C LYS D 124 -4.96 -12.68 -36.59
N ASN D 125 -5.58 -11.52 -36.42
CA ASN D 125 -7.02 -11.43 -36.27
C ASN D 125 -7.81 -11.98 -37.47
N GLN D 126 -7.15 -12.05 -38.62
CA GLN D 126 -7.74 -12.64 -39.82
C GLN D 126 -7.43 -14.16 -39.83
N ALA D 127 -6.35 -14.54 -39.15
CA ALA D 127 -5.91 -15.94 -39.10
C ALA D 127 -5.04 -16.18 -40.33
N LEU D 128 -4.17 -15.22 -40.61
CA LEU D 128 -3.30 -15.24 -41.78
C LEU D 128 -1.81 -15.18 -41.45
N TRP D 129 -1.14 -16.31 -41.63
CA TRP D 129 0.29 -16.45 -41.41
C TRP D 129 1.01 -15.81 -42.57
N LYS D 130 1.64 -14.66 -42.35
CA LYS D 130 2.35 -13.99 -43.46
C LYS D 130 3.57 -13.17 -43.02
N PRO D 131 4.77 -13.74 -43.18
CA PRO D 131 5.97 -12.98 -42.86
C PRO D 131 6.02 -11.64 -43.60
N LEU D 132 6.78 -10.71 -43.06
CA LEU D 132 6.86 -9.38 -43.64
C LEU D 132 8.29 -8.90 -43.66
N PRO D 133 8.67 -8.17 -44.72
CA PRO D 133 10.04 -7.63 -44.84
C PRO D 133 10.37 -6.69 -43.70
N GLU D 134 11.63 -6.71 -43.28
CA GLU D 134 12.07 -5.90 -42.18
C GLU D 134 12.21 -4.48 -42.66
N TYR D 135 11.99 -3.54 -41.75
CA TYR D 135 12.27 -2.17 -42.06
C TYR D 135 13.71 -2.02 -41.67
N THR D 136 14.39 -1.09 -42.33
CA THR D 136 15.75 -0.81 -42.04
C THR D 136 15.74 0.30 -40.98
N ARG D 137 16.86 0.53 -40.30
CA ARG D 137 16.92 1.61 -39.31
C ARG D 137 17.03 2.98 -39.97
N GLU D 138 17.68 3.02 -41.13
CA GLU D 138 17.88 4.26 -41.86
C GLU D 138 16.55 4.86 -42.34
N GLU D 139 15.55 4.02 -42.55
CA GLU D 139 14.24 4.50 -42.97
C GLU D 139 13.29 4.67 -41.80
N PHE D 140 13.79 4.51 -40.58
CA PHE D 140 12.89 4.56 -39.45
C PHE D 140 13.32 5.64 -38.46
N SER D 141 13.43 6.86 -38.99
CA SER D 141 13.83 7.98 -38.19
C SER D 141 12.80 8.36 -37.17
N VAL D 142 13.27 8.83 -36.03
CA VAL D 142 12.34 9.25 -34.99
C VAL D 142 12.42 10.76 -34.85
N GLY D 143 11.26 11.38 -35.06
CA GLY D 143 11.13 12.84 -34.93
C GLY D 143 10.37 13.16 -33.65
N ILE D 144 11.00 13.91 -32.75
CA ILE D 144 10.37 14.31 -31.49
C ILE D 144 10.10 15.81 -31.47
N MSE D 145 8.82 16.20 -31.51
CA MSE D 145 8.42 17.60 -31.41
C MSE D 145 8.34 17.91 -29.93
O MSE D 145 7.55 17.32 -29.21
CB MSE D 145 7.03 17.87 -32.03
CG MSE D 145 7.00 17.80 -33.52
SE MSE D 145 5.29 18.36 -34.26
CE MSE D 145 4.01 17.40 -33.11
N GLY D 146 9.16 18.86 -29.50
CA GLY D 146 9.26 19.24 -28.09
C GLY D 146 10.52 18.59 -27.55
N ALA D 147 11.61 19.34 -27.52
CA ALA D 147 12.88 18.78 -27.07
C ALA D 147 13.24 19.28 -25.70
N GLY D 148 12.32 19.10 -24.75
CA GLY D 148 12.54 19.58 -23.39
C GLY D 148 13.08 18.55 -22.42
N VAL D 149 12.62 18.67 -21.19
CA VAL D 149 12.98 17.75 -20.13
C VAL D 149 12.60 16.34 -20.54
N LEU D 150 11.38 16.16 -21.01
CA LEU D 150 10.89 14.85 -21.38
C LEU D 150 11.36 14.37 -22.78
N GLY D 151 11.41 15.29 -23.73
CA GLY D 151 11.87 14.96 -25.08
C GLY D 151 13.31 14.51 -25.04
N ALA D 152 14.11 15.14 -24.19
CA ALA D 152 15.51 14.80 -24.07
C ALA D 152 15.69 13.40 -23.53
N LYS D 153 14.86 13.03 -22.55
CA LYS D 153 14.94 11.70 -21.95
C LYS D 153 14.54 10.66 -22.96
N VAL D 154 13.52 10.94 -23.75
CA VAL D 154 13.07 10.00 -24.74
C VAL D 154 14.05 9.83 -25.89
N ALA D 155 14.51 10.93 -26.45
CA ALA D 155 15.46 10.87 -27.55
C ALA D 155 16.70 10.06 -27.09
N GLU D 156 17.12 10.26 -25.84
CA GLU D 156 18.27 9.54 -25.31
C GLU D 156 18.05 8.02 -25.17
N SER D 157 16.81 7.62 -24.89
N SER D 157 16.82 7.60 -24.90
CA SER D 157 16.51 6.19 -24.75
CA SER D 157 16.57 6.16 -24.79
C SER D 157 16.44 5.51 -26.12
C SER D 157 16.50 5.51 -26.16
N LEU D 158 16.00 6.26 -27.14
CA LEU D 158 15.88 5.76 -28.51
C LEU D 158 17.22 5.76 -29.30
N GLN D 159 18.06 6.75 -29.00
CA GLN D 159 19.37 6.91 -29.65
C GLN D 159 20.21 5.67 -29.40
N ALA D 160 20.11 5.18 -28.18
CA ALA D 160 20.84 4.00 -27.75
C ALA D 160 20.51 2.77 -28.61
N TRP D 161 19.34 2.76 -29.24
CA TRP D 161 18.92 1.68 -30.14
C TRP D 161 19.31 1.86 -31.63
N GLY D 162 20.00 2.93 -31.96
CA GLY D 162 20.48 3.12 -33.35
C GLY D 162 19.51 3.72 -34.36
N PHE D 163 18.37 4.22 -33.92
CA PHE D 163 17.44 4.89 -34.83
C PHE D 163 17.91 6.32 -35.04
N PRO D 164 17.87 6.80 -36.29
CA PRO D 164 18.26 8.20 -36.49
C PRO D 164 17.27 9.05 -35.73
N LEU D 165 17.73 10.15 -35.16
CA LEU D 165 16.89 10.99 -34.34
C LEU D 165 17.00 12.44 -34.70
N ARG D 166 15.86 13.09 -34.67
CA ARG D 166 15.75 14.51 -34.89
C ARG D 166 14.76 15.07 -33.87
N CYS D 167 14.86 16.37 -33.59
CA CYS D 167 13.92 17.01 -32.68
C CYS D 167 13.57 18.41 -33.15
N TRP D 168 12.39 18.88 -32.73
CA TRP D 168 11.92 20.17 -33.12
C TRP D 168 11.59 20.98 -31.88
N SER D 169 12.10 22.21 -31.83
CA SER D 169 11.88 23.11 -30.70
C SER D 169 12.05 24.56 -31.15
N ARG D 170 11.84 25.51 -30.23
CA ARG D 170 12.00 26.94 -30.55
C ARG D 170 13.44 27.42 -30.45
N SER D 171 14.28 26.62 -29.81
CA SER D 171 15.69 26.97 -29.67
C SER D 171 16.54 25.79 -30.11
N ARG D 172 17.67 26.10 -30.72
CA ARG D 172 18.59 25.08 -31.22
C ARG D 172 19.14 24.24 -30.08
N LYS D 173 19.13 22.91 -30.27
CA LYS D 173 19.65 21.98 -29.29
C LYS D 173 20.92 21.38 -29.85
N SER D 174 21.89 21.12 -28.98
CA SER D 174 23.13 20.55 -29.41
C SER D 174 23.39 19.25 -28.64
N TRP D 175 22.60 18.22 -28.95
CA TRP D 175 22.77 16.91 -28.33
C TRP D 175 23.46 16.01 -29.34
N PRO D 176 24.52 15.32 -28.90
CA PRO D 176 25.26 14.43 -29.80
C PRO D 176 24.40 13.27 -30.23
N GLY D 177 24.42 12.95 -31.52
CA GLY D 177 23.62 11.87 -32.07
C GLY D 177 22.18 12.30 -32.37
N VAL D 178 21.88 13.59 -32.26
CA VAL D 178 20.54 14.10 -32.56
C VAL D 178 20.66 15.34 -33.43
N GLU D 179 19.73 15.50 -34.36
CA GLU D 179 19.72 16.66 -35.26
C GLU D 179 18.54 17.58 -34.89
N SER D 180 18.84 18.82 -34.53
CA SER D 180 17.80 19.78 -34.07
C SER D 180 17.16 20.67 -35.14
N TYR D 181 15.83 20.56 -35.29
CA TYR D 181 15.04 21.41 -36.22
C TYR D 181 14.38 22.52 -35.39
N VAL D 182 14.43 23.76 -35.86
CA VAL D 182 13.96 24.92 -35.08
C VAL D 182 12.91 25.80 -35.75
N GLY D 183 11.84 26.07 -35.03
CA GLY D 183 10.78 26.95 -35.53
C GLY D 183 9.92 26.42 -36.67
N ARG D 184 8.92 27.21 -37.04
CA ARG D 184 7.98 26.87 -38.12
C ARG D 184 8.63 26.80 -39.51
N GLU D 185 9.80 27.42 -39.63
CA GLU D 185 10.52 27.45 -40.89
C GLU D 185 11.02 26.05 -41.18
N GLU D 186 11.55 25.38 -40.15
CA GLU D 186 12.15 24.05 -40.30
C GLU D 186 11.18 22.88 -40.05
N LEU D 187 9.96 23.21 -39.63
CA LEU D 187 8.96 22.18 -39.36
C LEU D 187 8.79 21.20 -40.55
N ARG D 188 8.72 21.73 -41.77
CA ARG D 188 8.57 20.93 -43.00
C ARG D 188 9.75 19.99 -43.23
N ALA D 189 10.97 20.51 -43.01
CA ALA D 189 12.19 19.71 -43.12
C ALA D 189 12.12 18.56 -42.09
N PHE D 190 11.88 18.93 -40.83
CA PHE D 190 11.77 17.96 -39.73
C PHE D 190 10.78 16.86 -40.07
N LEU D 191 9.61 17.23 -40.59
CA LEU D 191 8.61 16.21 -40.94
C LEU D 191 9.07 15.36 -42.16
N ASN D 192 9.80 15.99 -43.10
CA ASN D 192 10.29 15.37 -44.35
C ASN D 192 10.68 13.88 -44.19
N GLN D 193 11.87 13.62 -43.63
CA GLN D 193 12.30 12.24 -43.39
C GLN D 193 12.09 11.78 -41.92
N THR D 194 10.88 11.97 -41.37
CA THR D 194 10.54 11.51 -40.01
C THR D 194 9.54 10.37 -40.13
N ARG D 195 9.90 9.19 -39.64
CA ARG D 195 9.02 8.03 -39.74
C ARG D 195 8.07 7.93 -38.57
N VAL D 196 8.58 8.16 -37.37
CA VAL D 196 7.76 8.10 -36.16
C VAL D 196 7.71 9.47 -35.56
N LEU D 197 6.52 10.08 -35.60
CA LEU D 197 6.32 11.43 -35.08
C LEU D 197 5.94 11.32 -33.60
N ILE D 198 6.82 11.79 -32.73
CA ILE D 198 6.51 11.75 -31.29
C ILE D 198 6.27 13.15 -30.77
N ASN D 199 5.09 13.40 -30.20
CA ASN D 199 4.77 14.72 -29.70
C ASN D 199 5.00 14.86 -28.18
N LEU D 200 5.84 15.81 -27.79
CA LEU D 200 6.11 16.15 -26.38
C LEU D 200 6.15 17.68 -26.23
N LEU D 201 5.22 18.33 -26.92
CA LEU D 201 5.07 19.79 -26.91
C LEU D 201 4.11 20.23 -25.81
N PRO D 202 4.35 21.41 -25.24
CA PRO D 202 3.38 21.92 -24.28
C PRO D 202 2.24 22.55 -25.08
N ASN D 203 1.03 22.54 -24.53
CA ASN D 203 -0.11 23.16 -25.19
C ASN D 203 -0.11 24.64 -24.96
N THR D 204 0.03 25.39 -26.04
CA THR D 204 0.01 26.84 -26.01
C THR D 204 -0.86 27.32 -27.17
N ALA D 205 -1.18 28.60 -27.18
CA ALA D 205 -1.91 29.17 -28.31
C ALA D 205 -1.11 28.90 -29.59
N GLN D 206 0.21 28.81 -29.47
CA GLN D 206 1.10 28.64 -30.64
C GLN D 206 1.23 27.19 -31.15
N THR D 207 0.83 26.20 -30.34
CA THR D 207 0.93 24.78 -30.75
C THR D 207 -0.42 24.06 -30.89
N VAL D 208 -1.50 24.66 -30.39
CA VAL D 208 -2.82 24.02 -30.47
C VAL D 208 -3.13 23.60 -31.91
N GLY D 209 -3.63 22.38 -32.07
CA GLY D 209 -4.01 21.84 -33.39
C GLY D 209 -2.89 21.64 -34.40
N ILE D 210 -1.63 21.72 -33.95
CA ILE D 210 -0.49 21.58 -34.88
C ILE D 210 -0.44 20.24 -35.65
N ILE D 211 -1.17 19.24 -35.18
CA ILE D 211 -1.20 17.96 -35.90
C ILE D 211 -2.55 17.83 -36.59
N ASN D 212 -2.62 18.36 -37.81
CA ASN D 212 -3.84 18.34 -38.63
C ASN D 212 -3.52 17.91 -40.05
N SER D 213 -4.51 17.97 -40.95
CA SER D 213 -4.28 17.55 -42.34
C SER D 213 -3.01 18.18 -42.90
N GLU D 214 -2.84 19.48 -42.70
CA GLU D 214 -1.66 20.15 -43.23
C GLU D 214 -0.37 19.47 -42.79
N LEU D 215 -0.22 19.26 -41.47
CA LEU D 215 1.01 18.63 -40.94
C LEU D 215 1.21 17.20 -41.41
N LEU D 216 0.13 16.41 -41.36
CA LEU D 216 0.16 15.00 -41.73
C LEU D 216 0.53 14.74 -43.18
N ASP D 217 0.34 15.73 -44.06
CA ASP D 217 0.72 15.59 -45.47
C ASP D 217 2.22 15.74 -45.64
N GLN D 218 2.88 16.46 -44.73
CA GLN D 218 4.33 16.65 -44.86
C GLN D 218 5.14 15.43 -44.33
N LEU D 219 4.44 14.41 -43.85
CA LEU D 219 5.11 13.19 -43.37
C LEU D 219 5.09 12.12 -44.46
N PRO D 220 6.11 11.23 -44.45
CA PRO D 220 6.11 10.18 -45.46
C PRO D 220 4.91 9.26 -45.32
N ASP D 221 4.59 8.53 -46.39
CA ASP D 221 3.51 7.57 -46.31
C ASP D 221 3.97 6.48 -45.36
N GLY D 222 3.01 5.86 -44.68
CA GLY D 222 3.32 4.81 -43.70
C GLY D 222 3.98 5.33 -42.43
N ALA D 223 3.81 6.62 -42.13
CA ALA D 223 4.40 7.25 -40.94
C ALA D 223 3.61 6.89 -39.69
N TYR D 224 4.10 7.28 -38.54
CA TYR D 224 3.42 6.97 -37.29
C TYR D 224 3.34 8.19 -36.40
N VAL D 225 2.33 8.19 -35.54
CA VAL D 225 2.11 9.30 -34.63
C VAL D 225 1.90 8.82 -33.23
N LEU D 226 2.79 9.26 -32.34
CA LEU D 226 2.71 8.90 -30.92
C LEU D 226 2.44 10.20 -30.23
N ASN D 227 1.22 10.37 -29.74
CA ASN D 227 0.85 11.63 -29.07
C ASN D 227 0.88 11.44 -27.59
N LEU D 228 1.84 12.10 -26.95
CA LEU D 228 2.01 12.01 -25.52
C LEU D 228 1.85 13.34 -24.81
N ALA D 229 1.53 14.40 -25.55
CA ALA D 229 1.44 15.74 -25.00
C ALA D 229 0.05 16.08 -24.49
N ARG D 230 -0.78 16.60 -25.39
CA ARG D 230 -2.17 16.93 -25.09
C ARG D 230 -3.06 16.74 -26.32
N GLY D 231 -4.30 16.37 -26.06
CA GLY D 231 -5.25 16.07 -27.11
C GLY D 231 -5.48 17.19 -28.08
N VAL D 232 -5.59 18.41 -27.58
CA VAL D 232 -5.80 19.57 -28.47
C VAL D 232 -4.77 19.63 -29.61
N HIS D 233 -3.60 19.03 -29.40
CA HIS D 233 -2.56 19.05 -30.43
C HIS D 233 -2.95 18.34 -31.72
N VAL D 234 -3.91 17.42 -31.66
CA VAL D 234 -4.27 16.68 -32.87
C VAL D 234 -5.74 16.78 -33.28
N GLN D 235 -5.98 16.91 -34.59
N GLN D 235 -5.99 16.93 -34.59
CA GLN D 235 -7.34 16.91 -35.15
CA GLN D 235 -7.36 16.94 -35.13
C GLN D 235 -7.82 15.48 -35.35
C GLN D 235 -7.82 15.51 -35.33
N GLU D 236 -8.57 15.00 -34.37
CA GLU D 236 -9.07 13.62 -34.37
C GLU D 236 -9.72 13.16 -35.69
N ALA D 237 -10.45 14.05 -36.36
CA ALA D 237 -11.04 13.72 -37.68
C ALA D 237 -9.94 13.66 -38.75
N ASP D 238 -8.96 14.55 -38.67
CA ASP D 238 -7.85 14.56 -39.63
C ASP D 238 -6.91 13.35 -39.41
N LEU D 239 -6.82 12.87 -38.18
CA LEU D 239 -5.96 11.72 -37.89
C LEU D 239 -6.59 10.48 -38.55
N LEU D 240 -7.89 10.31 -38.32
CA LEU D 240 -8.65 9.19 -38.88
C LEU D 240 -8.54 9.16 -40.38
N ALA D 241 -8.55 10.33 -41.00
CA ALA D 241 -8.49 10.44 -42.46
C ALA D 241 -7.10 10.09 -43.03
N ALA D 242 -6.06 10.45 -42.28
CA ALA D 242 -4.68 10.16 -42.71
C ALA D 242 -4.35 8.65 -42.58
N LEU D 243 -5.07 7.95 -41.71
CA LEU D 243 -4.89 6.50 -41.53
C LEU D 243 -5.63 5.70 -42.61
N ASP D 244 -6.88 6.08 -42.85
CA ASP D 244 -7.73 5.43 -43.86
C ASP D 244 -7.21 5.64 -45.29
N SER D 245 -6.38 6.67 -45.48
CA SER D 245 -5.80 6.98 -46.78
C SER D 245 -4.49 6.25 -47.04
N GLY D 246 -3.71 6.00 -46.00
CA GLY D 246 -2.42 5.34 -46.15
C GLY D 246 -1.21 6.24 -45.93
N LYS D 247 -1.46 7.48 -45.50
CA LYS D 247 -0.37 8.42 -45.20
C LYS D 247 0.29 8.00 -43.90
N LEU D 248 -0.54 7.60 -42.95
CA LEU D 248 -0.09 7.11 -41.67
C LEU D 248 -0.28 5.62 -41.62
N LYS D 249 0.78 4.91 -41.20
CA LYS D 249 0.67 3.46 -41.02
C LYS D 249 -0.07 3.21 -39.73
N GLY D 250 0.24 3.98 -38.68
CA GLY D 250 -0.43 3.79 -37.39
C GLY D 250 -0.23 4.93 -36.41
N ALA D 251 -0.92 4.85 -35.28
CA ALA D 251 -0.78 5.85 -34.25
C ALA D 251 -1.13 5.33 -32.89
N MSE D 252 -0.67 6.04 -31.88
CA MSE D 252 -1.00 5.73 -30.48
C MSE D 252 -1.21 7.05 -29.76
O MSE D 252 -0.42 7.97 -29.88
CB MSE D 252 0.11 4.91 -29.82
CG MSE D 252 -0.29 4.38 -28.45
SE MSE D 252 0.80 2.82 -27.99
CE MSE D 252 0.10 2.46 -26.23
N LEU D 253 -2.27 7.10 -28.96
CA LEU D 253 -2.66 8.32 -28.32
C LEU D 253 -2.92 8.11 -26.87
N ASP D 254 -2.39 8.99 -26.05
CA ASP D 254 -2.58 8.92 -24.62
C ASP D 254 -3.48 10.05 -24.14
N VAL D 255 -3.67 11.04 -24.98
CA VAL D 255 -4.47 12.20 -24.60
C VAL D 255 -5.45 12.47 -25.72
N PHE D 256 -6.55 13.16 -25.42
CA PHE D 256 -7.60 13.40 -26.43
C PHE D 256 -8.30 14.76 -26.33
N SER D 257 -9.16 15.04 -27.31
CA SER D 257 -9.92 16.29 -27.37
C SER D 257 -10.70 16.49 -26.10
N GLN D 258 -11.21 15.38 -25.59
CA GLN D 258 -12.04 15.37 -24.41
C GLN D 258 -11.73 14.10 -23.62
N GLU D 259 -11.59 14.24 -22.31
CA GLU D 259 -11.20 13.15 -21.45
C GLU D 259 -12.11 13.03 -20.23
N PRO D 260 -12.82 11.90 -20.10
CA PRO D 260 -12.79 10.73 -20.98
C PRO D 260 -13.27 10.98 -22.40
N LEU D 261 -12.94 10.05 -23.29
CA LEU D 261 -13.36 10.14 -24.70
C LEU D 261 -14.75 9.51 -24.83
N PRO D 262 -15.70 10.24 -25.43
CA PRO D 262 -17.07 9.70 -25.55
C PRO D 262 -17.14 8.54 -26.56
N GLN D 263 -17.96 7.53 -26.25
CA GLN D 263 -18.11 6.36 -27.14
C GLN D 263 -18.41 6.76 -28.58
N GLU D 264 -18.97 7.95 -28.75
CA GLU D 264 -19.23 8.46 -30.08
C GLU D 264 -17.93 8.39 -30.89
N SER D 265 -16.87 8.95 -30.32
CA SER D 265 -15.57 9.01 -30.98
C SER D 265 -15.27 7.73 -31.77
N PRO D 266 -14.90 7.89 -33.05
CA PRO D 266 -14.56 6.75 -33.91
C PRO D 266 -13.19 6.14 -33.58
N LEU D 267 -12.39 6.87 -32.82
CA LEU D 267 -11.06 6.40 -32.42
C LEU D 267 -11.19 5.05 -31.72
N TRP D 268 -12.18 4.94 -30.84
CA TRP D 268 -12.42 3.68 -30.13
C TRP D 268 -12.56 2.48 -31.05
N ARG D 269 -13.22 2.70 -32.17
CA ARG D 269 -13.53 1.63 -33.13
C ARG D 269 -12.49 1.38 -34.22
N HIS D 270 -11.68 2.39 -34.54
CA HIS D 270 -10.66 2.23 -35.58
C HIS D 270 -9.63 1.19 -35.10
N PRO D 271 -9.19 0.29 -35.99
CA PRO D 271 -8.27 -0.77 -35.57
C PRO D 271 -6.78 -0.39 -35.46
N ARG D 272 -6.31 0.56 -36.28
CA ARG D 272 -4.91 0.98 -36.27
C ARG D 272 -4.64 2.22 -35.38
N VAL D 273 -5.40 2.33 -34.30
CA VAL D 273 -5.19 3.40 -33.34
C VAL D 273 -5.12 2.79 -31.95
N ALA D 274 -3.94 2.84 -31.33
CA ALA D 274 -3.79 2.33 -29.98
C ALA D 274 -4.16 3.48 -29.05
N MSE D 275 -4.76 3.17 -27.89
CA MSE D 275 -5.18 4.22 -26.98
C MSE D 275 -4.91 3.96 -25.51
O MSE D 275 -5.29 2.92 -25.00
CB MSE D 275 -6.69 4.45 -27.10
CG MSE D 275 -7.16 5.18 -28.35
SE MSE D 275 -9.12 5.20 -28.44
CE MSE D 275 -9.56 5.85 -26.69
N THR D 276 -4.29 4.93 -24.83
CA THR D 276 -4.10 4.86 -23.38
C THR D 276 -4.83 6.06 -22.74
N PRO D 277 -5.57 5.84 -21.65
CA PRO D 277 -6.37 6.89 -21.00
C PRO D 277 -5.62 7.96 -20.20
N HIS D 278 -4.81 8.76 -20.88
CA HIS D 278 -4.03 9.80 -20.22
C HIS D 278 -3.30 9.23 -18.96
N ILE D 279 -2.39 8.30 -19.21
CA ILE D 279 -1.66 7.65 -18.14
C ILE D 279 -0.17 7.44 -18.47
N ALA D 280 0.34 8.16 -19.47
CA ALA D 280 1.73 8.00 -19.91
C ALA D 280 2.77 8.21 -18.83
N ALA D 281 2.70 9.36 -18.16
CA ALA D 281 3.65 9.65 -17.11
C ALA D 281 2.98 10.44 -16.00
N VAL D 282 3.13 9.97 -14.77
CA VAL D 282 2.59 10.65 -13.60
C VAL D 282 3.78 10.92 -12.67
N THR D 283 3.72 12.02 -11.91
CA THR D 283 4.83 12.38 -11.02
C THR D 283 4.93 11.39 -9.86
N ARG D 284 6.15 11.10 -9.42
CA ARG D 284 6.35 10.28 -8.23
C ARG D 284 6.22 11.28 -7.06
N PRO D 285 5.20 11.09 -6.19
CA PRO D 285 4.98 12.04 -5.10
C PRO D 285 6.21 12.38 -4.26
N ALA D 286 7.02 11.40 -3.93
CA ALA D 286 8.18 11.66 -3.08
C ALA D 286 9.21 12.56 -3.80
N GLU D 287 9.39 12.39 -5.10
CA GLU D 287 10.30 13.21 -5.86
C GLU D 287 9.74 14.64 -6.00
N ALA D 288 8.43 14.73 -6.16
CA ALA D 288 7.74 16.01 -6.21
C ALA D 288 7.93 16.75 -4.88
N ILE D 289 7.66 16.07 -3.77
CA ILE D 289 7.82 16.68 -2.46
C ILE D 289 9.23 17.21 -2.28
N ASP D 290 10.20 16.44 -2.73
CA ASP D 290 11.61 16.85 -2.65
C ASP D 290 11.86 18.14 -3.43
N TYR D 291 11.36 18.21 -4.65
CA TYR D 291 11.56 19.40 -5.47
C TYR D 291 10.86 20.61 -4.86
N ILE D 292 9.60 20.42 -4.46
CA ILE D 292 8.81 21.53 -3.94
C ILE D 292 9.41 22.08 -2.65
N SER D 293 9.69 21.20 -1.69
CA SER D 293 10.27 21.67 -0.43
C SER D 293 11.65 22.35 -0.65
N ARG D 294 12.48 21.85 -1.56
CA ARG D 294 13.79 22.47 -1.82
C ARG D 294 13.62 23.84 -2.47
N THR D 295 12.69 23.96 -3.40
CA THR D 295 12.47 25.23 -4.06
C THR D 295 11.94 26.25 -3.05
N ILE D 296 11.07 25.81 -2.15
CA ILE D 296 10.55 26.71 -1.14
C ILE D 296 11.73 27.16 -0.24
N THR D 297 12.57 26.23 0.21
CA THR D 297 13.71 26.59 1.06
C THR D 297 14.54 27.67 0.35
N GLN D 298 14.90 27.38 -0.88
CA GLN D 298 15.66 28.31 -1.72
C GLN D 298 14.97 29.67 -1.99
N LEU D 299 13.65 29.67 -2.16
CA LEU D 299 12.91 30.93 -2.37
C LEU D 299 12.90 31.82 -1.12
N GLU D 300 12.86 31.17 0.04
CA GLU D 300 12.86 31.88 1.34
C GLU D 300 14.22 32.55 1.61
N LYS D 301 15.25 32.00 1.01
CA LYS D 301 16.62 32.42 1.18
C LYS D 301 17.05 33.36 0.03
N GLY D 302 16.16 33.56 -0.96
CA GLY D 302 16.47 34.39 -2.12
C GLY D 302 17.62 33.80 -2.93
N GLU D 303 17.64 32.48 -3.04
CA GLU D 303 18.69 31.73 -3.76
C GLU D 303 18.09 31.20 -5.07
N PRO D 304 18.96 30.75 -6.01
CA PRO D 304 18.51 30.25 -7.33
C PRO D 304 17.57 29.04 -7.26
N VAL D 305 16.60 29.02 -8.16
CA VAL D 305 15.61 27.97 -8.23
C VAL D 305 15.43 27.46 -9.67
N THR D 306 14.85 26.27 -9.81
CA THR D 306 14.56 25.72 -11.15
C THR D 306 13.07 25.44 -11.28
N GLY D 307 12.64 25.09 -12.50
CA GLY D 307 11.24 24.78 -12.75
C GLY D 307 10.28 25.93 -12.94
N GLN D 308 10.80 27.15 -12.98
CA GLN D 308 9.97 28.36 -13.20
C GLN D 308 9.24 28.31 -14.52
N VAL D 309 7.98 28.69 -14.53
CA VAL D 309 7.27 28.80 -15.77
C VAL D 309 7.52 30.24 -16.27
N ASP D 310 7.82 30.37 -17.56
CA ASP D 310 7.98 31.70 -18.19
C ASP D 310 6.61 31.97 -18.81
N ARG D 311 5.88 32.86 -18.14
CA ARG D 311 4.50 33.15 -18.53
C ARG D 311 4.44 33.94 -19.84
N ALA D 312 5.54 34.58 -20.22
CA ALA D 312 5.58 35.33 -21.48
C ALA D 312 5.51 34.34 -22.63
N ARG D 313 6.36 33.31 -22.59
CA ARG D 313 6.34 32.27 -23.65
C ARG D 313 5.15 31.33 -23.50
N GLY D 314 4.60 31.24 -22.30
CA GLY D 314 3.42 30.44 -22.08
C GLY D 314 3.62 28.98 -21.75
N TYR D 315 4.83 28.60 -21.33
CA TYR D 315 5.10 27.22 -20.92
C TYR D 315 6.41 27.16 -20.10
PA NDP E . 22.59 -21.38 -26.66
O1A NDP E . 23.78 -20.57 -26.64
O2A NDP E . 22.87 -22.78 -27.02
O5B NDP E . 21.70 -21.31 -25.36
C5B NDP E . 20.86 -22.36 -24.92
C4B NDP E . 20.78 -22.21 -23.40
O4B NDP E . 19.93 -23.22 -22.89
C3B NDP E . 22.10 -22.40 -22.65
O3B NDP E . 22.21 -21.43 -21.66
C2B NDP E . 22.00 -23.77 -22.03
O2B NDP E . 22.61 -23.93 -20.79
C1B NDP E . 20.52 -23.87 -21.81
N9A NDP E . 20.06 -25.22 -21.78
C8A NDP E . 20.10 -26.16 -22.76
N7A NDP E . 19.45 -27.25 -22.28
C5A NDP E . 19.01 -27.01 -21.04
C6A NDP E . 18.30 -27.78 -20.14
N6A NDP E . 17.94 -29.04 -20.46
N1A NDP E . 17.98 -27.24 -18.90
C2A NDP E . 18.33 -25.93 -18.60
N3A NDP E . 19.04 -25.18 -19.51
C4A NDP E . 19.36 -25.72 -20.72
O3 NDP E . 21.62 -20.91 -27.80
PN NDP E . 21.32 -19.47 -28.36
O1N NDP E . 21.07 -18.54 -27.20
O2N NDP E . 22.26 -19.23 -29.43
O5D NDP E . 19.97 -19.87 -29.09
C5D NDP E . 18.99 -20.49 -28.31
C4D NDP E . 17.80 -20.92 -29.13
O4D NDP E . 17.12 -19.79 -29.64
C3D NDP E . 18.10 -21.72 -30.39
O3D NDP E . 18.20 -23.09 -30.10
C2D NDP E . 16.83 -21.55 -31.20
O2D NDP E . 16.02 -22.62 -30.98
C1D NDP E . 16.22 -20.27 -30.70
N1N NDP E . 16.13 -19.29 -31.80
C2N NDP E . 14.93 -18.92 -32.31
C3N NDP E . 14.88 -18.01 -33.34
C7N NDP E . 13.57 -17.51 -33.85
O7N NDP E . 12.42 -17.75 -33.12
N7N NDP E . 13.62 -16.77 -34.95
C4N NDP E . 16.04 -17.48 -33.88
C5N NDP E . 17.28 -17.89 -33.36
C6N NDP E . 17.30 -18.81 -32.33
P2B NDP E . 24.18 -23.74 -20.53
O1X NDP E . 24.46 -24.19 -19.13
O2X NDP E . 24.90 -24.68 -21.42
O3X NDP E . 24.60 -22.31 -20.63
CAA NDB F . 27.10 -40.18 -52.89
CAB NDB F . 25.92 -41.70 -51.50
OAC NDB F . 30.82 -37.35 -49.62
OAD NDB F . 32.71 -38.84 -49.76
OAE NDB F . 25.13 -37.20 -50.41
OAF NDB F . 31.65 -38.02 -51.75
CAG NDB F . 26.13 -38.03 -51.01
CAH NDB F . 28.91 -39.56 -51.18
CAI NDB F . 25.57 -39.44 -51.18
CAJ NDB F . 27.72 -40.34 -50.57
CAK NDB F . 30.24 -39.88 -50.45
NAL NDB F . 26.60 -40.40 -51.53
SAM NDB F . 31.40 -38.46 -50.41
CL CL G . 17.32 -20.53 -35.39
CL CL H . 20.07 -13.52 -48.88
PA NDP I . -9.91 24.93 31.00
O1A NDP I . -8.64 24.80 31.66
O2A NDP I . -10.44 26.30 31.18
O5B NDP I . -9.98 24.63 29.42
C5B NDP I . -10.45 25.60 28.53
C4B NDP I . -9.82 25.33 27.16
O4B NDP I . -10.74 25.69 26.12
C3B NDP I . -8.58 26.16 26.97
O3B NDP I . -7.67 25.48 26.15
C2B NDP I . -9.15 27.39 26.29
O2B NDP I . -8.18 28.08 25.56
C1B NDP I . -10.20 26.76 25.38
N9A NDP I . -11.20 27.72 24.94
C8A NDP I . -12.12 28.43 25.64
N7A NDP I . -12.85 29.15 24.77
C5A NDP I . -12.42 28.90 23.51
C6A NDP I . -12.80 29.37 22.25
N6A NDP I . -13.81 30.25 22.15
N1A NDP I . -12.15 28.92 21.11
C2A NDP I . -11.11 27.99 21.23
N3A NDP I . -10.75 27.53 22.50
C4A NDP I . -11.40 27.99 23.61
O3 NDP I . -10.98 23.95 31.59
PN NDP I . -10.94 22.42 31.98
O1N NDP I . -10.22 21.69 30.93
O2N NDP I . -10.67 22.32 33.41
O5D NDP I . -12.51 22.21 31.84
C5D NDP I . -12.97 21.83 30.57
C4D NDP I . -14.48 21.80 30.57
O4D NDP I . -14.87 20.49 30.79
C3D NDP I . -15.18 22.56 31.64
O3D NDP I . -15.23 23.90 31.20
C2D NDP I . -16.53 21.85 31.68
O2D NDP I . -17.40 22.38 30.75
C1D NDP I . -16.21 20.44 31.24
N1N NDP I . -16.31 19.36 32.23
C2N NDP I . -17.24 18.39 32.03
C3N NDP I . -17.38 17.34 32.93
C7N NDP I . -18.42 16.26 32.68
O7N NDP I . -19.03 16.16 31.41
N7N NDP I . -18.71 15.41 33.65
C4N NDP I . -16.56 17.34 34.05
C5N NDP I . -15.60 18.34 34.24
C6N NDP I . -15.48 19.35 33.33
P2B NDP I . -6.80 28.65 26.22
O1X NDP I . -6.03 29.41 25.19
O2X NDP I . -7.23 29.62 27.26
O3X NDP I . -5.86 27.58 26.76
N1 EPE J . -0.50 4.82 30.11
C2 EPE J . 0.90 4.97 29.62
C3 EPE J . 1.32 3.88 28.63
N4 EPE J . 0.33 3.81 27.57
C5 EPE J . -0.90 3.34 28.18
C6 EPE J . -1.48 4.45 29.06
C7 EPE J . 0.76 3.06 26.39
C8 EPE J . 1.25 1.63 26.59
O8 EPE J . 1.72 1.14 25.36
C9 EPE J . -0.92 6.06 30.78
C10 EPE J . -1.65 5.74 32.09
S EPE J . -1.85 7.22 33.11
O1S EPE J . -0.65 8.04 33.02
O2S EPE J . -2.06 6.86 34.51
O3S EPE J . -3.00 7.98 32.62
CL CL K . -17.73 20.34 35.82
CL CL L . -20.63 14.16 48.51
PA NDP M . 3.26 -17.74 25.78
O1A NDP M . 4.21 -16.66 25.73
O2A NDP M . 3.81 -19.05 25.38
O5B NDP M . 2.60 -17.84 27.24
C5B NDP M . 1.48 -18.59 27.57
C4B NDP M . 1.32 -18.51 29.09
O4B NDP M . 0.36 -19.49 29.55
C3B NDP M . 2.61 -18.79 29.84
O3B NDP M . 2.86 -17.92 30.91
C2B NDP M . 2.40 -20.14 30.45
O2B NDP M . 3.07 -20.31 31.68
C1B NDP M . 0.92 -20.16 30.64
N9A NDP M . 0.56 -21.57 30.72
C8A NDP M . 0.70 -22.55 29.80
N7A NDP M . 0.19 -23.67 30.32
C5A NDP M . -0.28 -23.40 31.57
C6A NDP M . -0.89 -24.19 32.52
N6A NDP M . -1.11 -25.48 32.27
N1A NDP M . -1.24 -23.64 33.73
C2A NDP M . -1.02 -22.28 33.96
N3A NDP M . -0.42 -21.48 32.99
C4A NDP M . -0.05 -22.07 31.82
O3 NDP M . 2.09 -17.44 24.71
PN NDP M . 1.63 -16.04 24.09
O1N NDP M . 1.42 -15.10 25.25
O2N NDP M . 2.39 -15.67 22.93
O5D NDP M . 0.27 -16.50 23.43
C5D NDP M . -0.85 -16.65 24.23
C4D NDP M . -1.90 -17.35 23.41
O4D NDP M . -2.72 -16.37 22.87
C3D NDP M . -1.43 -18.11 22.21
O3D NDP M . -1.10 -19.44 22.59
C2D NDP M . -2.68 -18.15 21.39
O2D NDP M . -3.39 -19.23 21.83
C1D NDP M . -3.42 -16.88 21.74
N1N NDP M . -3.50 -15.83 20.72
C2N NDP M . -4.72 -15.38 20.28
C3N NDP M . -4.77 -14.37 19.31
C7N NDP M . -6.10 -13.82 18.83
O7N NDP M . -7.26 -14.05 19.57
N7N NDP M . -6.13 -13.12 17.72
C4N NDP M . -3.61 -13.86 18.78
C5N NDP M . -2.38 -14.34 19.26
C6N NDP M . -2.34 -15.32 20.22
P2B NDP M . 4.70 -20.21 31.87
O1X NDP M . 5.03 -20.61 33.28
O2X NDP M . 5.33 -21.20 30.96
O3X NDP M . 5.19 -18.81 31.77
CL CL N . 15.32 -32.42 2.41
CL CL O . 0.30 -10.60 4.05
PA NDP P . 9.46 21.33 -21.53
O1A NDP P . 10.75 21.14 -20.80
O2A NDP P . 8.94 22.69 -21.36
O5B NDP P . 9.59 21.06 -23.09
C5B NDP P . 8.72 21.60 -24.05
C4B NDP P . 9.45 21.68 -25.39
O4B NDP P . 8.50 22.14 -26.36
C3B NDP P . 10.60 22.64 -25.44
O3B NDP P . 11.72 22.08 -26.09
C2B NDP P . 10.09 23.81 -26.26
O2B NDP P . 11.11 24.43 -26.95
C1B NDP P . 9.06 23.13 -27.15
N9A NDP P . 8.08 24.09 -27.66
C8A NDP P . 7.14 24.79 -26.97
N7A NDP P . 6.42 25.52 -27.86
C5A NDP P . 6.89 25.28 -29.10
C6A NDP P . 6.55 25.79 -30.34
N6A NDP P . 5.53 26.67 -30.44
N1A NDP P . 7.23 25.35 -31.46
C2A NDP P . 8.27 24.41 -31.35
N3A NDP P . 8.60 23.93 -30.09
C4A NDP P . 7.92 24.38 -28.99
O3 NDP P . 8.31 20.36 -21.05
PN NDP P . 8.30 18.82 -20.62
O1N NDP P . 9.17 18.10 -21.56
O2N NDP P . 8.38 18.81 -19.17
O5D NDP P . 6.76 18.51 -20.88
C5D NDP P . 6.34 18.35 -22.19
C4D NDP P . 4.82 18.23 -22.19
O4D NDP P . 4.50 16.89 -21.95
C3D NDP P . 4.02 18.93 -21.13
O3D NDP P . 3.91 20.30 -21.48
C2D NDP P . 2.69 18.17 -21.19
O2D NDP P . 1.76 18.72 -22.06
C1D NDP P . 3.09 16.79 -21.65
N1N NDP P . 2.96 15.71 -20.67
C2N NDP P . 2.04 14.72 -20.86
C3N NDP P . 1.90 13.68 -19.95
C7N NDP P . 0.89 12.56 -20.18
O7N NDP P . 0.26 12.47 -21.43
N7N NDP P . 0.65 11.67 -19.23
C4N NDP P . 2.69 13.70 -18.81
C5N NDP P . 3.63 14.73 -18.63
C6N NDP P . 3.75 15.73 -19.56
P2B NDP P . 12.45 25.07 -26.28
O1X NDP P . 13.23 25.80 -27.33
O2X NDP P . 12.02 26.14 -25.31
O3X NDP P . 13.45 24.10 -25.73
N1 EPE Q . 19.13 0.73 -22.22
C2 EPE Q . 18.55 1.30 -23.45
C3 EPE Q . 18.55 0.26 -24.55
N4 EPE Q . 19.74 -0.59 -24.59
C5 EPE Q . 20.84 0.08 -23.91
C6 EPE Q . 20.55 0.38 -22.45
C7 EPE Q . 20.12 -0.91 -25.98
C8 EPE Q . 20.61 -2.34 -26.16
O8 EPE Q . 21.30 -2.46 -27.37
C9 EPE Q . 19.04 1.67 -21.09
C10 EPE Q . 17.63 1.73 -20.49
S EPE Q . 17.33 3.42 -19.95
O1S EPE Q . 17.21 4.24 -21.16
O2S EPE Q . 16.13 3.54 -19.13
O3S EPE Q . 18.48 3.84 -19.15
CL CL R . 1.44 16.99 -16.94
CL CL S . -1.77 10.57 -4.44
#